data_1E94
#
_entry.id   1E94
#
_cell.length_a   172.022
_cell.length_b   172.022
_cell.length_c   276.569
_cell.angle_alpha   90.00
_cell.angle_beta   90.00
_cell.angle_gamma   120.00
#
_symmetry.space_group_name_H-M   'P 63 2 2'
#
loop_
_entity.id
_entity.type
_entity.pdbx_description
1 polymer 'HEAT SHOCK PROTEIN HSLV'
2 polymer 'HEAT SHOCK PROTEIN HSLU'
3 non-polymer 'PHOSPHOAMINOPHOSPHONIC ACID-ADENYLATE ESTER'
4 water water
#
loop_
_entity_poly.entity_id
_entity_poly.type
_entity_poly.pdbx_seq_one_letter_code
_entity_poly.pdbx_strand_id
1 'polypeptide(L)'
;TTIVSVRRNGHVVIAGDGQATLGNTVMKGNVKKVRRLYNDKVIAGFAGGTADAFTLFELFERKLEMHQGHLVKAAVELAK
DWRTDRMLRKLEALLAVADETASLIITGNGDVVQPENDLIAIGSGGPYAQAAARALLENTELSAREIAEKALDIAGDICI
YTNHFHTIEELSYKA
;
A,B,C,D
2 'polypeptide(L)'
;HHHHHHHSEMTPREIVSELDKHIIGQDNAKRSVAIALRNRWRRMQLNEELRHEVTPKNILMIGPTGVGKTEIARRLAKLA
NAPFIKVEATKFTEVGYVGKEVDSIIRDLTDAAVKMVRVQAIEKNRYRAEELAEERILDVLIPPAKNNWGQTEQQQEPSA
ARQAFRKKLREGQLDDKEIEIDLAAAPMGVEIMAPPGMEEMTSQLQSMFQNLGGQKQKARKLKIKDAMKLLIEEEAAKLV
NPEELKQDAIDAVEQHGIVFIDEIDKICKRGESSGPDVSREGVQRDLLPLVEGCTVSTKHGMVKTDHILFIASGAFQIAK
PSDLIPELQGRLPIRVELQALTTSDFERILTEPNASITVQYKALMATEGVNIEFTDSGIKRIAEAAWQVNESTENIGARR
LHTVLERLMEEISYDASDLSGQNITIDADYVSKHLDALVADEDLSRFIL
;
E,F
#
# COMPACT_ATOMS: atom_id res chain seq x y z
N THR A 1 22.42 -34.06 -61.77
CA THR A 1 21.12 -33.91 -61.09
C THR A 1 20.34 -32.98 -61.99
N THR A 2 19.01 -33.13 -61.94
CA THR A 2 18.10 -32.28 -62.69
C THR A 2 16.96 -31.92 -61.74
N ILE A 3 16.54 -30.66 -61.72
CA ILE A 3 15.43 -30.29 -60.88
C ILE A 3 14.45 -29.50 -61.74
N VAL A 4 13.19 -29.93 -61.75
CA VAL A 4 12.15 -29.31 -62.55
C VAL A 4 11.01 -28.82 -61.73
N SER A 5 10.56 -27.61 -62.01
CA SER A 5 9.41 -27.06 -61.32
C SER A 5 8.43 -26.64 -62.42
N VAL A 6 7.17 -27.02 -62.27
CA VAL A 6 6.14 -26.65 -63.23
C VAL A 6 4.99 -26.13 -62.41
N ARG A 7 4.27 -25.16 -62.95
CA ARG A 7 3.12 -24.58 -62.25
C ARG A 7 1.97 -24.51 -63.21
N ARG A 8 0.86 -25.16 -62.87
CA ARG A 8 -0.33 -25.14 -63.73
C ARG A 8 -1.62 -25.35 -62.91
N ASN A 9 -2.59 -24.45 -63.12
CA ASN A 9 -3.91 -24.50 -62.46
C ASN A 9 -3.87 -24.57 -60.96
N GLY A 10 -3.31 -23.58 -60.31
CA GLY A 10 -3.27 -23.63 -58.87
C GLY A 10 -2.61 -24.87 -58.29
N HIS A 11 -1.61 -25.37 -59.02
CA HIS A 11 -0.80 -26.53 -58.65
C HIS A 11 0.63 -26.26 -59.08
N VAL A 12 1.58 -26.27 -58.15
CA VAL A 12 2.99 -26.05 -58.50
C VAL A 12 3.81 -27.18 -57.92
N VAL A 13 4.70 -27.78 -58.72
CA VAL A 13 5.51 -28.87 -58.21
C VAL A 13 7.01 -28.65 -58.35
N ILE A 14 7.78 -29.46 -57.64
CA ILE A 14 9.22 -29.43 -57.76
C ILE A 14 9.64 -30.86 -57.72
N ALA A 15 10.27 -31.34 -58.81
CA ALA A 15 10.74 -32.71 -58.94
C ALA A 15 12.23 -32.77 -59.18
N GLY A 16 12.89 -33.76 -58.61
CA GLY A 16 14.32 -33.88 -58.82
C GLY A 16 14.71 -35.34 -58.80
N ASP A 17 15.85 -35.68 -59.39
CA ASP A 17 16.26 -37.06 -59.42
C ASP A 17 17.02 -37.37 -58.14
N GLY A 18 17.81 -38.44 -58.12
CA GLY A 18 18.54 -38.74 -56.91
C GLY A 18 19.95 -39.26 -57.11
N GLN A 19 20.60 -38.84 -58.18
CA GLN A 19 21.95 -39.32 -58.43
C GLN A 19 22.98 -38.39 -57.86
N ALA A 20 23.98 -39.00 -57.25
CA ALA A 20 25.12 -38.28 -56.71
C ALA A 20 26.26 -38.94 -57.47
N THR A 21 27.05 -38.12 -58.14
CA THR A 21 28.14 -38.65 -58.92
C THR A 21 29.50 -38.27 -58.39
N LEU A 22 30.39 -39.24 -58.31
CA LEU A 22 31.73 -38.96 -57.88
C LEU A 22 32.62 -39.33 -59.08
N GLY A 23 33.15 -38.31 -59.73
CA GLY A 23 33.98 -38.58 -60.89
C GLY A 23 33.17 -39.21 -62.00
N ASN A 24 33.40 -40.47 -62.27
CA ASN A 24 32.63 -41.10 -63.30
C ASN A 24 31.78 -42.24 -62.70
N THR A 25 31.49 -42.17 -61.40
CA THR A 25 30.76 -43.26 -60.80
C THR A 25 29.62 -42.76 -59.96
N VAL A 26 28.59 -43.58 -59.83
CA VAL A 26 27.43 -43.25 -59.02
C VAL A 26 27.77 -43.59 -57.59
N MET A 27 27.68 -42.60 -56.73
CA MET A 27 28.00 -42.76 -55.33
C MET A 27 26.73 -43.12 -54.58
N LYS A 28 25.63 -42.47 -54.92
CA LYS A 28 24.34 -42.72 -54.30
C LYS A 28 23.25 -42.51 -55.35
N GLY A 29 22.22 -43.35 -55.34
CA GLY A 29 21.14 -43.23 -56.31
C GLY A 29 19.83 -42.65 -55.81
N ASN A 30 19.66 -42.55 -54.50
CA ASN A 30 18.42 -42.03 -53.89
C ASN A 30 18.58 -40.76 -53.09
N VAL A 31 19.41 -39.84 -53.54
CA VAL A 31 19.55 -38.61 -52.80
C VAL A 31 18.19 -37.90 -52.86
N LYS A 32 17.75 -37.34 -51.74
CA LYS A 32 16.49 -36.60 -51.67
C LYS A 32 16.85 -35.16 -51.98
N LYS A 33 16.49 -34.70 -53.16
CA LYS A 33 16.85 -33.37 -53.61
C LYS A 33 15.75 -32.36 -53.52
N VAL A 34 14.62 -32.77 -53.00
CA VAL A 34 13.49 -31.87 -52.87
C VAL A 34 12.91 -31.99 -51.49
N ARG A 35 12.51 -30.87 -50.91
CA ARG A 35 11.93 -30.93 -49.59
C ARG A 35 10.99 -29.80 -49.29
N ARG A 36 10.47 -29.79 -48.07
CA ARG A 36 9.51 -28.77 -47.65
C ARG A 36 10.06 -27.81 -46.61
N LEU A 37 9.64 -26.56 -46.69
CA LEU A 37 10.12 -25.60 -45.73
C LEU A 37 9.00 -24.67 -45.32
N TYR A 38 9.15 -24.03 -44.15
CA TYR A 38 8.20 -23.05 -43.66
C TYR A 38 6.78 -23.59 -43.50
N ASN A 39 6.61 -24.45 -42.49
CA ASN A 39 5.31 -25.06 -42.19
C ASN A 39 4.61 -25.64 -43.42
N ASP A 40 5.43 -26.21 -44.30
CA ASP A 40 4.99 -26.85 -45.52
C ASP A 40 4.42 -25.91 -46.57
N LYS A 41 4.48 -24.60 -46.33
CA LYS A 41 3.91 -23.65 -47.29
C LYS A 41 4.83 -23.40 -48.49
N VAL A 42 6.07 -23.87 -48.37
CA VAL A 42 7.07 -23.67 -49.40
C VAL A 42 7.71 -24.98 -49.89
N ILE A 43 7.84 -25.13 -51.20
CA ILE A 43 8.52 -26.31 -51.71
C ILE A 43 9.89 -25.86 -52.25
N ALA A 44 10.87 -26.77 -52.25
CA ALA A 44 12.22 -26.43 -52.69
C ALA A 44 13.10 -27.59 -53.16
N GLY A 45 13.94 -27.33 -54.14
CA GLY A 45 14.83 -28.35 -54.65
C GLY A 45 16.21 -27.73 -54.72
N PHE A 46 17.24 -28.54 -54.72
CA PHE A 46 18.59 -28.00 -54.76
C PHE A 46 19.56 -28.85 -55.54
N ALA A 47 20.50 -28.21 -56.21
CA ALA A 47 21.52 -28.94 -56.94
C ALA A 47 22.82 -28.74 -56.15
N GLY A 48 23.52 -29.82 -55.87
CA GLY A 48 24.76 -29.69 -55.11
C GLY A 48 24.72 -30.31 -53.75
N GLY A 49 25.62 -29.86 -52.89
CA GLY A 49 25.72 -30.37 -51.53
C GLY A 49 24.44 -30.35 -50.72
N THR A 50 24.18 -31.47 -50.04
CA THR A 50 23.01 -31.66 -49.19
C THR A 50 23.11 -30.79 -47.95
N ALA A 51 24.24 -30.86 -47.27
CA ALA A 51 24.46 -30.08 -46.07
C ALA A 51 24.50 -28.61 -46.46
N ASP A 52 25.06 -28.35 -47.63
CA ASP A 52 25.15 -26.99 -48.15
C ASP A 52 23.74 -26.48 -48.26
N ALA A 53 22.87 -27.30 -48.84
CA ALA A 53 21.47 -26.95 -49.02
C ALA A 53 20.81 -26.82 -47.66
N PHE A 54 20.99 -27.81 -46.80
CA PHE A 54 20.38 -27.75 -45.50
C PHE A 54 20.59 -26.38 -44.84
N THR A 55 21.82 -25.88 -44.93
CA THR A 55 22.20 -24.59 -44.35
C THR A 55 21.51 -23.43 -45.03
N LEU A 56 21.49 -23.45 -46.36
CA LEU A 56 20.85 -22.39 -47.11
C LEU A 56 19.32 -22.42 -46.92
N PHE A 57 18.70 -23.60 -46.88
CA PHE A 57 17.26 -23.67 -46.69
C PHE A 57 16.90 -23.22 -45.28
N GLU A 58 17.71 -23.59 -44.30
CA GLU A 58 17.40 -23.15 -42.95
C GLU A 58 17.36 -21.64 -42.96
N LEU A 59 18.45 -21.02 -43.37
CA LEU A 59 18.50 -19.57 -43.41
C LEU A 59 17.29 -18.95 -44.14
N PHE A 60 16.86 -19.59 -45.22
CA PHE A 60 15.72 -19.11 -46.00
C PHE A 60 14.43 -19.11 -45.17
N GLU A 61 14.16 -20.18 -44.44
CA GLU A 61 12.96 -20.22 -43.61
C GLU A 61 13.12 -19.04 -42.69
N ARG A 62 14.33 -18.87 -42.16
CA ARG A 62 14.59 -17.75 -41.28
C ARG A 62 14.20 -16.43 -41.94
N LYS A 63 14.83 -16.11 -43.07
CA LYS A 63 14.50 -14.88 -43.77
C LYS A 63 12.99 -14.79 -44.00
N LEU A 64 12.33 -15.94 -44.12
CA LEU A 64 10.89 -15.94 -44.34
C LEU A 64 10.13 -15.47 -43.11
N GLU A 65 10.64 -15.80 -41.94
CA GLU A 65 10.02 -15.39 -40.67
C GLU A 65 10.08 -13.87 -40.61
N MET A 66 11.17 -13.34 -41.14
CA MET A 66 11.46 -11.92 -41.17
C MET A 66 10.74 -11.13 -42.26
N HIS A 67 9.97 -11.79 -43.11
CA HIS A 67 9.28 -11.05 -44.15
C HIS A 67 7.90 -11.61 -44.39
N GLN A 68 7.33 -12.17 -43.33
CA GLN A 68 5.99 -12.75 -43.37
C GLN A 68 5.67 -13.59 -44.59
N GLY A 69 6.53 -14.56 -44.90
CA GLY A 69 6.28 -15.44 -46.02
C GLY A 69 6.39 -14.83 -47.40
N HIS A 70 6.85 -13.60 -47.45
CA HIS A 70 6.99 -12.97 -48.75
C HIS A 70 8.18 -13.70 -49.38
N LEU A 71 7.84 -14.60 -50.29
CA LEU A 71 8.82 -15.41 -50.98
C LEU A 71 9.94 -14.53 -51.52
N VAL A 72 9.67 -13.81 -52.60
CA VAL A 72 10.65 -12.93 -53.25
C VAL A 72 11.57 -12.10 -52.34
N LYS A 73 11.00 -11.32 -51.44
CA LYS A 73 11.83 -10.53 -50.54
C LYS A 73 12.81 -11.44 -49.79
N ALA A 74 12.28 -12.43 -49.08
CA ALA A 74 13.14 -13.34 -48.34
C ALA A 74 14.10 -14.03 -49.28
N ALA A 75 13.69 -14.20 -50.53
CA ALA A 75 14.54 -14.85 -51.51
C ALA A 75 15.78 -14.02 -51.78
N VAL A 76 15.58 -12.71 -51.90
CA VAL A 76 16.69 -11.78 -52.18
C VAL A 76 17.61 -11.59 -50.97
N GLU A 77 17.04 -11.54 -49.77
CA GLU A 77 17.84 -11.40 -48.57
C GLU A 77 18.83 -12.56 -48.55
N LEU A 78 18.41 -13.70 -49.05
CA LEU A 78 19.28 -14.87 -49.07
C LEU A 78 20.31 -14.76 -50.17
N ALA A 79 19.91 -14.21 -51.31
CA ALA A 79 20.87 -14.06 -52.42
C ALA A 79 21.87 -12.99 -52.01
N LYS A 80 21.44 -12.15 -51.06
CA LYS A 80 22.25 -11.08 -50.51
C LYS A 80 23.31 -11.71 -49.58
N ASP A 81 22.87 -12.27 -48.46
CA ASP A 81 23.78 -12.91 -47.51
C ASP A 81 24.71 -13.89 -48.21
N TRP A 82 24.13 -14.76 -49.02
CA TRP A 82 24.87 -15.78 -49.72
C TRP A 82 26.14 -15.27 -50.40
N ARG A 83 26.10 -14.11 -51.04
CA ARG A 83 27.31 -13.61 -51.72
C ARG A 83 28.20 -12.79 -50.80
N THR A 84 27.62 -12.15 -49.78
CA THR A 84 28.39 -11.33 -48.85
C THR A 84 29.15 -12.16 -47.83
N ASP A 85 28.39 -12.79 -46.93
CA ASP A 85 28.95 -13.60 -45.85
C ASP A 85 30.12 -14.48 -46.24
N ARG A 86 31.23 -14.29 -45.50
CA ARG A 86 32.50 -15.01 -45.66
C ARG A 86 32.36 -16.54 -45.63
N MET A 87 31.37 -17.01 -44.86
CA MET A 87 31.08 -18.43 -44.73
C MET A 87 30.17 -18.93 -45.86
N LEU A 88 28.99 -18.31 -45.99
CA LEU A 88 28.04 -18.68 -47.02
C LEU A 88 28.68 -18.64 -48.40
N ARG A 89 29.53 -17.64 -48.64
CA ARG A 89 30.23 -17.49 -49.92
C ARG A 89 30.87 -18.78 -50.37
N LYS A 90 31.34 -19.57 -49.41
CA LYS A 90 32.01 -20.83 -49.70
C LYS A 90 31.05 -21.95 -50.08
N LEU A 91 29.78 -21.80 -49.67
CA LEU A 91 28.74 -22.78 -49.97
C LEU A 91 28.52 -22.84 -51.48
N GLU A 92 28.15 -24.01 -51.97
CA GLU A 92 27.88 -24.16 -53.40
C GLU A 92 26.62 -24.95 -53.63
N ALA A 93 25.60 -24.27 -54.17
CA ALA A 93 24.34 -24.92 -54.45
C ALA A 93 23.56 -24.11 -55.48
N LEU A 94 22.43 -24.66 -55.89
CA LEU A 94 21.55 -24.03 -56.85
C LEU A 94 20.18 -24.27 -56.27
N LEU A 95 19.57 -23.21 -55.78
CA LEU A 95 18.27 -23.32 -55.18
C LEU A 95 17.13 -23.04 -56.13
N ALA A 96 16.11 -23.87 -56.04
CA ALA A 96 14.87 -23.75 -56.81
C ALA A 96 13.83 -23.72 -55.68
N VAL A 97 13.06 -22.66 -55.57
CA VAL A 97 12.12 -22.63 -54.46
C VAL A 97 10.79 -22.04 -54.88
N ALA A 98 9.69 -22.66 -54.48
CA ALA A 98 8.37 -22.15 -54.85
C ALA A 98 7.29 -22.18 -53.77
N ASP A 99 6.25 -21.38 -53.99
CA ASP A 99 5.08 -21.26 -53.12
C ASP A 99 3.90 -20.88 -54.03
N GLU A 100 2.74 -20.60 -53.44
CA GLU A 100 1.59 -20.24 -54.28
C GLU A 100 1.81 -18.94 -55.05
N THR A 101 2.63 -18.06 -54.49
CA THR A 101 2.94 -16.77 -55.09
C THR A 101 3.72 -16.86 -56.39
N ALA A 102 4.89 -17.47 -56.34
CA ALA A 102 5.73 -17.60 -57.52
C ALA A 102 6.87 -18.57 -57.32
N SER A 103 7.50 -18.95 -58.42
CA SER A 103 8.62 -19.87 -58.36
C SER A 103 9.88 -19.12 -58.73
N LEU A 104 11.01 -19.49 -58.16
CA LEU A 104 12.25 -18.85 -58.56
C LEU A 104 13.53 -19.61 -58.23
N ILE A 105 14.60 -19.19 -58.91
CA ILE A 105 15.95 -19.77 -58.77
C ILE A 105 16.81 -18.85 -57.87
N ILE A 106 17.74 -19.42 -57.12
CA ILE A 106 18.57 -18.60 -56.26
C ILE A 106 19.99 -19.09 -56.36
N THR A 107 20.87 -18.25 -56.89
CA THR A 107 22.27 -18.61 -57.06
C THR A 107 23.19 -17.88 -56.10
N GLY A 108 24.35 -18.49 -55.87
CA GLY A 108 25.34 -17.92 -54.98
C GLY A 108 25.88 -16.59 -55.48
N ASN A 109 25.59 -16.31 -56.76
CA ASN A 109 26.01 -15.07 -57.40
C ASN A 109 25.06 -13.95 -57.07
N GLY A 110 24.29 -14.11 -55.99
CA GLY A 110 23.36 -13.06 -55.64
C GLY A 110 22.37 -12.84 -56.77
N ASP A 111 21.79 -13.93 -57.23
CA ASP A 111 20.80 -13.85 -58.27
C ASP A 111 19.54 -14.61 -57.86
N VAL A 112 18.40 -14.02 -58.22
CA VAL A 112 17.09 -14.56 -57.96
C VAL A 112 16.41 -14.44 -59.33
N VAL A 113 16.22 -15.56 -60.00
CA VAL A 113 15.64 -15.59 -61.33
C VAL A 113 14.28 -16.25 -61.40
N GLN A 114 13.34 -15.60 -62.09
CA GLN A 114 11.99 -16.12 -62.25
C GLN A 114 11.69 -16.36 -63.72
N PRO A 115 12.08 -17.53 -64.23
CA PRO A 115 11.89 -17.92 -65.63
C PRO A 115 10.50 -17.65 -66.15
N GLU A 116 10.36 -17.69 -67.46
CA GLU A 116 9.13 -17.34 -68.16
C GLU A 116 7.74 -17.80 -67.73
N ASN A 117 7.58 -19.00 -67.20
CA ASN A 117 6.23 -19.39 -66.82
C ASN A 117 6.34 -20.09 -65.50
N ASP A 118 7.29 -19.64 -64.71
CA ASP A 118 7.58 -20.29 -63.44
C ASP A 118 8.15 -21.67 -63.72
N LEU A 119 8.62 -21.86 -64.97
CA LEU A 119 9.20 -23.12 -65.39
C LEU A 119 10.70 -23.11 -65.05
N ILE A 120 11.11 -23.96 -64.13
CA ILE A 120 12.49 -24.02 -63.71
C ILE A 120 13.11 -25.36 -64.05
N ALA A 121 14.34 -25.35 -64.52
CA ALA A 121 15.03 -26.58 -64.87
C ALA A 121 16.50 -26.32 -64.68
N ILE A 122 16.98 -26.67 -63.48
CA ILE A 122 18.35 -26.46 -63.14
C ILE A 122 19.04 -27.80 -63.05
N GLY A 123 20.36 -27.79 -63.01
CA GLY A 123 21.10 -29.05 -62.98
C GLY A 123 21.68 -29.41 -64.34
N SER A 124 22.63 -30.31 -64.30
CA SER A 124 23.25 -30.73 -65.53
C SER A 124 22.16 -31.14 -66.54
N GLY A 125 21.05 -31.67 -66.03
CA GLY A 125 19.99 -32.07 -66.94
C GLY A 125 18.92 -31.01 -67.15
N GLY A 126 19.10 -29.86 -66.51
CA GLY A 126 18.14 -28.80 -66.60
C GLY A 126 17.56 -28.57 -67.98
N PRO A 127 18.36 -28.17 -68.96
CA PRO A 127 17.91 -27.90 -70.34
C PRO A 127 17.10 -29.00 -71.00
N TYR A 128 17.51 -30.25 -70.82
CA TYR A 128 16.76 -31.30 -71.42
C TYR A 128 15.39 -31.29 -70.75
N ALA A 129 15.35 -31.15 -69.43
CA ALA A 129 14.05 -31.14 -68.74
C ALA A 129 13.25 -29.99 -69.26
N GLN A 130 13.84 -28.81 -69.23
CA GLN A 130 13.13 -27.64 -69.72
C GLN A 130 12.54 -27.89 -71.12
N ALA A 131 13.34 -28.37 -72.05
CA ALA A 131 12.85 -28.62 -73.37
C ALA A 131 11.60 -29.51 -73.43
N ALA A 132 11.58 -30.58 -72.64
CA ALA A 132 10.42 -31.46 -72.62
C ALA A 132 9.26 -30.75 -71.91
N ALA A 133 9.54 -30.13 -70.77
CA ALA A 133 8.51 -29.43 -70.03
C ALA A 133 7.80 -28.42 -70.93
N ARG A 134 8.59 -27.73 -71.74
CA ARG A 134 8.08 -26.72 -72.65
C ARG A 134 7.13 -27.38 -73.65
N ALA A 135 7.63 -28.42 -74.33
CA ALA A 135 6.84 -29.14 -75.32
C ALA A 135 5.49 -29.58 -74.74
N LEU A 136 5.53 -30.14 -73.54
CA LEU A 136 4.33 -30.61 -72.86
C LEU A 136 3.38 -29.50 -72.40
N LEU A 137 3.93 -28.43 -71.88
CA LEU A 137 3.07 -27.37 -71.40
C LEU A 137 2.25 -26.76 -72.53
N GLU A 138 2.87 -26.63 -73.69
CA GLU A 138 2.24 -26.01 -74.82
C GLU A 138 1.57 -26.94 -75.84
N ASN A 139 1.23 -28.15 -75.43
CA ASN A 139 0.65 -29.03 -76.41
C ASN A 139 -0.13 -30.14 -75.76
N THR A 140 -0.35 -30.02 -74.46
CA THR A 140 -1.12 -31.05 -73.77
C THR A 140 -1.80 -30.36 -72.59
N GLU A 141 -2.83 -31.00 -72.06
CA GLU A 141 -3.55 -30.42 -70.95
C GLU A 141 -3.10 -31.00 -69.62
N LEU A 142 -1.96 -31.72 -69.66
CA LEU A 142 -1.36 -32.38 -68.49
C LEU A 142 -1.15 -31.53 -67.24
N SER A 143 -1.16 -32.17 -66.10
CA SER A 143 -0.98 -31.43 -64.86
C SER A 143 0.48 -31.04 -64.66
N ALA A 144 0.70 -30.16 -63.69
CA ALA A 144 2.06 -29.73 -63.36
C ALA A 144 2.82 -30.99 -63.03
N ARG A 145 2.30 -31.76 -62.08
CA ARG A 145 2.96 -32.97 -61.68
C ARG A 145 3.26 -33.90 -62.86
N GLU A 146 2.29 -34.13 -63.73
CA GLU A 146 2.55 -35.02 -64.84
C GLU A 146 3.73 -34.54 -65.69
N ILE A 147 3.78 -33.23 -65.94
CA ILE A 147 4.86 -32.65 -66.74
C ILE A 147 6.20 -32.77 -66.02
N ALA A 148 6.27 -32.28 -64.79
CA ALA A 148 7.50 -32.38 -64.02
C ALA A 148 8.05 -33.79 -64.09
N GLU A 149 7.19 -34.77 -63.88
CA GLU A 149 7.57 -36.16 -63.89
C GLU A 149 8.03 -36.64 -65.27
N LYS A 150 7.20 -36.43 -66.29
CA LYS A 150 7.60 -36.89 -67.61
C LYS A 150 8.83 -36.13 -68.11
N ALA A 151 8.92 -34.85 -67.73
CA ALA A 151 10.07 -34.08 -68.15
C ALA A 151 11.32 -34.67 -67.49
N LEU A 152 11.30 -34.76 -66.15
CA LEU A 152 12.40 -35.32 -65.40
C LEU A 152 12.87 -36.66 -65.90
N ASP A 153 11.95 -37.53 -66.33
CA ASP A 153 12.38 -38.84 -66.84
C ASP A 153 13.11 -38.66 -68.14
N ILE A 154 12.64 -37.73 -68.95
CA ILE A 154 13.31 -37.50 -70.23
C ILE A 154 14.72 -37.02 -69.90
N ALA A 155 14.82 -36.03 -69.04
CA ALA A 155 16.12 -35.54 -68.64
C ALA A 155 16.94 -36.76 -68.24
N GLY A 156 16.37 -37.53 -67.34
CA GLY A 156 17.07 -38.69 -66.87
C GLY A 156 17.59 -39.58 -67.97
N ASP A 157 16.87 -39.61 -69.10
CA ASP A 157 17.26 -40.46 -70.21
C ASP A 157 18.40 -39.95 -71.02
N ILE A 158 18.51 -38.64 -71.03
CA ILE A 158 19.54 -37.98 -71.80
C ILE A 158 20.77 -37.61 -70.97
N CYS A 159 20.54 -37.03 -69.80
CA CYS A 159 21.64 -36.63 -68.93
C CYS A 159 22.30 -37.79 -68.17
N ILE A 160 23.59 -37.94 -68.42
CA ILE A 160 24.40 -38.95 -67.78
C ILE A 160 24.54 -38.76 -66.29
N TYR A 161 24.13 -37.60 -65.75
CA TYR A 161 24.27 -37.32 -64.31
C TYR A 161 22.94 -37.29 -63.56
N THR A 162 21.89 -37.72 -64.24
CA THR A 162 20.55 -37.75 -63.69
C THR A 162 20.02 -39.15 -63.87
N ASN A 163 19.35 -39.65 -62.81
CA ASN A 163 18.78 -40.97 -62.83
C ASN A 163 17.27 -40.89 -62.82
N HIS A 164 16.64 -42.02 -62.50
CA HIS A 164 15.20 -42.07 -62.48
C HIS A 164 14.52 -42.13 -61.13
N PHE A 165 15.30 -41.96 -60.07
CA PHE A 165 14.73 -41.93 -58.73
C PHE A 165 14.15 -40.53 -58.63
N HIS A 166 12.92 -40.38 -58.15
CA HIS A 166 12.30 -39.04 -58.02
C HIS A 166 11.89 -38.72 -56.59
N THR A 167 11.64 -37.44 -56.38
CA THR A 167 11.14 -36.91 -55.12
C THR A 167 10.33 -35.78 -55.65
N ILE A 168 9.08 -35.68 -55.23
CA ILE A 168 8.25 -34.60 -55.70
C ILE A 168 7.58 -33.96 -54.51
N GLU A 169 7.35 -32.67 -54.60
CA GLU A 169 6.65 -31.96 -53.56
C GLU A 169 5.68 -31.13 -54.37
N GLU A 170 4.44 -31.10 -53.92
CA GLU A 170 3.44 -30.39 -54.63
C GLU A 170 2.83 -29.37 -53.69
N LEU A 171 2.15 -28.41 -54.28
CA LEU A 171 1.50 -27.37 -53.53
C LEU A 171 0.21 -27.01 -54.26
N SER A 172 -0.91 -27.11 -53.56
CA SER A 172 -2.20 -26.78 -54.17
C SER A 172 -2.84 -25.57 -53.49
N TYR A 173 -3.19 -24.57 -54.30
CA TYR A 173 -3.79 -23.35 -53.83
C TYR A 173 -4.98 -23.09 -54.74
N LYS A 174 -5.00 -23.84 -55.84
CA LYS A 174 -6.04 -23.76 -56.87
C LYS A 174 -6.69 -22.38 -57.10
N THR B 1 43.26 -46.37 -51.07
CA THR B 1 42.85 -47.07 -49.86
C THR B 1 41.43 -47.51 -50.14
N THR B 2 40.90 -48.37 -49.27
CA THR B 2 39.54 -48.87 -49.42
C THR B 2 38.90 -49.21 -48.08
N ILE B 3 37.75 -48.63 -47.82
CA ILE B 3 37.02 -48.94 -46.58
C ILE B 3 35.64 -49.51 -46.95
N VAL B 4 35.34 -50.71 -46.45
CA VAL B 4 34.07 -51.36 -46.75
C VAL B 4 33.28 -51.70 -45.51
N SER B 5 32.05 -51.23 -45.42
CA SER B 5 31.15 -51.56 -44.30
C SER B 5 30.02 -52.43 -44.89
N VAL B 6 29.59 -53.42 -44.11
CA VAL B 6 28.55 -54.32 -44.57
C VAL B 6 27.74 -54.85 -43.39
N ARG B 7 26.43 -54.66 -43.44
CA ARG B 7 25.57 -55.09 -42.35
C ARG B 7 24.55 -56.12 -42.78
N ARG B 8 24.74 -57.36 -42.28
CA ARG B 8 23.84 -58.48 -42.57
C ARG B 8 23.64 -59.39 -41.33
N ASN B 9 22.38 -59.58 -40.92
CA ASN B 9 21.97 -60.44 -39.77
C ASN B 9 22.54 -60.04 -38.45
N GLY B 10 22.15 -58.88 -37.92
CA GLY B 10 22.65 -58.47 -36.61
C GLY B 10 24.17 -58.52 -36.46
N HIS B 11 24.84 -58.19 -37.56
CA HIS B 11 26.30 -58.12 -37.62
C HIS B 11 26.58 -56.98 -38.59
N VAL B 12 27.50 -56.08 -38.23
CA VAL B 12 27.86 -54.96 -39.09
C VAL B 12 29.36 -54.76 -38.96
N VAL B 13 30.06 -54.77 -40.09
CA VAL B 13 31.51 -54.62 -40.07
C VAL B 13 32.03 -53.40 -40.81
N ILE B 14 33.28 -53.09 -40.54
CA ILE B 14 33.99 -52.06 -41.23
C ILE B 14 35.35 -52.68 -41.42
N ALA B 15 35.81 -52.70 -42.67
CA ALA B 15 37.12 -53.27 -43.01
C ALA B 15 37.88 -52.34 -43.93
N GLY B 16 39.16 -52.13 -43.64
CA GLY B 16 39.97 -51.25 -44.47
C GLY B 16 41.33 -51.88 -44.76
N ASP B 17 42.06 -51.35 -45.74
CA ASP B 17 43.37 -51.93 -46.05
C ASP B 17 44.40 -51.09 -45.35
N GLY B 18 45.68 -51.35 -45.59
CA GLY B 18 46.70 -50.57 -44.89
C GLY B 18 47.71 -49.79 -45.69
N GLN B 19 47.47 -49.60 -46.98
CA GLN B 19 48.42 -48.88 -47.81
C GLN B 19 48.36 -47.36 -47.66
N ALA B 20 49.54 -46.77 -47.53
CA ALA B 20 49.73 -45.34 -47.43
C ALA B 20 50.57 -45.07 -48.65
N THR B 21 50.12 -44.21 -49.55
CA THR B 21 50.89 -43.98 -50.75
C THR B 21 51.31 -42.55 -50.83
N LEU B 22 52.36 -42.29 -51.58
CA LEU B 22 52.93 -40.97 -51.76
C LEU B 22 53.52 -41.08 -53.12
N GLY B 23 52.98 -40.30 -54.03
CA GLY B 23 53.45 -40.33 -55.40
C GLY B 23 53.12 -41.69 -56.00
N ASN B 24 54.17 -42.40 -56.38
CA ASN B 24 54.04 -43.70 -56.94
C ASN B 24 54.71 -44.74 -56.06
N THR B 25 54.88 -44.45 -54.78
CA THR B 25 55.53 -45.46 -53.95
C THR B 25 54.75 -45.69 -52.68
N VAL B 26 54.99 -46.83 -52.03
CA VAL B 26 54.32 -47.12 -50.78
C VAL B 26 55.12 -46.65 -49.57
N MET B 27 54.56 -45.71 -48.82
CA MET B 27 55.20 -45.17 -47.63
C MET B 27 55.02 -46.12 -46.46
N LYS B 28 53.83 -46.67 -46.32
CA LYS B 28 53.55 -47.61 -45.24
C LYS B 28 52.59 -48.66 -45.78
N GLY B 29 52.68 -49.89 -45.28
CA GLY B 29 51.81 -50.96 -45.73
C GLY B 29 50.84 -51.42 -44.65
N ASN B 30 51.07 -51.01 -43.41
CA ASN B 30 50.18 -51.44 -42.33
C ASN B 30 49.38 -50.38 -41.55
N VAL B 31 48.97 -49.29 -42.21
CA VAL B 31 48.17 -48.27 -41.52
C VAL B 31 46.89 -48.84 -40.93
N LYS B 32 46.52 -48.40 -39.74
CA LYS B 32 45.29 -48.85 -39.07
C LYS B 32 44.16 -47.92 -39.51
N LYS B 33 43.33 -48.40 -40.41
CA LYS B 33 42.28 -47.55 -40.94
C LYS B 33 40.94 -47.73 -40.28
N VAL B 34 40.82 -48.74 -39.43
CA VAL B 34 39.55 -49.00 -38.76
C VAL B 34 39.73 -49.12 -37.25
N ARG B 35 39.05 -48.28 -36.50
CA ARG B 35 39.18 -48.36 -35.05
C ARG B 35 37.81 -48.48 -34.37
N ARG B 36 37.79 -48.39 -33.05
CA ARG B 36 36.53 -48.46 -32.31
C ARG B 36 36.34 -47.16 -31.57
N LEU B 37 35.10 -46.89 -31.19
CA LEU B 37 34.81 -45.65 -30.47
C LEU B 37 33.70 -45.84 -29.44
N TYR B 38 33.34 -44.73 -28.78
CA TYR B 38 32.27 -44.72 -27.78
C TYR B 38 32.19 -46.01 -26.98
N ASN B 39 33.17 -46.20 -26.11
CA ASN B 39 33.24 -47.38 -25.27
C ASN B 39 32.94 -48.64 -26.05
N ASP B 40 33.55 -48.73 -27.22
CA ASP B 40 33.41 -49.88 -28.08
C ASP B 40 32.00 -50.34 -28.45
N LYS B 41 31.07 -49.37 -28.53
CA LYS B 41 29.69 -49.64 -28.94
C LYS B 41 29.62 -49.25 -30.41
N VAL B 42 30.54 -48.36 -30.82
CA VAL B 42 30.62 -47.87 -32.18
C VAL B 42 31.90 -48.24 -32.93
N ILE B 43 31.75 -48.59 -34.20
CA ILE B 43 32.90 -48.92 -35.02
C ILE B 43 33.02 -47.81 -36.06
N ALA B 44 34.22 -47.70 -36.65
CA ALA B 44 34.49 -46.66 -37.65
C ALA B 44 35.77 -46.91 -38.44
N GLY B 45 35.75 -46.47 -39.70
CA GLY B 45 36.89 -46.58 -40.60
C GLY B 45 37.13 -45.16 -41.09
N PHE B 46 38.35 -44.83 -41.50
CA PHE B 46 38.61 -43.48 -41.99
C PHE B 46 39.67 -43.47 -43.09
N ALA B 47 39.50 -42.59 -44.07
CA ALA B 47 40.46 -42.47 -45.15
C ALA B 47 41.04 -41.08 -45.00
N GLY B 48 42.34 -40.98 -44.70
CA GLY B 48 42.96 -39.67 -44.54
C GLY B 48 44.02 -39.56 -43.46
N GLY B 49 44.41 -38.32 -43.17
CA GLY B 49 45.41 -38.08 -42.15
C GLY B 49 45.16 -38.83 -40.85
N THR B 50 46.20 -39.48 -40.33
CA THR B 50 46.13 -40.27 -39.09
C THR B 50 45.82 -39.37 -37.91
N ALA B 51 46.36 -38.16 -37.93
CA ALA B 51 46.11 -37.23 -36.85
C ALA B 51 44.76 -36.61 -37.16
N ASP B 52 44.52 -36.30 -38.43
CA ASP B 52 43.25 -35.73 -38.84
C ASP B 52 42.21 -36.62 -38.19
N ALA B 53 42.33 -37.90 -38.46
CA ALA B 53 41.41 -38.88 -37.89
C ALA B 53 41.30 -38.67 -36.38
N PHE B 54 42.40 -38.85 -35.67
CA PHE B 54 42.42 -38.70 -34.23
C PHE B 54 41.67 -37.50 -33.66
N THR B 55 41.55 -36.43 -34.43
CA THR B 55 40.84 -35.26 -33.94
C THR B 55 39.35 -35.42 -34.21
N LEU B 56 39.02 -35.96 -35.37
CA LEU B 56 37.61 -36.13 -35.71
C LEU B 56 36.93 -37.16 -34.86
N PHE B 57 37.49 -38.36 -34.77
CA PHE B 57 36.88 -39.41 -33.96
C PHE B 57 36.75 -39.03 -32.50
N GLU B 58 37.68 -38.22 -32.00
CA GLU B 58 37.59 -37.77 -30.61
C GLU B 58 36.33 -36.90 -30.53
N LEU B 59 36.29 -35.85 -31.33
CA LEU B 59 35.15 -34.95 -31.36
C LEU B 59 33.84 -35.73 -31.47
N PHE B 60 33.86 -36.78 -32.28
CA PHE B 60 32.67 -37.61 -32.48
C PHE B 60 32.23 -38.16 -31.13
N GLU B 61 33.11 -38.97 -30.51
CA GLU B 61 32.80 -39.54 -29.21
C GLU B 61 32.20 -38.45 -28.33
N ARG B 62 32.83 -37.28 -28.37
CA ARG B 62 32.38 -36.13 -27.61
C ARG B 62 30.92 -35.82 -27.94
N LYS B 63 30.59 -35.78 -29.23
CA LYS B 63 29.23 -35.50 -29.68
C LYS B 63 28.28 -36.60 -29.27
N LEU B 64 28.79 -37.82 -29.20
CA LEU B 64 27.98 -38.97 -28.79
C LEU B 64 27.58 -38.88 -27.32
N GLU B 65 28.46 -38.29 -26.52
CA GLU B 65 28.22 -38.10 -25.09
C GLU B 65 27.10 -37.07 -24.96
N MET B 66 27.00 -36.19 -25.94
CA MET B 66 25.98 -35.15 -25.95
C MET B 66 24.65 -35.57 -26.55
N HIS B 67 24.56 -36.79 -27.07
CA HIS B 67 23.31 -37.27 -27.65
C HIS B 67 23.12 -38.76 -27.38
N GLN B 68 23.58 -39.18 -26.20
CA GLN B 68 23.48 -40.56 -25.71
C GLN B 68 23.47 -41.69 -26.72
N GLY B 69 24.55 -41.84 -27.48
CA GLY B 69 24.63 -42.92 -28.45
C GLY B 69 23.82 -42.75 -29.72
N HIS B 70 23.05 -41.67 -29.84
CA HIS B 70 22.24 -41.43 -31.03
C HIS B 70 23.20 -41.17 -32.19
N LEU B 71 23.66 -42.27 -32.79
CA LEU B 71 24.60 -42.21 -33.89
C LEU B 71 24.33 -41.00 -34.79
N VAL B 72 23.30 -41.08 -35.62
CA VAL B 72 22.95 -40.00 -36.54
C VAL B 72 23.11 -38.56 -36.04
N LYS B 73 22.46 -38.23 -34.92
CA LYS B 73 22.52 -36.88 -34.37
C LYS B 73 23.94 -36.39 -34.14
N ALA B 74 24.73 -37.19 -33.43
CA ALA B 74 26.13 -36.86 -33.17
C ALA B 74 26.80 -36.68 -34.52
N ALA B 75 26.54 -37.62 -35.44
CA ALA B 75 27.09 -37.60 -36.78
C ALA B 75 26.80 -36.29 -37.49
N VAL B 76 25.60 -35.77 -37.30
CA VAL B 76 25.22 -34.53 -37.96
C VAL B 76 25.92 -33.35 -37.29
N GLU B 77 26.09 -33.45 -35.98
CA GLU B 77 26.76 -32.41 -35.22
C GLU B 77 28.21 -32.29 -35.68
N LEU B 78 28.85 -33.44 -35.79
CA LEU B 78 30.24 -33.52 -36.24
C LEU B 78 30.37 -32.89 -37.63
N ALA B 79 29.52 -33.34 -38.56
CA ALA B 79 29.55 -32.80 -39.92
C ALA B 79 29.23 -31.32 -39.87
N LYS B 80 28.52 -30.90 -38.82
CA LYS B 80 28.15 -29.51 -38.67
C LYS B 80 29.35 -28.64 -38.29
N ASP B 81 30.06 -29.03 -37.23
CA ASP B 81 31.23 -28.28 -36.80
C ASP B 81 32.30 -28.33 -37.88
N TRP B 82 32.54 -29.54 -38.39
CA TRP B 82 33.53 -29.80 -39.43
C TRP B 82 33.54 -28.77 -40.57
N ARG B 83 32.38 -28.36 -41.06
CA ARG B 83 32.39 -27.40 -42.15
C ARG B 83 32.36 -25.95 -41.68
N THR B 84 32.15 -25.77 -40.38
CA THR B 84 32.08 -24.42 -39.81
C THR B 84 33.39 -23.97 -39.15
N ASP B 85 33.80 -24.69 -38.11
CA ASP B 85 35.01 -24.34 -37.39
C ASP B 85 36.21 -24.05 -38.30
N ARG B 86 36.78 -22.85 -38.14
CA ARG B 86 37.93 -22.40 -38.94
C ARG B 86 39.13 -23.36 -38.86
N MET B 87 39.22 -24.11 -37.77
CA MET B 87 40.30 -25.07 -37.60
C MET B 87 39.90 -26.37 -38.29
N LEU B 88 38.72 -26.89 -37.94
CA LEU B 88 38.21 -28.12 -38.50
C LEU B 88 38.07 -28.10 -40.03
N ARG B 89 37.81 -26.92 -40.58
CA ARG B 89 37.64 -26.81 -42.03
C ARG B 89 38.83 -27.29 -42.83
N LYS B 90 40.03 -27.08 -42.29
CA LYS B 90 41.25 -27.47 -42.98
C LYS B 90 41.53 -28.96 -42.93
N LEU B 91 40.91 -29.63 -41.96
CA LEU B 91 41.02 -31.08 -41.79
C LEU B 91 40.40 -31.75 -43.01
N GLU B 92 41.01 -32.85 -43.46
CA GLU B 92 40.49 -33.58 -44.63
C GLU B 92 40.43 -35.07 -44.36
N ALA B 93 39.27 -35.67 -44.59
CA ALA B 93 39.12 -37.11 -44.37
C ALA B 93 37.82 -37.68 -44.92
N LEU B 94 37.55 -38.92 -44.53
CA LEU B 94 36.37 -39.59 -44.98
C LEU B 94 36.00 -40.62 -43.93
N LEU B 95 35.16 -40.23 -43.00
CA LEU B 95 34.77 -41.16 -41.96
C LEU B 95 33.60 -42.01 -42.40
N ALA B 96 33.72 -43.27 -42.02
CA ALA B 96 32.72 -44.29 -42.24
C ALA B 96 32.54 -44.70 -40.77
N VAL B 97 31.33 -44.52 -40.26
CA VAL B 97 31.10 -44.84 -38.88
C VAL B 97 29.79 -45.57 -38.75
N ALA B 98 29.73 -46.53 -37.85
CA ALA B 98 28.49 -47.29 -37.71
C ALA B 98 28.34 -48.07 -36.42
N ASP B 99 27.08 -48.38 -36.09
CA ASP B 99 26.71 -49.16 -34.89
C ASP B 99 25.44 -49.96 -35.23
N GLU B 100 24.95 -50.73 -34.26
CA GLU B 100 23.73 -51.53 -34.45
C GLU B 100 22.58 -50.72 -35.07
N THR B 101 22.48 -49.44 -34.70
CA THR B 101 21.45 -48.56 -35.25
C THR B 101 21.61 -48.55 -36.74
N ALA B 102 22.53 -47.70 -37.19
CA ALA B 102 22.79 -47.55 -38.62
C ALA B 102 24.26 -47.30 -38.95
N SER B 103 24.57 -47.38 -40.25
CA SER B 103 25.91 -47.19 -40.78
C SER B 103 25.83 -45.88 -41.55
N LEU B 104 26.93 -45.14 -41.66
CA LEU B 104 26.91 -43.91 -42.46
C LEU B 104 28.26 -43.23 -42.71
N ILE B 105 28.29 -42.33 -43.69
CA ILE B 105 29.48 -41.59 -44.08
C ILE B 105 29.38 -40.12 -43.68
N ILE B 106 30.53 -39.54 -43.34
CA ILE B 106 30.59 -38.14 -42.96
C ILE B 106 31.72 -37.57 -43.80
N THR B 107 31.42 -36.54 -44.57
CA THR B 107 32.43 -35.91 -45.43
C THR B 107 32.65 -34.47 -44.96
N GLY B 108 33.91 -34.03 -45.05
CA GLY B 108 34.24 -32.67 -44.64
C GLY B 108 33.28 -31.61 -45.19
N ASN B 109 32.47 -31.96 -46.20
CA ASN B 109 31.52 -31.02 -46.80
C ASN B 109 30.40 -30.76 -45.82
N GLY B 110 30.28 -31.67 -44.86
CA GLY B 110 29.25 -31.58 -43.83
C GLY B 110 28.14 -32.58 -44.06
N ASP B 111 28.35 -33.46 -45.04
CA ASP B 111 27.34 -34.45 -45.38
C ASP B 111 27.40 -35.71 -44.54
N VAL B 112 26.23 -36.18 -44.15
CA VAL B 112 26.11 -37.43 -43.42
C VAL B 112 25.31 -38.17 -44.47
N VAL B 113 25.82 -39.32 -44.92
CA VAL B 113 25.17 -40.08 -45.96
C VAL B 113 24.86 -41.51 -45.56
N GLN B 114 23.66 -41.98 -45.90
CA GLN B 114 23.30 -43.36 -45.58
C GLN B 114 23.04 -44.05 -46.88
N PRO B 115 24.03 -44.80 -47.37
CA PRO B 115 23.97 -45.55 -48.63
C PRO B 115 22.93 -46.65 -48.59
N GLU B 116 22.35 -46.92 -49.75
CA GLU B 116 21.31 -47.91 -49.96
C GLU B 116 21.11 -49.05 -48.98
N ASN B 117 22.14 -49.81 -48.63
CA ASN B 117 21.86 -50.88 -47.68
C ASN B 117 22.91 -50.96 -46.63
N ASP B 118 23.26 -49.79 -46.10
CA ASP B 118 24.30 -49.70 -45.10
C ASP B 118 25.59 -50.24 -45.71
N LEU B 119 25.65 -50.23 -47.03
CA LEU B 119 26.83 -50.69 -47.73
C LEU B 119 27.65 -49.43 -47.99
N ILE B 120 28.87 -49.39 -47.44
CA ILE B 120 29.74 -48.25 -47.60
C ILE B 120 30.98 -48.76 -48.30
N ALA B 121 31.53 -47.96 -49.20
CA ALA B 121 32.72 -48.34 -49.94
C ALA B 121 33.38 -47.02 -50.28
N ILE B 122 34.26 -46.56 -49.41
CA ILE B 122 34.89 -45.29 -49.67
C ILE B 122 36.33 -45.52 -49.99
N GLY B 123 36.97 -44.53 -50.58
CA GLY B 123 38.37 -44.70 -50.95
C GLY B 123 38.54 -44.98 -52.42
N SER B 124 39.73 -44.73 -52.94
CA SER B 124 39.99 -44.97 -54.35
C SER B 124 39.54 -46.38 -54.77
N GLY B 125 39.65 -47.35 -53.87
CA GLY B 125 39.23 -48.70 -54.23
C GLY B 125 37.75 -48.90 -53.93
N GLY B 126 37.14 -47.83 -53.41
CA GLY B 126 35.74 -47.85 -53.05
C GLY B 126 34.82 -48.62 -53.95
N PRO B 127 34.62 -48.17 -55.19
CA PRO B 127 33.72 -48.85 -56.09
C PRO B 127 34.07 -50.26 -56.45
N TYR B 128 35.34 -50.62 -56.44
CA TYR B 128 35.59 -51.98 -56.80
C TYR B 128 35.09 -52.83 -55.62
N ALA B 129 35.18 -52.28 -54.40
CA ALA B 129 34.68 -53.03 -53.23
C ALA B 129 33.18 -53.11 -53.34
N GLN B 130 32.55 -51.98 -53.57
CA GLN B 130 31.11 -51.94 -53.70
C GLN B 130 30.64 -53.00 -54.70
N ALA B 131 31.17 -52.94 -55.90
CA ALA B 131 30.80 -53.86 -56.92
C ALA B 131 30.84 -55.30 -56.43
N ALA B 132 31.90 -55.67 -55.74
CA ALA B 132 31.98 -57.03 -55.28
C ALA B 132 31.08 -57.28 -54.05
N ALA B 133 30.95 -56.29 -53.16
CA ALA B 133 30.09 -56.46 -51.99
C ALA B 133 28.66 -56.68 -52.44
N ARG B 134 28.25 -55.88 -53.41
CA ARG B 134 26.90 -55.97 -53.93
C ARG B 134 26.72 -57.38 -54.48
N ALA B 135 27.60 -57.82 -55.38
CA ALA B 135 27.50 -59.15 -55.96
C ALA B 135 27.41 -60.29 -54.94
N LEU B 136 28.12 -60.18 -53.83
CA LEU B 136 28.10 -61.21 -52.80
C LEU B 136 26.82 -61.10 -51.99
N LEU B 137 26.48 -59.89 -51.61
CA LEU B 137 25.28 -59.63 -50.84
C LEU B 137 23.99 -60.14 -51.51
N GLU B 138 23.97 -60.07 -52.84
CA GLU B 138 22.80 -60.46 -53.59
C GLU B 138 22.85 -61.83 -54.21
N ASN B 139 23.86 -62.63 -53.92
CA ASN B 139 23.91 -63.93 -54.57
C ASN B 139 24.52 -65.00 -53.69
N THR B 140 24.65 -64.69 -52.41
CA THR B 140 25.22 -65.67 -51.49
C THR B 140 24.74 -65.39 -50.09
N GLU B 141 24.83 -66.41 -49.26
CA GLU B 141 24.41 -66.31 -47.89
C GLU B 141 25.49 -65.82 -46.92
N LEU B 142 26.71 -65.65 -47.46
CA LEU B 142 27.88 -65.19 -46.69
C LEU B 142 27.56 -64.17 -45.62
N SER B 143 28.38 -64.16 -44.58
CA SER B 143 28.18 -63.27 -43.47
C SER B 143 28.69 -61.87 -43.82
N ALA B 144 28.20 -60.87 -43.08
CA ALA B 144 28.63 -59.48 -43.27
C ALA B 144 30.15 -59.43 -43.26
N ARG B 145 30.77 -59.99 -42.24
CA ARG B 145 32.21 -60.00 -42.20
C ARG B 145 32.74 -60.61 -43.50
N GLU B 146 32.61 -61.92 -43.69
CA GLU B 146 33.11 -62.56 -44.91
C GLU B 146 33.02 -61.70 -46.19
N ILE B 147 31.94 -60.94 -46.33
CA ILE B 147 31.76 -60.09 -47.51
C ILE B 147 32.80 -58.96 -47.48
N ALA B 148 32.75 -58.10 -46.45
CA ALA B 148 33.73 -57.01 -46.32
C ALA B 148 35.13 -57.52 -46.68
N GLU B 149 35.48 -58.66 -46.13
CA GLU B 149 36.75 -59.28 -46.36
C GLU B 149 36.98 -59.52 -47.84
N LYS B 150 36.22 -60.47 -48.37
CA LYS B 150 36.36 -60.85 -49.77
C LYS B 150 36.28 -59.63 -50.69
N ALA B 151 35.34 -58.73 -50.40
CA ALA B 151 35.18 -57.53 -51.20
C ALA B 151 36.52 -56.79 -51.17
N LEU B 152 36.97 -56.46 -49.97
CA LEU B 152 38.25 -55.78 -49.77
C LEU B 152 39.41 -56.44 -50.49
N ASP B 153 39.54 -57.76 -50.45
CA ASP B 153 40.65 -58.35 -51.19
C ASP B 153 40.54 -58.04 -52.66
N ILE B 154 39.33 -58.17 -53.18
CA ILE B 154 39.06 -57.89 -54.58
C ILE B 154 39.44 -56.43 -54.85
N ALA B 155 39.06 -55.53 -53.96
CA ALA B 155 39.43 -54.14 -54.11
C ALA B 155 40.96 -54.07 -54.21
N GLY B 156 41.65 -54.54 -53.19
CA GLY B 156 43.09 -54.52 -53.19
C GLY B 156 43.69 -55.14 -54.44
N ASP B 157 42.99 -56.09 -55.06
CA ASP B 157 43.51 -56.75 -56.26
C ASP B 157 43.40 -55.92 -57.50
N ILE B 158 42.59 -54.87 -57.45
CA ILE B 158 42.41 -54.03 -58.63
C ILE B 158 43.00 -52.64 -58.43
N CYS B 159 42.74 -52.08 -57.26
CA CYS B 159 43.21 -50.76 -56.92
C CYS B 159 44.70 -50.76 -56.56
N ILE B 160 45.43 -49.99 -57.35
CA ILE B 160 46.86 -49.77 -57.22
C ILE B 160 47.14 -49.05 -55.92
N TYR B 161 46.12 -48.46 -55.29
CA TYR B 161 46.29 -47.74 -54.03
C TYR B 161 45.77 -48.53 -52.80
N THR B 162 45.41 -49.77 -53.01
CA THR B 162 44.89 -50.59 -51.93
C THR B 162 45.66 -51.91 -51.90
N ASN B 163 45.96 -52.36 -50.68
CA ASN B 163 46.70 -53.58 -50.45
C ASN B 163 45.90 -54.66 -49.70
N HIS B 164 46.60 -55.69 -49.25
CA HIS B 164 45.92 -56.75 -48.54
C HIS B 164 46.05 -56.83 -47.04
N PHE B 165 46.47 -55.74 -46.43
CA PHE B 165 46.57 -55.73 -44.99
C PHE B 165 45.17 -55.31 -44.59
N HIS B 166 44.56 -55.99 -43.64
CA HIS B 166 43.21 -55.62 -43.22
C HIS B 166 43.08 -55.25 -41.77
N THR B 167 41.98 -54.59 -41.45
CA THR B 167 41.64 -54.24 -40.10
C THR B 167 40.13 -54.35 -40.12
N ILE B 168 39.61 -55.20 -39.23
CA ILE B 168 38.17 -55.37 -39.16
C ILE B 168 37.66 -55.12 -37.77
N GLU B 169 36.51 -54.47 -37.70
CA GLU B 169 35.86 -54.19 -36.44
C GLU B 169 34.40 -54.61 -36.60
N GLU B 170 34.07 -55.74 -36.00
CA GLU B 170 32.72 -56.24 -36.09
C GLU B 170 31.81 -55.74 -34.96
N LEU B 171 30.55 -56.13 -35.02
CA LEU B 171 29.60 -55.70 -34.01
C LEU B 171 28.34 -56.56 -34.11
N SER B 172 28.06 -57.33 -33.06
CA SER B 172 26.87 -58.18 -33.03
C SER B 172 25.81 -57.56 -32.13
N TYR B 173 24.54 -57.69 -32.54
CA TYR B 173 23.45 -57.11 -31.78
C TYR B 173 22.16 -57.90 -31.90
N LYS B 174 21.69 -58.10 -33.13
CA LYS B 174 20.44 -58.83 -33.37
C LYS B 174 19.25 -58.12 -32.73
N THR C 1 -41.83 57.02 17.77
CA THR C 1 -40.51 56.76 17.23
C THR C 1 -39.80 58.08 16.91
N THR C 2 -38.46 58.06 16.94
CA THR C 2 -37.65 59.23 16.58
C THR C 2 -36.56 58.74 15.64
N ILE C 3 -36.19 59.56 14.69
CA ILE C 3 -35.13 59.21 13.76
C ILE C 3 -34.32 60.48 13.50
N VAL C 4 -33.05 60.50 13.89
CA VAL C 4 -32.18 61.68 13.73
C VAL C 4 -31.03 61.47 12.76
N SER C 5 -30.84 62.39 11.83
CA SER C 5 -29.72 62.28 10.89
C SER C 5 -28.82 63.53 10.86
N VAL C 6 -27.71 63.52 11.62
CA VAL C 6 -26.79 64.65 11.66
C VAL C 6 -25.69 64.42 10.61
N ARG C 7 -25.11 65.49 10.09
CA ARG C 7 -24.02 65.36 9.11
C ARG C 7 -22.92 66.29 9.59
N ARG C 8 -21.68 65.82 9.55
CA ARG C 8 -20.55 66.64 10.01
C ARG C 8 -19.17 66.03 9.75
N ASN C 9 -18.37 66.79 9.01
CA ASN C 9 -16.99 66.42 8.64
C ASN C 9 -16.98 65.10 7.89
N GLY C 10 -17.49 65.09 6.66
CA GLY C 10 -17.50 63.86 5.91
C GLY C 10 -18.11 62.67 6.64
N HIS C 11 -19.06 62.92 7.54
CA HIS C 11 -19.72 61.86 8.29
C HIS C 11 -21.21 62.14 8.43
N VAL C 12 -22.04 61.36 7.73
CA VAL C 12 -23.49 61.52 7.83
C VAL C 12 -24.05 60.24 8.44
N VAL C 13 -24.73 60.37 9.56
CA VAL C 13 -25.32 59.20 10.23
C VAL C 13 -26.83 59.32 10.28
N ILE C 14 -27.50 58.20 10.57
CA ILE C 14 -28.94 58.15 10.76
C ILE C 14 -29.13 57.22 11.94
N ALA C 15 -29.83 57.68 12.96
CA ALA C 15 -30.07 56.90 14.15
C ALA C 15 -31.57 56.85 14.46
N GLY C 16 -32.10 55.70 14.84
CA GLY C 16 -33.51 55.63 15.17
C GLY C 16 -33.68 54.80 16.42
N ASP C 17 -34.80 54.88 17.13
CA ASP C 17 -34.97 54.06 18.34
C ASP C 17 -35.50 52.66 17.95
N GLY C 18 -36.12 51.95 18.88
CA GLY C 18 -36.62 50.63 18.52
C GLY C 18 -37.99 50.28 19.06
N GLN C 19 -38.73 51.30 19.51
CA GLN C 19 -40.07 51.10 20.07
C GLN C 19 -41.18 51.04 19.01
N ALA C 20 -42.04 50.05 19.16
CA ALA C 20 -43.21 49.89 18.32
C ALA C 20 -44.29 49.99 19.42
N THR C 21 -45.33 50.77 19.17
CA THR C 21 -46.37 50.95 20.16
C THR C 21 -47.72 50.57 19.61
N LEU C 22 -48.60 50.11 20.50
CA LEU C 22 -49.94 49.77 20.10
C LEU C 22 -50.87 50.24 21.20
N GLY C 23 -51.62 51.30 20.92
CA GLY C 23 -52.51 51.84 21.92
C GLY C 23 -51.62 52.49 22.95
N ASN C 24 -51.60 51.96 24.16
CA ASN C 24 -50.75 52.50 25.20
C ASN C 24 -49.73 51.47 25.68
N THR C 25 -49.41 50.50 24.83
CA THR C 25 -48.49 49.45 25.20
C THR C 25 -47.36 49.27 24.20
N VAL C 26 -46.23 48.76 24.69
CA VAL C 26 -45.09 48.54 23.83
C VAL C 26 -45.18 47.14 23.17
N MET C 27 -45.43 47.12 21.88
CA MET C 27 -45.55 45.89 21.10
C MET C 27 -44.17 45.20 20.88
N LYS C 28 -43.17 45.97 20.50
CA LYS C 28 -41.81 45.46 20.29
C LYS C 28 -40.86 46.56 20.78
N GLY C 29 -39.70 46.17 21.31
CA GLY C 29 -38.75 47.16 21.80
C GLY C 29 -37.48 47.26 21.00
N ASN C 30 -37.23 46.31 20.10
CA ASN C 30 -36.01 46.28 19.27
C ASN C 30 -36.27 46.32 17.77
N VAL C 31 -37.16 47.21 17.34
CA VAL C 31 -37.47 47.35 15.93
C VAL C 31 -36.25 47.97 15.24
N LYS C 32 -35.87 47.45 14.07
CA LYS C 32 -34.74 47.99 13.31
C LYS C 32 -35.29 49.05 12.39
N LYS C 33 -35.08 50.31 12.75
CA LYS C 33 -35.63 51.44 12.01
C LYS C 33 -34.64 52.15 11.08
N VAL C 34 -33.42 51.64 11.01
CA VAL C 34 -32.38 52.22 10.14
C VAL C 34 -31.73 51.08 9.39
N ARG C 35 -31.50 51.27 8.09
CA ARG C 35 -30.90 50.23 7.29
C ARG C 35 -30.05 50.82 6.17
N ARG C 36 -29.44 49.97 5.35
CA ARG C 36 -28.59 50.44 4.26
C ARG C 36 -29.12 49.91 2.94
N LEU C 37 -29.07 50.72 1.89
CA LEU C 37 -29.56 50.27 0.60
C LEU C 37 -28.66 50.80 -0.51
N TYR C 38 -28.71 50.14 -1.67
CA TYR C 38 -27.92 50.55 -2.86
C TYR C 38 -26.44 50.35 -2.58
N ASN C 39 -26.03 49.08 -2.53
CA ASN C 39 -24.63 48.72 -2.24
C ASN C 39 -24.01 49.48 -1.06
N ASP C 40 -24.80 49.63 0.00
CA ASP C 40 -24.38 50.33 1.21
C ASP C 40 -24.01 51.80 1.09
N LYS C 41 -24.15 52.38 -0.10
CA LYS C 41 -23.82 53.78 -0.29
C LYS C 41 -24.85 54.67 0.41
N VAL C 42 -26.13 54.36 0.21
CA VAL C 42 -27.23 55.13 0.79
C VAL C 42 -27.73 54.54 2.11
N ILE C 43 -27.88 55.40 3.12
CA ILE C 43 -28.40 54.97 4.42
C ILE C 43 -29.83 55.51 4.54
N ALA C 44 -30.70 54.78 5.24
CA ALA C 44 -32.09 55.20 5.38
C ALA C 44 -32.76 54.87 6.72
N GLY C 45 -33.76 55.66 7.09
CA GLY C 45 -34.50 55.45 8.33
C GLY C 45 -35.96 55.68 8.03
N PHE C 46 -36.85 54.99 8.72
CA PHE C 46 -38.28 55.15 8.48
C PHE C 46 -39.11 55.19 9.74
N ALA C 47 -40.25 55.86 9.68
CA ALA C 47 -41.17 55.90 10.81
C ALA C 47 -42.46 55.30 10.26
N GLY C 48 -42.84 54.12 10.73
CA GLY C 48 -44.06 53.50 10.23
C GLY C 48 -43.99 52.00 10.04
N GLY C 49 -44.73 51.50 9.05
CA GLY C 49 -44.76 50.07 8.79
C GLY C 49 -43.42 49.49 8.35
N THR C 50 -42.99 48.43 9.00
CA THR C 50 -41.74 47.77 8.67
C THR C 50 -41.80 47.23 7.25
N ALA C 51 -42.94 46.68 6.86
CA ALA C 51 -43.10 46.14 5.52
C ALA C 51 -43.40 47.26 4.52
N ASP C 52 -43.95 48.36 5.03
CA ASP C 52 -44.26 49.48 4.17
C ASP C 52 -42.98 50.05 3.65
N ALA C 53 -42.08 50.36 4.58
CA ALA C 53 -40.79 50.92 4.25
C ALA C 53 -40.06 49.96 3.32
N PHE C 54 -40.16 48.69 3.66
CA PHE C 54 -39.55 47.62 2.87
C PHE C 54 -39.93 47.88 1.39
N THR C 55 -41.24 47.94 1.12
CA THR C 55 -41.74 48.16 -0.23
C THR C 55 -41.17 49.48 -0.76
N LEU C 56 -41.24 50.51 0.06
CA LEU C 56 -40.73 51.83 -0.34
C LEU C 56 -39.23 51.87 -0.66
N PHE C 57 -38.40 51.53 0.32
CA PHE C 57 -36.94 51.53 0.12
C PHE C 57 -36.60 50.61 -1.04
N GLU C 58 -37.48 49.63 -1.28
CA GLU C 58 -37.25 48.68 -2.35
C GLU C 58 -37.34 49.38 -3.69
N LEU C 59 -38.31 50.29 -3.82
CA LEU C 59 -38.50 51.01 -5.06
C LEU C 59 -37.45 52.10 -5.18
N PHE C 60 -37.24 52.81 -4.06
CA PHE C 60 -36.25 53.87 -4.02
C PHE C 60 -34.90 53.34 -4.48
N GLU C 61 -34.62 52.09 -4.11
CA GLU C 61 -33.38 51.43 -4.50
C GLU C 61 -33.37 51.36 -6.01
N ARG C 62 -34.38 50.71 -6.58
CA ARG C 62 -34.45 50.60 -8.02
C ARG C 62 -34.37 51.96 -8.72
N LYS C 63 -34.92 53.01 -8.09
CA LYS C 63 -34.89 54.34 -8.71
C LYS C 63 -33.49 54.91 -8.86
N LEU C 64 -32.58 54.55 -7.95
CA LEU C 64 -31.19 55.04 -8.02
C LEU C 64 -30.39 54.31 -9.12
N GLU C 65 -30.72 53.05 -9.36
CA GLU C 65 -30.08 52.23 -10.40
C GLU C 65 -30.66 52.70 -11.73
N MET C 66 -31.77 53.44 -11.63
CA MET C 66 -32.50 53.96 -12.77
C MET C 66 -32.06 55.38 -13.11
N HIS C 67 -31.53 56.09 -12.12
CA HIS C 67 -31.09 57.46 -12.32
C HIS C 67 -29.65 57.72 -11.83
N GLN C 68 -28.76 56.75 -12.05
CA GLN C 68 -27.36 56.89 -11.62
C GLN C 68 -27.20 57.34 -10.16
N GLY C 69 -27.80 56.57 -9.26
CA GLY C 69 -27.71 56.86 -7.85
C GLY C 69 -27.90 58.30 -7.46
N HIS C 70 -28.41 59.14 -8.36
CA HIS C 70 -28.62 60.52 -8.00
C HIS C 70 -29.70 60.53 -6.88
N LEU C 71 -29.23 60.65 -5.65
CA LEU C 71 -30.07 60.64 -4.47
C LEU C 71 -31.28 61.58 -4.53
N VAL C 72 -31.05 62.84 -4.89
CA VAL C 72 -32.14 63.83 -4.96
C VAL C 72 -33.22 63.63 -6.06
N LYS C 73 -32.84 63.09 -7.21
CA LYS C 73 -33.80 62.85 -8.30
C LYS C 73 -34.51 61.52 -8.17
N ALA C 74 -33.83 60.54 -7.60
CA ALA C 74 -34.41 59.22 -7.42
C ALA C 74 -35.38 59.29 -6.24
N ALA C 75 -35.29 60.37 -5.47
CA ALA C 75 -36.16 60.57 -4.32
C ALA C 75 -37.38 61.37 -4.73
N VAL C 76 -37.16 62.39 -5.56
CA VAL C 76 -38.27 63.23 -6.05
C VAL C 76 -39.11 62.42 -7.04
N GLU C 77 -38.57 61.29 -7.49
CA GLU C 77 -39.23 60.38 -8.42
C GLU C 77 -40.05 59.37 -7.61
N LEU C 78 -39.55 59.01 -6.43
CA LEU C 78 -40.24 58.07 -5.54
C LEU C 78 -41.41 58.78 -4.89
N ALA C 79 -41.26 60.09 -4.69
CA ALA C 79 -42.33 60.87 -4.08
C ALA C 79 -43.48 61.04 -5.07
N LYS C 80 -43.14 60.96 -6.37
CA LYS C 80 -44.11 61.08 -7.45
C LYS C 80 -44.86 59.76 -7.63
N ASP C 81 -44.11 58.66 -7.73
CA ASP C 81 -44.70 57.32 -7.88
C ASP C 81 -45.50 56.95 -6.62
N TRP C 82 -45.12 57.54 -5.49
CA TRP C 82 -45.76 57.27 -4.21
C TRP C 82 -47.15 57.90 -4.13
N ARG C 83 -47.23 59.18 -4.50
CA ARG C 83 -48.48 59.94 -4.46
C ARG C 83 -49.47 59.56 -5.57
N THR C 84 -48.92 59.23 -6.74
CA THR C 84 -49.69 58.83 -7.91
C THR C 84 -50.24 57.41 -7.74
N ASP C 85 -49.34 56.42 -7.89
CA ASP C 85 -49.63 54.99 -7.79
C ASP C 85 -50.63 54.64 -6.68
N ARG C 86 -51.68 53.93 -7.06
CA ARG C 86 -52.76 53.53 -6.16
C ARG C 86 -52.35 52.37 -5.24
N MET C 87 -51.55 51.45 -5.78
CA MET C 87 -51.05 50.29 -5.03
C MET C 87 -50.01 50.77 -4.00
N LEU C 88 -49.29 51.84 -4.33
CA LEU C 88 -48.28 52.42 -3.44
C LEU C 88 -48.88 53.47 -2.50
N ARG C 89 -49.77 54.32 -3.01
CA ARG C 89 -50.38 55.40 -2.22
C ARG C 89 -51.06 54.89 -0.94
N LYS C 90 -51.36 53.60 -0.90
CA LYS C 90 -52.03 52.97 0.23
C LYS C 90 -51.20 52.96 1.52
N LEU C 91 -49.89 52.71 1.36
CA LEU C 91 -48.96 52.64 2.50
C LEU C 91 -48.43 53.99 2.96
N GLU C 92 -48.53 54.24 4.26
CA GLU C 92 -48.03 55.49 4.83
C GLU C 92 -46.75 55.28 5.66
N ALA C 93 -45.75 56.13 5.40
CA ALA C 93 -44.44 56.09 6.06
C ALA C 93 -43.65 57.38 5.84
N LEU C 94 -42.68 57.61 6.73
CA LEU C 94 -41.81 58.79 6.67
C LEU C 94 -40.36 58.36 6.43
N LEU C 95 -39.85 58.62 5.23
CA LEU C 95 -38.49 58.23 4.93
C LEU C 95 -37.47 59.32 5.18
N ALA C 96 -36.32 58.92 5.74
CA ALA C 96 -35.19 59.82 5.98
C ALA C 96 -34.05 59.14 5.20
N VAL C 97 -33.70 59.70 4.05
CA VAL C 97 -32.68 59.13 3.20
C VAL C 97 -31.42 59.98 3.21
N ALA C 98 -30.27 59.36 2.98
CA ALA C 98 -28.98 60.07 2.95
C ALA C 98 -27.87 59.30 2.27
N ASP C 99 -26.86 60.04 1.82
CA ASP C 99 -25.66 59.47 1.19
C ASP C 99 -24.44 60.41 1.31
N GLU C 100 -23.48 60.25 0.40
CA GLU C 100 -22.27 61.07 0.39
C GLU C 100 -22.55 62.54 0.12
N THR C 101 -23.59 62.81 -0.67
CA THR C 101 -23.97 64.18 -1.07
C THR C 101 -24.98 64.96 -0.20
N ALA C 102 -26.21 64.47 -0.10
CA ALA C 102 -27.20 65.17 0.70
C ALA C 102 -28.16 64.25 1.43
N SER C 103 -28.74 64.78 2.51
CA SER C 103 -29.71 64.03 3.28
C SER C 103 -31.08 64.76 3.27
N LEU C 104 -32.10 64.06 2.77
CA LEU C 104 -33.44 64.63 2.66
C LEU C 104 -34.55 63.73 3.28
N ILE C 105 -35.75 64.28 3.43
CA ILE C 105 -36.93 63.58 3.96
C ILE C 105 -37.88 63.25 2.81
N ILE C 106 -38.60 62.14 2.87
CA ILE C 106 -39.53 61.76 1.80
C ILE C 106 -40.86 61.42 2.42
N THR C 107 -41.92 62.15 2.06
CA THR C 107 -43.26 61.86 2.63
C THR C 107 -44.24 61.38 1.57
N GLY C 108 -45.39 60.90 2.05
CA GLY C 108 -46.43 60.38 1.16
C GLY C 108 -47.25 61.39 0.37
N ASN C 109 -46.87 62.67 0.47
CA ASN C 109 -47.55 63.74 -0.25
C ASN C 109 -46.70 64.20 -1.43
N GLY C 110 -45.72 63.39 -1.78
CA GLY C 110 -44.85 63.75 -2.88
C GLY C 110 -43.98 64.90 -2.42
N ASP C 111 -43.41 64.75 -1.22
CA ASP C 111 -42.52 65.76 -0.67
C ASP C 111 -41.13 65.26 -0.35
N VAL C 112 -40.14 65.98 -0.89
CA VAL C 112 -38.73 65.68 -0.70
C VAL C 112 -38.19 66.95 -0.02
N VAL C 113 -38.14 66.92 1.31
CA VAL C 113 -37.68 68.03 2.15
C VAL C 113 -36.20 67.88 2.58
N GLN C 114 -35.40 68.91 2.34
CA GLN C 114 -33.99 68.91 2.71
C GLN C 114 -33.77 69.95 3.82
N PRO C 115 -34.11 69.60 5.08
CA PRO C 115 -33.96 70.52 6.21
C PRO C 115 -32.67 71.30 6.20
N GLU C 116 -32.62 72.29 7.08
CA GLU C 116 -31.50 73.20 7.19
C GLU C 116 -30.09 72.67 6.95
N ASN C 117 -29.46 72.17 8.01
CA ASN C 117 -28.08 71.67 7.90
C ASN C 117 -28.04 70.17 7.64
N ASP C 118 -29.01 69.69 6.89
CA ASP C 118 -29.12 68.27 6.61
C ASP C 118 -29.51 67.59 7.92
N LEU C 119 -30.05 68.39 8.83
CA LEU C 119 -30.49 67.91 10.13
C LEU C 119 -31.94 67.42 10.02
N ILE C 120 -32.08 66.10 9.93
CA ILE C 120 -33.38 65.43 9.85
C ILE C 120 -33.81 64.95 11.23
N ALA C 121 -35.09 65.06 11.54
CA ALA C 121 -35.58 64.64 12.85
C ALA C 121 -37.07 64.33 12.82
N ILE C 122 -37.41 63.26 12.11
CA ILE C 122 -38.78 62.81 11.93
C ILE C 122 -39.27 61.97 13.12
N GLY C 123 -40.57 61.64 13.13
CA GLY C 123 -41.11 60.87 14.25
C GLY C 123 -41.74 61.68 15.40
N SER C 124 -42.52 61.00 16.23
CA SER C 124 -43.19 61.65 17.34
C SER C 124 -42.25 62.41 18.27
N GLY C 125 -41.02 61.91 18.38
CA GLY C 125 -40.03 62.56 19.21
C GLY C 125 -39.10 63.41 18.37
N GLY C 126 -39.35 63.43 17.06
CA GLY C 126 -38.53 64.19 16.13
C GLY C 126 -38.12 65.59 16.58
N PRO C 127 -39.05 66.47 17.04
CA PRO C 127 -38.71 67.83 17.48
C PRO C 127 -37.74 67.87 18.66
N TYR C 128 -37.94 67.01 19.64
CA TYR C 128 -37.05 67.00 20.80
C TYR C 128 -35.64 66.61 20.33
N ALA C 129 -35.53 65.59 19.49
CA ALA C 129 -34.22 65.20 19.00
C ALA C 129 -33.59 66.40 18.30
N GLN C 130 -34.38 67.08 17.46
CA GLN C 130 -33.88 68.24 16.72
C GLN C 130 -33.48 69.40 17.67
N ALA C 131 -34.19 69.56 18.78
CA ALA C 131 -33.84 70.62 19.71
C ALA C 131 -32.47 70.33 20.37
N ALA C 132 -32.19 69.04 20.61
CA ALA C 132 -30.94 68.61 21.20
C ALA C 132 -29.82 68.60 20.13
N ALA C 133 -30.11 68.07 18.96
CA ALA C 133 -29.13 68.00 17.89
C ALA C 133 -28.68 69.38 17.42
N ARG C 134 -29.37 70.41 17.88
CA ARG C 134 -29.07 71.77 17.47
C ARG C 134 -28.15 72.37 18.52
N ALA C 135 -28.52 72.16 19.78
CA ALA C 135 -27.74 72.68 20.89
C ALA C 135 -26.30 72.15 20.82
N LEU C 136 -26.15 70.97 20.21
CA LEU C 136 -24.88 70.28 20.07
C LEU C 136 -24.10 70.65 18.79
N LEU C 137 -24.77 70.55 17.65
CA LEU C 137 -24.12 70.88 16.40
C LEU C 137 -23.68 72.36 16.43
N GLU C 138 -24.05 73.09 17.47
CA GLU C 138 -23.73 74.51 17.56
C GLU C 138 -22.98 74.99 18.79
N ASN C 139 -22.65 74.10 19.71
CA ASN C 139 -21.94 74.51 20.91
C ASN C 139 -20.99 73.42 21.39
N THR C 140 -20.58 72.56 20.47
CA THR C 140 -19.66 71.46 20.76
C THR C 140 -19.03 70.99 19.45
N GLU C 141 -17.92 70.27 19.58
CA GLU C 141 -17.23 69.77 18.40
C GLU C 141 -17.46 68.27 18.20
N LEU C 142 -18.51 67.76 18.86
CA LEU C 142 -18.93 66.34 18.80
C LEU C 142 -19.18 65.94 17.35
N SER C 143 -18.86 64.71 16.99
CA SER C 143 -19.07 64.26 15.61
C SER C 143 -20.54 64.03 15.30
N ALA C 144 -20.85 63.80 14.04
CA ALA C 144 -22.22 63.53 13.63
C ALA C 144 -22.78 62.40 14.47
N ARG C 145 -22.01 61.32 14.61
CA ARG C 145 -22.46 60.17 15.37
C ARG C 145 -22.75 60.40 16.85
N GLU C 146 -21.94 61.19 17.53
CA GLU C 146 -22.18 61.42 18.96
C GLU C 146 -23.44 62.26 19.17
N ILE C 147 -23.68 63.19 18.25
CA ILE C 147 -24.85 64.09 18.29
C ILE C 147 -26.15 63.28 18.05
N ALA C 148 -26.18 62.50 16.97
CA ALA C 148 -27.33 61.67 16.67
C ALA C 148 -27.70 60.81 17.91
N GLU C 149 -26.69 60.21 18.51
CA GLU C 149 -26.88 59.38 19.71
C GLU C 149 -27.39 60.16 20.90
N LYS C 150 -26.65 61.18 21.34
CA LYS C 150 -27.05 61.98 22.51
C LYS C 150 -28.39 62.68 22.31
N ALA C 151 -28.67 63.08 21.07
CA ALA C 151 -29.93 63.75 20.72
C ALA C 151 -31.06 62.72 20.84
N LEU C 152 -30.86 61.57 20.19
CA LEU C 152 -31.82 60.49 20.19
C LEU C 152 -32.09 59.99 21.61
N ASP C 153 -31.11 60.10 22.51
CA ASP C 153 -31.36 59.65 23.88
C ASP C 153 -32.25 60.64 24.58
N ILE C 154 -32.07 61.92 24.28
CA ILE C 154 -32.89 62.96 24.91
C ILE C 154 -34.32 62.78 24.42
N ALA C 155 -34.46 62.48 23.14
CA ALA C 155 -35.75 62.24 22.51
C ALA C 155 -36.44 61.16 23.29
N GLY C 156 -35.79 60.00 23.42
CA GLY C 156 -36.37 58.89 24.15
C GLY C 156 -36.72 59.18 25.61
N ASP C 157 -36.15 60.23 26.20
CA ASP C 157 -36.44 60.52 27.59
C ASP C 157 -37.60 61.46 27.75
N ILE C 158 -37.93 62.15 26.67
CA ILE C 158 -39.04 63.08 26.67
C ILE C 158 -40.26 62.40 26.02
N CYS C 159 -40.07 61.87 24.81
CA CYS C 159 -41.14 61.21 24.07
C CYS C 159 -41.59 59.84 24.61
N ILE C 160 -42.89 59.76 24.88
CA ILE C 160 -43.57 58.58 25.40
C ILE C 160 -43.58 57.45 24.36
N TYR C 161 -43.23 57.73 23.11
CA TYR C 161 -43.25 56.72 22.05
C TYR C 161 -41.89 56.36 21.48
N THR C 162 -40.83 56.84 22.13
CA THR C 162 -39.46 56.56 21.71
C THR C 162 -38.71 55.99 22.89
N ASN C 163 -37.90 54.96 22.61
CA ASN C 163 -37.11 54.30 23.64
C ASN C 163 -35.61 54.42 23.38
N HIS C 164 -34.82 53.72 24.18
CA HIS C 164 -33.36 53.77 24.03
C HIS C 164 -32.63 52.65 23.32
N PHE C 165 -33.36 51.82 22.58
CA PHE C 165 -32.73 50.80 21.77
C PHE C 165 -32.36 51.62 20.55
N HIS C 166 -31.13 51.52 20.05
CA HIS C 166 -30.74 52.30 18.87
C HIS C 166 -30.22 51.39 17.76
N THR C 167 -30.19 51.95 16.56
CA THR C 167 -29.64 51.32 15.37
C THR C 167 -29.14 52.56 14.70
N ILE C 168 -27.88 52.55 14.28
CA ILE C 168 -27.26 53.70 13.62
C ILE C 168 -26.62 53.21 12.35
N GLU C 169 -26.39 54.12 11.43
CA GLU C 169 -25.75 53.79 10.17
C GLU C 169 -24.99 55.03 9.77
N GLU C 170 -23.67 54.90 9.77
CA GLU C 170 -22.77 55.98 9.42
C GLU C 170 -22.34 55.82 7.97
N LEU C 171 -21.80 56.91 7.42
CA LEU C 171 -21.34 56.90 6.05
C LEU C 171 -20.17 57.88 6.08
N SER C 172 -18.95 57.38 5.89
CA SER C 172 -17.78 58.25 5.91
C SER C 172 -17.29 58.56 4.51
N TYR C 173 -17.17 59.85 4.18
CA TYR C 173 -16.73 60.28 2.85
C TYR C 173 -15.59 61.31 2.81
N LYS C 174 -15.65 62.33 3.67
CA LYS C 174 -14.64 63.38 3.70
C LYS C 174 -14.56 64.14 2.37
N THR D 1 -59.97 37.74 22.68
CA THR D 1 -59.08 36.61 22.52
C THR D 1 -57.67 36.92 23.03
N THR D 2 -56.95 35.88 23.45
CA THR D 2 -55.57 35.97 23.95
C THR D 2 -54.84 34.74 23.47
N ILE D 3 -53.77 34.92 22.70
CA ILE D 3 -52.95 33.80 22.21
C ILE D 3 -51.50 33.94 22.73
N VAL D 4 -50.99 32.92 23.43
CA VAL D 4 -49.63 32.95 23.96
C VAL D 4 -48.71 31.89 23.28
N SER D 5 -47.45 32.24 23.03
CA SER D 5 -46.49 31.28 22.45
C SER D 5 -45.20 31.37 23.28
N VAL D 6 -44.85 30.30 23.98
CA VAL D 6 -43.64 30.29 24.81
C VAL D 6 -42.67 29.23 24.28
N ARG D 7 -41.36 29.51 24.34
CA ARG D 7 -40.36 28.55 23.85
C ARG D 7 -39.26 28.34 24.88
N ARG D 8 -39.16 27.10 25.36
CA ARG D 8 -38.18 26.73 26.37
C ARG D 8 -37.75 25.25 26.29
N ASN D 9 -36.43 25.05 26.20
CA ASN D 9 -35.76 23.73 26.13
C ASN D 9 -36.34 22.78 25.10
N GLY D 10 -36.14 23.09 23.81
CA GLY D 10 -36.66 22.23 22.75
C GLY D 10 -38.16 22.01 22.77
N HIS D 11 -38.89 22.98 23.32
CA HIS D 11 -40.35 22.93 23.40
C HIS D 11 -40.91 24.29 23.00
N VAL D 12 -41.80 24.32 22.01
CA VAL D 12 -42.42 25.58 21.59
C VAL D 12 -43.92 25.34 21.53
N VAL D 13 -44.68 26.06 22.35
CA VAL D 13 -46.13 25.90 22.33
C VAL D 13 -46.85 27.15 21.88
N ILE D 14 -48.14 26.98 21.60
CA ILE D 14 -49.03 28.06 21.20
C ILE D 14 -50.35 27.68 21.89
N ALA D 15 -50.95 28.61 22.61
CA ALA D 15 -52.20 28.33 23.31
C ALA D 15 -53.15 29.54 23.32
N GLY D 16 -54.32 29.37 22.73
CA GLY D 16 -55.30 30.45 22.69
C GLY D 16 -56.57 30.11 23.45
N ASP D 17 -57.37 31.11 23.82
CA ASP D 17 -58.61 30.84 24.54
C ASP D 17 -59.73 30.57 23.55
N GLY D 18 -60.95 30.39 24.01
CA GLY D 18 -62.03 30.11 23.08
C GLY D 18 -63.19 31.08 22.99
N GLN D 19 -63.01 32.32 23.48
CA GLN D 19 -64.11 33.29 23.42
C GLN D 19 -64.26 34.04 22.10
N ALA D 20 -65.50 34.05 21.60
CA ALA D 20 -65.89 34.77 20.39
C ALA D 20 -66.86 35.78 20.98
N THR D 21 -66.66 37.06 20.74
CA THR D 21 -67.60 38.01 21.32
C THR D 21 -68.24 38.81 20.21
N LEU D 22 -69.39 39.39 20.53
CA LEU D 22 -70.17 40.21 19.62
C LEU D 22 -70.83 41.23 20.52
N GLY D 23 -70.32 42.45 20.47
CA GLY D 23 -70.85 43.53 21.29
C GLY D 23 -70.44 43.37 22.75
N ASN D 24 -71.40 42.99 23.59
CA ASN D 24 -71.18 42.79 25.00
C ASN D 24 -71.64 41.40 25.46
N THR D 25 -71.76 40.46 24.52
CA THR D 25 -72.19 39.12 24.88
C THR D 25 -71.29 38.07 24.23
N VAL D 26 -71.27 36.85 24.77
CA VAL D 26 -70.46 35.80 24.19
C VAL D 26 -71.21 35.05 23.09
N MET D 27 -70.58 34.94 21.92
CA MET D 27 -71.18 34.25 20.77
C MET D 27 -70.90 32.76 20.94
N LYS D 28 -69.63 32.40 20.87
CA LYS D 28 -69.19 31.02 21.02
C LYS D 28 -68.23 31.05 22.22
N GLY D 29 -68.07 29.91 22.89
CA GLY D 29 -67.17 29.86 24.03
C GLY D 29 -66.10 28.82 23.85
N ASN D 30 -66.14 28.12 22.71
CA ASN D 30 -65.16 27.08 22.42
C ASN D 30 -64.55 27.18 21.01
N VAL D 31 -64.04 28.35 20.66
CA VAL D 31 -63.46 28.49 19.34
C VAL D 31 -62.09 27.83 19.37
N LYS D 32 -61.68 27.25 18.24
CA LYS D 32 -60.38 26.60 18.13
C LYS D 32 -59.50 27.65 17.50
N LYS D 33 -58.73 28.32 18.34
CA LYS D 33 -57.86 29.37 17.84
C LYS D 33 -56.46 28.88 17.54
N VAL D 34 -56.15 27.64 17.92
CA VAL D 34 -54.83 27.11 17.64
C VAL D 34 -54.86 25.81 16.82
N ARG D 35 -54.06 25.76 15.77
CA ARG D 35 -54.02 24.55 14.94
C ARG D 35 -52.58 24.08 14.62
N ARG D 36 -52.45 23.14 13.68
CA ARG D 36 -51.15 22.60 13.27
C ARG D 36 -51.20 22.50 11.73
N LEU D 37 -50.10 22.84 11.07
CA LEU D 37 -50.09 22.77 9.61
C LEU D 37 -48.74 22.29 9.04
N TYR D 38 -48.75 21.93 7.75
CA TYR D 38 -47.54 21.44 7.06
C TYR D 38 -46.98 20.17 7.74
N ASN D 39 -47.70 19.05 7.60
CA ASN D 39 -47.33 17.77 8.22
C ASN D 39 -47.01 17.95 9.69
N ASP D 40 -47.86 18.71 10.37
CA ASP D 40 -47.73 18.97 11.80
C ASP D 40 -46.37 19.45 12.30
N LYS D 41 -45.48 19.86 11.41
CA LYS D 41 -44.14 20.36 11.80
C LYS D 41 -44.29 21.76 12.36
N VAL D 42 -45.26 22.47 11.77
CA VAL D 42 -45.60 23.84 12.12
C VAL D 42 -46.85 23.96 12.95
N ILE D 43 -46.80 24.81 13.97
CA ILE D 43 -47.95 25.06 14.83
C ILE D 43 -48.36 26.54 14.57
N ALA D 44 -49.61 26.89 14.89
CA ALA D 44 -50.11 28.26 14.66
C ALA D 44 -51.39 28.63 15.44
N GLY D 45 -51.58 29.94 15.60
CA GLY D 45 -52.73 30.50 16.29
C GLY D 45 -53.13 31.75 15.53
N PHE D 46 -54.41 32.11 15.62
CA PHE D 46 -54.92 33.30 14.93
C PHE D 46 -56.03 33.99 15.72
N ALA D 47 -56.10 35.30 15.57
CA ALA D 47 -57.12 36.11 16.20
C ALA D 47 -57.90 36.76 15.05
N GLY D 48 -58.99 36.12 14.62
CA GLY D 48 -59.79 36.65 13.53
C GLY D 48 -60.93 35.74 13.05
N GLY D 49 -61.19 35.78 11.74
CA GLY D 49 -62.26 34.95 11.20
C GLY D 49 -61.93 33.48 10.99
N THR D 50 -62.80 32.59 11.47
CA THR D 50 -62.60 31.14 11.36
C THR D 50 -62.36 30.66 9.93
N ALA D 51 -62.94 31.36 8.96
CA ALA D 51 -62.76 31.03 7.57
C ALA D 51 -61.68 31.96 7.02
N ASP D 52 -61.47 33.10 7.67
CA ASP D 52 -60.44 34.05 7.24
C ASP D 52 -59.13 33.30 7.33
N ALA D 53 -58.80 32.86 8.55
CA ALA D 53 -57.59 32.12 8.83
C ALA D 53 -57.53 30.92 7.89
N PHE D 54 -58.69 30.30 7.68
CA PHE D 54 -58.80 29.15 6.81
C PHE D 54 -58.15 29.47 5.44
N THR D 55 -58.36 30.68 4.93
CA THR D 55 -57.77 31.09 3.64
C THR D 55 -56.28 31.42 3.83
N LEU D 56 -55.93 32.08 4.94
CA LEU D 56 -54.55 32.47 5.22
C LEU D 56 -53.59 31.31 5.45
N PHE D 57 -53.88 30.48 6.44
CA PHE D 57 -53.04 29.32 6.75
C PHE D 57 -52.90 28.40 5.53
N GLU D 58 -53.96 28.34 4.72
CA GLU D 58 -54.01 27.48 3.52
C GLU D 58 -52.98 27.93 2.49
N LEU D 59 -52.73 29.23 2.46
CA LEU D 59 -51.75 29.78 1.53
C LEU D 59 -50.40 29.66 2.22
N PHE D 60 -50.40 29.78 3.54
CA PHE D 60 -49.16 29.66 4.31
C PHE D 60 -48.66 28.24 4.10
N GLU D 61 -49.59 27.28 4.17
CA GLU D 61 -49.20 25.91 3.97
C GLU D 61 -48.54 25.78 2.60
N ARG D 62 -49.18 26.32 1.56
CA ARG D 62 -48.61 26.22 0.22
C ARG D 62 -47.29 26.94 0.05
N LYS D 63 -47.02 27.92 0.92
CA LYS D 63 -45.78 28.69 0.85
C LYS D 63 -44.58 27.92 1.41
N LEU D 64 -44.81 27.15 2.48
CA LEU D 64 -43.73 26.37 3.06
C LEU D 64 -43.28 25.31 2.06
N GLU D 65 -44.24 24.67 1.41
CA GLU D 65 -43.96 23.64 0.41
C GLU D 65 -43.25 24.25 -0.79
N MET D 66 -43.42 25.56 -0.97
CA MET D 66 -42.83 26.29 -2.10
C MET D 66 -41.46 26.87 -1.77
N HIS D 67 -41.13 26.94 -0.47
CA HIS D 67 -39.84 27.45 0.02
C HIS D 67 -39.23 26.53 1.08
N GLN D 68 -39.28 25.24 0.78
CA GLN D 68 -38.74 24.18 1.64
C GLN D 68 -38.90 24.44 3.13
N GLY D 69 -40.14 24.43 3.60
CA GLY D 69 -40.42 24.64 5.02
C GLY D 69 -39.72 25.75 5.78
N HIS D 70 -39.02 26.66 5.09
CA HIS D 70 -38.35 27.75 5.78
C HIS D 70 -39.46 28.64 6.37
N LEU D 71 -39.74 28.43 7.64
CA LEU D 71 -40.78 29.15 8.35
C LEU D 71 -40.73 30.64 8.02
N VAL D 72 -39.59 31.27 8.28
CA VAL D 72 -39.40 32.70 8.06
C VAL D 72 -39.56 33.21 6.61
N LYS D 73 -39.23 32.37 5.62
CA LYS D 73 -39.37 32.79 4.22
C LYS D 73 -40.77 32.54 3.69
N ALA D 74 -41.40 31.48 4.19
CA ALA D 74 -42.75 31.13 3.80
C ALA D 74 -43.70 32.14 4.45
N ALA D 75 -43.20 32.77 5.52
CA ALA D 75 -43.97 33.77 6.26
C ALA D 75 -43.80 35.14 5.62
N VAL D 76 -42.56 35.54 5.37
CA VAL D 76 -42.29 36.83 4.77
C VAL D 76 -42.92 36.88 3.38
N GLU D 77 -43.27 35.72 2.85
CA GLU D 77 -43.90 35.64 1.53
C GLU D 77 -45.42 35.76 1.68
N LEU D 78 -45.96 35.02 2.63
CA LEU D 78 -47.40 35.04 2.88
C LEU D 78 -47.83 36.48 3.18
N ALA D 79 -47.00 37.20 3.92
CA ALA D 79 -47.32 38.58 4.29
C ALA D 79 -47.31 39.52 3.10
N LYS D 80 -46.48 39.22 2.08
CA LYS D 80 -46.41 40.07 0.88
C LYS D 80 -47.59 39.81 -0.05
N ASP D 81 -48.04 38.57 -0.10
CA ASP D 81 -49.20 38.21 -0.92
C ASP D 81 -50.44 38.82 -0.24
N TRP D 82 -50.42 38.83 1.09
CA TRP D 82 -51.50 39.35 1.93
C TRP D 82 -51.70 40.87 1.76
N ARG D 83 -50.61 41.63 1.70
CA ARG D 83 -50.69 43.10 1.56
C ARG D 83 -50.84 43.53 0.10
N THR D 84 -50.45 42.64 -0.82
CA THR D 84 -50.53 42.89 -2.25
C THR D 84 -51.90 42.52 -2.84
N ASP D 85 -52.16 41.21 -2.93
CA ASP D 85 -53.41 40.68 -3.49
C ASP D 85 -54.67 41.35 -2.94
N ARG D 86 -55.56 41.78 -3.84
CA ARG D 86 -56.81 42.46 -3.48
C ARG D 86 -57.82 41.44 -2.94
N MET D 87 -57.69 40.20 -3.39
CA MET D 87 -58.58 39.13 -2.95
C MET D 87 -58.19 38.72 -1.53
N LEU D 88 -56.90 38.88 -1.22
CA LEU D 88 -56.35 38.53 0.09
C LEU D 88 -56.36 39.72 1.06
N ARG D 89 -56.14 40.92 0.54
CA ARG D 89 -56.08 42.14 1.33
C ARG D 89 -57.38 42.50 2.04
N LYS D 90 -58.47 41.88 1.60
CA LYS D 90 -59.78 42.14 2.18
C LYS D 90 -59.97 41.55 3.58
N LEU D 91 -59.32 40.41 3.82
CA LEU D 91 -59.42 39.71 5.10
C LEU D 91 -58.38 40.14 6.13
N GLU D 92 -58.86 40.31 7.37
CA GLU D 92 -58.02 40.72 8.49
C GLU D 92 -57.92 39.65 9.58
N ALA D 93 -56.72 39.52 10.17
CA ALA D 93 -56.46 38.56 11.25
C ALA D 93 -55.06 38.76 11.84
N LEU D 94 -54.70 37.92 12.81
CA LEU D 94 -53.41 37.97 13.43
C LEU D 94 -52.84 36.55 13.53
N LEU D 95 -51.89 36.19 12.66
CA LEU D 95 -51.29 34.85 12.69
C LEU D 95 -50.09 34.75 13.59
N ALA D 96 -50.07 33.69 14.40
CA ALA D 96 -48.97 33.40 15.30
C ALA D 96 -48.47 32.04 14.78
N VAL D 97 -47.30 32.03 14.17
CA VAL D 97 -46.72 30.81 13.60
C VAL D 97 -45.36 30.48 14.22
N ALA D 98 -45.12 29.19 14.46
CA ALA D 98 -43.87 28.72 15.05
C ALA D 98 -43.55 27.27 14.63
N ASP D 99 -42.31 26.85 14.92
CA ASP D 99 -41.85 25.49 14.63
C ASP D 99 -40.53 25.19 15.34
N GLU D 100 -39.88 24.11 14.92
CA GLU D 100 -38.62 23.70 15.52
C GLU D 100 -37.57 24.83 15.58
N THR D 101 -37.58 25.70 14.58
CA THR D 101 -36.61 26.79 14.51
C THR D 101 -36.98 28.10 15.22
N ALA D 102 -37.92 28.85 14.64
CA ALA D 102 -38.33 30.14 15.18
C ALA D 102 -39.84 30.37 15.28
N SER D 103 -40.22 31.36 16.09
CA SER D 103 -41.61 31.76 16.29
C SER D 103 -41.78 33.15 15.70
N LEU D 104 -42.97 33.45 15.17
CA LEU D 104 -43.20 34.78 14.62
C LEU D 104 -44.68 35.16 14.51
N ILE D 105 -44.93 36.44 14.20
CA ILE D 105 -46.27 36.99 14.04
C ILE D 105 -46.36 37.51 12.60
N ILE D 106 -47.53 37.36 11.99
CA ILE D 106 -47.74 37.86 10.63
C ILE D 106 -48.99 38.74 10.66
N THR D 107 -48.87 39.97 10.18
CA THR D 107 -50.04 40.87 10.17
C THR D 107 -50.46 41.25 8.76
N GLY D 108 -51.67 41.80 8.63
CA GLY D 108 -52.15 42.20 7.33
C GLY D 108 -51.38 43.30 6.64
N ASN D 109 -50.49 44.00 7.36
CA ASN D 109 -49.70 45.08 6.76
C ASN D 109 -48.56 44.45 5.96
N GLY D 110 -48.31 43.18 6.25
CA GLY D 110 -47.24 42.45 5.59
C GLY D 110 -46.07 42.36 6.52
N ASP D 111 -46.33 42.54 7.81
CA ASP D 111 -45.30 42.51 8.84
C ASP D 111 -45.02 41.11 9.36
N VAL D 112 -43.74 40.81 9.51
CA VAL D 112 -43.31 39.52 10.03
C VAL D 112 -42.47 39.89 11.25
N VAL D 113 -43.12 40.01 12.39
CA VAL D 113 -42.46 40.35 13.64
C VAL D 113 -41.95 39.11 14.35
N GLN D 114 -40.73 39.22 14.90
CA GLN D 114 -40.12 38.13 15.65
C GLN D 114 -39.94 38.66 17.07
N PRO D 115 -40.92 38.42 17.95
CA PRO D 115 -40.82 38.92 19.32
C PRO D 115 -39.49 38.57 19.98
N GLU D 116 -39.17 39.31 21.04
CA GLU D 116 -37.92 39.17 21.78
C GLU D 116 -37.38 37.76 22.01
N ASN D 117 -38.02 37.04 22.91
CA ASN D 117 -37.59 35.71 23.28
C ASN D 117 -38.61 34.71 22.78
N ASP D 118 -39.02 34.93 21.54
CA ASP D 118 -40.02 34.10 20.89
C ASP D 118 -41.27 34.01 21.76
N LEU D 119 -41.54 35.08 22.53
CA LEU D 119 -42.73 35.14 23.38
C LEU D 119 -43.72 36.00 22.62
N ILE D 120 -44.71 35.35 22.02
CA ILE D 120 -45.75 36.04 21.27
C ILE D 120 -46.90 36.23 22.26
N ALA D 121 -47.64 37.33 22.13
CA ALA D 121 -48.77 37.59 23.04
C ALA D 121 -49.71 38.56 22.32
N ILE D 122 -50.46 37.98 21.41
CA ILE D 122 -51.42 38.72 20.58
C ILE D 122 -52.80 38.62 21.22
N GLY D 123 -53.71 39.47 20.74
CA GLY D 123 -55.07 39.48 21.27
C GLY D 123 -55.32 40.51 22.37
N SER D 124 -56.57 40.96 22.50
CA SER D 124 -56.93 41.95 23.51
C SER D 124 -56.40 41.63 24.92
N GLY D 125 -56.10 40.36 25.18
CA GLY D 125 -55.57 39.98 26.47
C GLY D 125 -54.07 39.69 26.35
N GLY D 126 -53.57 39.89 25.14
CA GLY D 126 -52.19 39.65 24.82
C GLY D 126 -51.19 40.22 25.81
N PRO D 127 -51.31 41.51 26.22
CA PRO D 127 -50.38 42.12 27.15
C PRO D 127 -50.47 41.65 28.60
N TYR D 128 -51.58 41.05 29.00
CA TYR D 128 -51.65 40.59 30.38
C TYR D 128 -50.94 39.24 30.42
N ALA D 129 -51.07 38.48 29.34
CA ALA D 129 -50.46 37.15 29.22
C ALA D 129 -48.96 37.29 29.11
N GLN D 130 -48.52 38.35 28.45
CA GLN D 130 -47.10 38.62 28.29
C GLN D 130 -46.50 39.01 29.65
N ALA D 131 -47.13 39.96 30.33
CA ALA D 131 -46.69 40.40 31.64
C ALA D 131 -46.52 39.22 32.60
N ALA D 132 -47.37 38.21 32.45
CA ALA D 132 -47.31 37.02 33.30
C ALA D 132 -46.37 35.95 32.74
N ALA D 133 -46.24 35.88 31.41
CA ALA D 133 -45.37 34.90 30.79
C ALA D 133 -43.93 35.31 31.06
N ARG D 134 -43.74 36.62 31.21
CA ARG D 134 -42.44 37.21 31.48
C ARG D 134 -42.09 36.90 32.91
N ALA D 135 -42.96 37.28 33.85
CA ALA D 135 -42.70 36.99 35.25
C ALA D 135 -42.33 35.52 35.47
N LEU D 136 -42.98 34.63 34.72
CA LEU D 136 -42.75 33.18 34.80
C LEU D 136 -41.46 32.73 34.14
N LEU D 137 -41.28 33.09 32.87
CA LEU D 137 -40.09 32.75 32.10
C LEU D 137 -38.78 33.31 32.75
N GLU D 138 -38.91 34.21 33.73
CA GLU D 138 -37.73 34.81 34.37
C GLU D 138 -37.60 34.60 35.87
N ASN D 139 -38.52 33.85 36.48
CA ASN D 139 -38.46 33.65 37.93
C ASN D 139 -38.86 32.25 38.34
N THR D 140 -39.02 31.38 37.34
CA THR D 140 -39.38 29.98 37.59
C THR D 140 -38.81 29.07 36.52
N GLU D 141 -38.76 27.78 36.85
CA GLU D 141 -38.24 26.76 35.96
C GLU D 141 -39.35 26.00 35.21
N LEU D 142 -40.59 26.49 35.30
CA LEU D 142 -41.74 25.88 34.62
C LEU D 142 -41.44 25.82 33.11
N SER D 143 -41.96 24.79 32.44
CA SER D 143 -41.73 24.55 31.01
C SER D 143 -42.53 25.46 30.07
N ALA D 144 -42.13 25.47 28.80
CA ALA D 144 -42.80 26.26 27.76
C ALA D 144 -44.33 26.15 27.86
N ARG D 145 -44.82 24.92 28.04
CA ARG D 145 -46.26 24.67 28.13
C ARG D 145 -46.95 25.15 29.42
N GLU D 146 -46.32 24.93 30.59
CA GLU D 146 -46.93 25.35 31.85
C GLU D 146 -47.06 26.88 31.94
N ILE D 147 -46.09 27.56 31.33
CA ILE D 147 -46.04 29.01 31.29
C ILE D 147 -47.18 29.54 30.39
N ALA D 148 -47.22 29.09 29.14
CA ALA D 148 -48.28 29.49 28.20
C ALA D 148 -49.65 29.31 28.84
N GLU D 149 -49.80 28.22 29.60
CA GLU D 149 -51.03 27.90 30.29
C GLU D 149 -51.40 28.87 31.38
N LYS D 150 -50.56 28.94 32.41
CA LYS D 150 -50.82 29.82 33.56
C LYS D 150 -50.91 31.27 33.10
N ALA D 151 -50.17 31.59 32.03
CA ALA D 151 -50.16 32.92 31.44
C ALA D 151 -51.52 33.21 30.81
N LEU D 152 -52.03 32.23 30.06
CA LEU D 152 -53.33 32.29 29.38
C LEU D 152 -54.49 32.33 30.38
N ASP D 153 -54.32 31.74 31.54
CA ASP D 153 -55.37 31.80 32.53
C ASP D 153 -55.43 33.20 33.08
N ILE D 154 -54.26 33.76 33.38
CA ILE D 154 -54.18 35.12 33.92
C ILE D 154 -54.80 36.12 32.92
N ALA D 155 -54.55 35.92 31.63
CA ALA D 155 -55.16 36.78 30.63
C ALA D 155 -56.68 36.61 30.84
N GLY D 156 -57.19 35.39 30.68
CA GLY D 156 -58.60 35.12 30.88
C GLY D 156 -59.22 35.67 32.16
N ASP D 157 -58.45 35.78 33.25
CA ASP D 157 -58.97 36.28 34.54
C ASP D 157 -59.06 37.80 34.62
N ILE D 158 -58.36 38.47 33.71
CA ILE D 158 -58.33 39.94 33.67
C ILE D 158 -59.11 40.45 32.46
N CYS D 159 -58.86 39.83 31.31
CA CYS D 159 -59.50 40.23 30.06
C CYS D 159 -60.96 39.80 29.96
N ILE D 160 -61.81 40.81 29.73
CA ILE D 160 -63.24 40.69 29.57
C ILE D 160 -63.55 40.00 28.26
N TYR D 161 -62.56 39.90 27.36
CA TYR D 161 -62.73 39.28 26.02
C TYR D 161 -62.00 37.95 25.88
N THR D 162 -61.50 37.44 26.99
CA THR D 162 -60.77 36.19 26.99
C THR D 162 -61.36 35.31 28.08
N ASN D 163 -61.48 34.02 27.73
CA ASN D 163 -62.01 32.99 28.63
C ASN D 163 -61.01 31.86 28.93
N HIS D 164 -61.47 30.82 29.63
CA HIS D 164 -60.61 29.71 30.01
C HIS D 164 -60.67 28.39 29.25
N PHE D 165 -61.18 28.44 28.03
CA PHE D 165 -61.22 27.26 27.20
C PHE D 165 -59.88 27.35 26.49
N HIS D 166 -59.10 26.29 26.52
CA HIS D 166 -57.79 26.35 25.86
C HIS D 166 -57.62 25.38 24.71
N THR D 167 -56.66 25.69 23.86
CA THR D 167 -56.26 24.86 22.77
C THR D 167 -54.76 25.14 22.77
N ILE D 168 -53.97 24.10 23.07
CA ILE D 168 -52.51 24.22 23.10
C ILE D 168 -51.88 23.36 21.99
N GLU D 169 -50.68 23.72 21.55
CA GLU D 169 -50.03 22.94 20.50
C GLU D 169 -48.51 22.95 20.65
N GLU D 170 -48.00 21.98 21.39
CA GLU D 170 -46.56 21.83 21.63
C GLU D 170 -45.81 21.27 20.42
N LEU D 171 -44.49 21.32 20.48
CA LEU D 171 -43.63 20.83 19.41
C LEU D 171 -42.23 20.63 20.01
N SER D 172 -41.89 19.38 20.37
CA SER D 172 -40.59 19.05 20.96
C SER D 172 -39.55 18.82 19.85
N TYR D 173 -38.37 19.43 20.02
CA TYR D 173 -37.31 19.30 19.02
C TYR D 173 -35.92 19.22 19.64
N LYS D 174 -34.91 19.70 18.91
CA LYS D 174 -33.51 19.69 19.37
C LYS D 174 -33.20 20.91 20.26
N HIS E 7 -6.16 17.23 -4.64
CA HIS E 7 -6.23 16.30 -5.75
C HIS E 7 -7.64 15.75 -6.02
N SER E 8 -8.28 15.15 -5.00
CA SER E 8 -9.63 14.62 -5.19
C SER E 8 -10.55 15.81 -5.48
N GLU E 9 -11.73 15.53 -6.01
CA GLU E 9 -12.65 16.59 -6.36
C GLU E 9 -13.90 16.60 -5.48
N MET E 10 -13.79 15.97 -4.31
CA MET E 10 -14.89 15.89 -3.35
C MET E 10 -15.22 17.27 -2.81
N THR E 11 -16.51 17.60 -2.80
CA THR E 11 -16.95 18.88 -2.27
C THR E 11 -16.73 18.83 -0.75
N PRO E 12 -16.75 19.99 -0.08
CA PRO E 12 -16.54 20.03 1.36
C PRO E 12 -17.47 19.09 2.14
N ARG E 13 -18.76 19.06 1.81
CA ARG E 13 -19.70 18.17 2.51
C ARG E 13 -19.33 16.73 2.23
N GLU E 14 -18.94 16.45 0.99
CA GLU E 14 -18.51 15.10 0.61
C GLU E 14 -17.34 14.64 1.50
N ILE E 15 -16.43 15.56 1.79
CA ILE E 15 -15.29 15.26 2.62
C ILE E 15 -15.77 15.02 4.05
N VAL E 16 -16.68 15.89 4.50
CA VAL E 16 -17.15 15.78 5.87
C VAL E 16 -17.85 14.45 6.14
N SER E 17 -18.58 13.99 5.12
CA SER E 17 -19.33 12.76 5.18
C SER E 17 -18.43 11.58 5.30
N GLU E 18 -17.38 11.64 4.51
CA GLU E 18 -16.38 10.59 4.46
C GLU E 18 -15.61 10.57 5.78
N LEU E 19 -15.56 11.71 6.46
CA LEU E 19 -14.86 11.82 7.74
C LEU E 19 -15.81 11.34 8.83
N ASP E 20 -17.10 11.59 8.63
CA ASP E 20 -18.11 11.16 9.57
C ASP E 20 -18.04 9.68 9.69
N LYS E 21 -17.42 9.03 8.72
CA LYS E 21 -17.29 7.58 8.74
C LYS E 21 -16.31 7.12 9.79
N HIS E 22 -15.50 8.02 10.29
CA HIS E 22 -14.49 7.59 11.23
C HIS E 22 -14.44 8.31 12.54
N ILE E 23 -14.95 9.53 12.53
CA ILE E 23 -14.95 10.37 13.71
C ILE E 23 -16.34 10.76 14.17
N ILE E 24 -16.68 10.40 15.39
CA ILE E 24 -17.96 10.82 15.93
C ILE E 24 -17.93 12.30 16.33
N GLY E 25 -18.89 13.08 15.85
CA GLY E 25 -18.96 14.46 16.25
C GLY E 25 -17.87 15.37 15.76
N GLN E 26 -17.63 16.46 16.48
CA GLN E 26 -16.62 17.43 16.09
C GLN E 26 -16.89 17.84 14.63
N ASP E 27 -18.09 18.36 14.39
CA ASP E 27 -18.44 18.76 13.03
C ASP E 27 -17.74 20.04 12.60
N ASN E 28 -17.57 20.98 13.51
CA ASN E 28 -16.90 22.21 13.16
C ASN E 28 -15.48 21.98 12.70
N ALA E 29 -14.79 21.04 13.35
CA ALA E 29 -13.42 20.70 13.03
C ALA E 29 -13.36 19.95 11.70
N LYS E 30 -14.39 19.19 11.41
CA LYS E 30 -14.47 18.45 10.16
C LYS E 30 -14.68 19.45 9.02
N ARG E 31 -15.60 20.39 9.20
CA ARG E 31 -15.85 21.41 8.19
C ARG E 31 -14.60 22.26 7.93
N SER E 32 -13.87 22.52 9.00
CA SER E 32 -12.67 23.35 8.90
C SER E 32 -11.60 22.68 8.09
N VAL E 33 -11.35 21.42 8.40
CA VAL E 33 -10.32 20.65 7.71
C VAL E 33 -10.76 20.34 6.24
N ALA E 34 -12.09 20.26 6.04
CA ALA E 34 -12.67 19.98 4.72
C ALA E 34 -12.33 21.12 3.80
N ILE E 35 -12.79 22.31 4.16
CA ILE E 35 -12.50 23.52 3.35
C ILE E 35 -11.01 23.60 3.00
N ALA E 36 -10.14 23.22 3.94
CA ALA E 36 -8.70 23.28 3.68
C ALA E 36 -8.38 22.40 2.47
N LEU E 37 -8.82 21.15 2.52
CA LEU E 37 -8.57 20.26 1.40
C LEU E 37 -9.20 20.84 0.13
N ARG E 38 -10.49 21.14 0.19
CA ARG E 38 -11.16 21.67 -0.98
C ARG E 38 -10.42 22.82 -1.64
N ASN E 39 -9.72 23.61 -0.83
CA ASN E 39 -8.96 24.73 -1.36
C ASN E 39 -7.79 24.28 -2.21
N ARG E 40 -7.21 23.12 -1.92
CA ARG E 40 -6.07 22.60 -2.71
C ARG E 40 -6.51 22.61 -4.18
N TRP E 41 -7.69 22.02 -4.39
CA TRP E 41 -8.33 21.93 -5.69
C TRP E 41 -8.62 23.33 -6.23
N ARG E 42 -9.37 24.10 -5.46
CA ARG E 42 -9.71 25.47 -5.86
C ARG E 42 -8.52 26.25 -6.36
N ARG E 43 -7.34 26.02 -5.78
CA ARG E 43 -6.18 26.76 -6.22
C ARG E 43 -5.78 26.38 -7.65
N MET E 44 -5.67 25.09 -7.91
CA MET E 44 -5.27 24.60 -9.23
C MET E 44 -6.21 25.11 -10.33
N GLN E 45 -7.43 25.48 -9.93
CA GLN E 45 -8.43 25.99 -10.85
C GLN E 45 -8.21 27.47 -11.17
N LEU E 46 -7.13 28.04 -10.69
CA LEU E 46 -6.86 29.46 -10.95
C LEU E 46 -5.76 29.66 -12.00
N ASN E 47 -5.35 30.93 -12.16
CA ASN E 47 -4.31 31.31 -13.11
C ASN E 47 -2.91 31.28 -12.49
N GLU E 48 -1.89 31.37 -13.33
CA GLU E 48 -0.49 31.35 -12.88
C GLU E 48 -0.27 32.25 -11.65
N GLU E 49 -0.55 33.54 -11.79
CA GLU E 49 -0.36 34.49 -10.70
C GLU E 49 -1.02 34.03 -9.42
N LEU E 50 -2.35 34.05 -9.42
CA LEU E 50 -3.09 33.66 -8.23
C LEU E 50 -2.68 32.33 -7.59
N ARG E 51 -2.04 31.43 -8.34
CA ARG E 51 -1.63 30.14 -7.77
C ARG E 51 -0.40 30.25 -6.90
N HIS E 52 0.36 31.33 -7.05
CA HIS E 52 1.55 31.53 -6.23
C HIS E 52 1.06 32.25 -5.01
N GLU E 53 0.21 33.25 -5.21
CA GLU E 53 -0.33 34.05 -4.10
C GLU E 53 -1.22 33.30 -3.08
N VAL E 54 -2.03 32.36 -3.56
CA VAL E 54 -2.89 31.60 -2.66
C VAL E 54 -2.11 30.48 -1.93
N THR E 55 -1.98 30.65 -0.61
CA THR E 55 -1.29 29.70 0.27
C THR E 55 -2.30 28.98 1.15
N PRO E 56 -1.92 27.83 1.67
CA PRO E 56 -2.83 27.08 2.54
C PRO E 56 -3.35 27.88 3.71
N LYS E 57 -4.62 27.62 4.02
CA LYS E 57 -5.31 28.24 5.14
C LYS E 57 -5.04 27.26 6.25
N ASN E 58 -3.89 27.41 6.90
CA ASN E 58 -3.53 26.51 7.97
C ASN E 58 -4.49 26.62 9.16
N ILE E 59 -4.69 25.49 9.81
CA ILE E 59 -5.65 25.37 10.90
C ILE E 59 -5.06 25.13 12.28
N LEU E 60 -5.74 25.70 13.28
CA LEU E 60 -5.35 25.52 14.67
C LEU E 60 -6.51 24.86 15.43
N MET E 61 -6.34 23.59 15.83
CA MET E 61 -7.38 22.91 16.59
C MET E 61 -7.12 23.11 18.05
N ILE E 62 -8.18 23.48 18.75
CA ILE E 62 -8.17 23.73 20.19
C ILE E 62 -9.12 22.75 20.90
N GLY E 63 -8.60 21.96 21.84
CA GLY E 63 -9.45 21.00 22.54
C GLY E 63 -8.72 20.07 23.50
N PRO E 64 -9.45 19.43 24.41
CA PRO E 64 -8.88 18.50 25.39
C PRO E 64 -8.34 17.23 24.71
N THR E 65 -7.60 16.36 25.43
CA THR E 65 -7.07 15.13 24.81
C THR E 65 -8.09 14.09 24.45
N GLY E 66 -7.70 13.28 23.46
CA GLY E 66 -8.47 12.17 22.98
C GLY E 66 -9.90 12.46 22.62
N VAL E 67 -10.13 13.56 21.93
CA VAL E 67 -11.49 13.87 21.51
C VAL E 67 -11.52 13.94 19.98
N GLY E 68 -10.41 13.62 19.33
CA GLY E 68 -10.43 13.60 17.87
C GLY E 68 -9.53 14.48 17.00
N LYS E 69 -8.66 15.29 17.59
CA LYS E 69 -7.84 16.16 16.80
C LYS E 69 -6.94 15.41 15.81
N THR E 70 -6.08 14.54 16.28
CA THR E 70 -5.25 13.81 15.35
C THR E 70 -6.09 13.02 14.36
N GLU E 71 -7.03 12.21 14.87
CA GLU E 71 -7.83 11.36 13.99
C GLU E 71 -8.33 12.08 12.78
N ILE E 72 -9.03 13.18 13.01
CA ILE E 72 -9.58 13.98 11.93
C ILE E 72 -8.48 14.29 10.93
N ALA E 73 -7.29 14.61 11.44
CA ALA E 73 -6.13 14.95 10.61
C ALA E 73 -5.59 13.76 9.82
N ARG E 74 -5.46 12.62 10.47
CA ARG E 74 -4.99 11.42 9.83
C ARG E 74 -5.95 11.04 8.72
N ARG E 75 -7.25 10.97 9.04
CA ARG E 75 -8.25 10.58 8.06
C ARG E 75 -8.49 11.60 6.99
N LEU E 76 -7.94 12.79 7.14
CA LEU E 76 -8.12 13.79 6.10
C LEU E 76 -7.02 13.47 5.07
N ALA E 77 -5.81 13.24 5.57
CA ALA E 77 -4.63 12.92 4.78
C ALA E 77 -4.90 11.66 4.04
N LYS E 78 -5.37 10.67 4.79
CA LYS E 78 -5.67 9.37 4.21
C LYS E 78 -6.79 9.47 3.18
N LEU E 79 -7.60 10.49 3.29
CA LEU E 79 -8.67 10.67 2.34
C LEU E 79 -8.15 11.29 1.04
N ALA E 80 -7.20 12.22 1.15
CA ALA E 80 -6.62 12.89 -0.01
C ALA E 80 -5.32 12.22 -0.45
N ASN E 81 -5.08 11.01 0.05
CA ASN E 81 -3.85 10.27 -0.26
C ASN E 81 -2.60 11.18 -0.11
N ALA E 82 -2.61 12.03 0.91
CA ALA E 82 -1.50 12.94 1.14
C ALA E 82 -0.48 12.39 2.12
N PRO E 83 0.78 12.84 2.02
CA PRO E 83 1.87 12.41 2.91
C PRO E 83 1.58 13.11 4.26
N PHE E 84 1.64 12.36 5.34
CA PHE E 84 1.28 12.92 6.62
C PHE E 84 2.25 12.60 7.74
N ILE E 85 2.63 13.63 8.51
CA ILE E 85 3.50 13.38 9.66
C ILE E 85 2.94 14.08 10.90
N LYS E 86 3.22 13.53 12.08
CA LYS E 86 2.73 14.13 13.30
C LYS E 86 3.90 14.46 14.19
N VAL E 87 4.20 15.74 14.35
CA VAL E 87 5.32 16.09 15.20
C VAL E 87 4.90 16.74 16.47
N GLU E 88 5.55 16.38 17.56
CA GLU E 88 5.25 16.94 18.88
C GLU E 88 6.13 18.20 19.04
N ALA E 89 5.49 19.36 19.15
CA ALA E 89 6.23 20.62 19.25
C ALA E 89 7.36 20.69 20.25
N THR E 90 7.14 20.20 21.46
CA THR E 90 8.16 20.27 22.50
C THR E 90 9.41 19.45 22.20
N LYS E 91 9.34 18.62 21.18
CA LYS E 91 10.49 17.83 20.80
C LYS E 91 11.69 18.76 20.69
N PHE E 92 11.46 19.87 19.99
CA PHE E 92 12.49 20.85 19.71
C PHE E 92 12.84 21.77 20.85
N THR E 93 12.11 21.71 21.97
CA THR E 93 12.40 22.56 23.13
C THR E 93 13.85 22.41 23.51
N GLU E 94 14.32 21.17 23.47
CA GLU E 94 15.68 20.84 23.85
C GLU E 94 16.78 21.17 22.85
N VAL E 95 16.44 21.84 21.73
CA VAL E 95 17.45 22.23 20.71
C VAL E 95 18.31 23.41 21.18
N GLY E 96 18.02 23.89 22.41
CA GLY E 96 18.79 24.97 23.01
C GLY E 96 20.10 24.40 23.52
N TYR E 97 20.07 23.09 23.84
CA TYR E 97 21.22 22.34 24.33
C TYR E 97 21.65 21.28 23.30
N VAL E 98 20.73 20.99 22.36
CA VAL E 98 20.86 20.04 21.22
C VAL E 98 19.52 19.36 21.01
N GLY E 99 18.88 19.64 19.89
CA GLY E 99 17.61 19.01 19.63
C GLY E 99 17.56 18.67 18.16
N LYS E 100 16.50 17.99 17.74
CA LYS E 100 16.37 17.67 16.34
C LYS E 100 16.11 19.06 15.71
N GLU E 101 16.57 19.30 14.50
CA GLU E 101 16.32 20.61 13.90
C GLU E 101 14.88 20.54 13.40
N VAL E 102 14.20 21.68 13.33
CA VAL E 102 12.83 21.68 12.89
C VAL E 102 12.72 21.27 11.43
N ASP E 103 13.82 21.38 10.68
CA ASP E 103 13.86 21.01 9.27
C ASP E 103 13.52 19.54 9.16
N SER E 104 13.92 18.78 10.17
CA SER E 104 13.64 17.35 10.22
C SER E 104 12.19 16.99 9.90
N ILE E 105 11.24 17.89 10.20
CA ILE E 105 9.81 17.66 9.93
C ILE E 105 9.56 17.41 8.47
N ILE E 106 10.17 18.24 7.63
CA ILE E 106 10.00 18.11 6.18
C ILE E 106 10.83 16.96 5.63
N ARG E 107 11.88 16.60 6.37
CA ARG E 107 12.72 15.48 5.98
C ARG E 107 11.88 14.22 6.15
N ASP E 108 11.46 13.99 7.39
CA ASP E 108 10.63 12.85 7.77
C ASP E 108 9.37 12.82 6.95
N LEU E 109 8.78 13.98 6.67
CA LEU E 109 7.56 14.01 5.86
C LEU E 109 7.88 13.34 4.54
N THR E 110 9.10 13.54 4.07
CA THR E 110 9.54 12.99 2.78
C THR E 110 9.90 11.49 2.85
N ASP E 111 10.50 11.07 3.95
CA ASP E 111 10.86 9.67 4.15
C ASP E 111 9.60 8.81 4.16
N ALA E 112 8.46 9.43 4.45
CA ALA E 112 7.22 8.70 4.45
C ALA E 112 6.45 9.01 3.15
N ALA E 113 6.85 10.05 2.44
CA ALA E 113 6.20 10.36 1.20
C ALA E 113 6.91 9.45 0.20
N VAL E 114 8.07 8.98 0.65
CA VAL E 114 8.88 8.08 -0.17
C VAL E 114 8.27 6.69 0.02
N LYS E 115 8.39 6.16 1.24
CA LYS E 115 7.84 4.85 1.60
C LYS E 115 6.40 4.65 1.17
N MET E 116 5.76 5.75 0.81
CA MET E 116 4.37 5.74 0.38
C MET E 116 4.35 5.54 -1.12
N VAL E 117 4.99 6.43 -1.86
CA VAL E 117 5.02 6.33 -3.31
C VAL E 117 5.68 5.02 -3.77
N ARG E 118 6.38 4.37 -2.83
CA ARG E 118 7.07 3.10 -3.12
C ARG E 118 6.14 1.90 -2.88
N VAL E 119 5.54 1.82 -1.70
CA VAL E 119 4.62 0.73 -1.38
C VAL E 119 3.40 0.76 -2.28
N GLN E 120 2.99 1.95 -2.70
CA GLN E 120 1.84 2.11 -3.58
C GLN E 120 2.27 1.98 -5.03
N ALA E 121 3.57 1.89 -5.24
CA ALA E 121 4.11 1.72 -6.58
C ALA E 121 4.09 0.20 -6.83
N ILE E 122 4.45 -0.55 -5.78
CA ILE E 122 4.47 -2.01 -5.77
C ILE E 122 3.01 -2.50 -5.78
N GLU E 123 2.13 -1.71 -6.39
CA GLU E 123 0.71 -2.05 -6.47
C GLU E 123 0.38 -2.34 -7.92
N LYS E 124 0.77 -1.41 -8.79
CA LYS E 124 0.55 -1.57 -10.21
C LYS E 124 1.62 -2.56 -10.70
N ASN E 125 2.73 -2.61 -9.96
CA ASN E 125 3.86 -3.50 -10.24
C ASN E 125 3.84 -4.73 -9.32
N ARG E 126 2.68 -5.38 -9.28
CA ARG E 126 2.46 -6.59 -8.48
C ARG E 126 1.59 -7.45 -9.37
N TYR E 127 0.76 -6.79 -10.16
CA TYR E 127 -0.12 -7.45 -11.10
C TYR E 127 0.73 -7.83 -12.32
N ARG E 128 1.22 -6.80 -13.03
CA ARG E 128 2.07 -6.99 -14.21
C ARG E 128 3.42 -7.61 -13.88
N ALA E 129 3.63 -7.97 -12.61
CA ALA E 129 4.88 -8.58 -12.18
C ALA E 129 4.67 -10.08 -12.09
N GLU E 130 3.43 -10.47 -11.78
CA GLU E 130 3.09 -11.89 -11.71
C GLU E 130 2.05 -12.18 -12.78
N GLU E 131 2.39 -11.72 -13.98
CA GLU E 131 1.58 -11.92 -15.16
C GLU E 131 2.60 -11.96 -16.29
N LEU E 132 3.79 -11.46 -15.99
CA LEU E 132 4.90 -11.47 -16.93
C LEU E 132 5.88 -12.45 -16.32
N ALA E 133 5.67 -12.76 -15.05
CA ALA E 133 6.50 -13.70 -14.32
C ALA E 133 6.11 -15.09 -14.77
N GLU E 134 4.85 -15.23 -15.20
CA GLU E 134 4.37 -16.52 -15.68
C GLU E 134 5.12 -16.83 -16.96
N GLU E 135 4.98 -15.96 -17.95
CA GLU E 135 5.64 -16.14 -19.23
C GLU E 135 7.09 -16.61 -19.12
N ARG E 136 7.77 -16.26 -18.03
CA ARG E 136 9.17 -16.66 -17.86
C ARG E 136 9.24 -18.13 -17.42
N ILE E 137 8.33 -18.52 -16.53
CA ILE E 137 8.29 -19.89 -16.01
C ILE E 137 7.58 -20.85 -16.98
N LEU E 138 6.81 -20.29 -17.92
CA LEU E 138 6.11 -21.10 -18.90
C LEU E 138 7.07 -21.44 -20.04
N ASP E 139 7.98 -20.53 -20.34
CA ASP E 139 8.98 -20.69 -21.40
C ASP E 139 10.07 -21.73 -21.07
N VAL E 140 10.04 -22.24 -19.84
CA VAL E 140 10.98 -23.28 -19.41
C VAL E 140 10.14 -24.56 -19.26
N LEU E 141 8.83 -24.41 -19.45
CA LEU E 141 7.89 -25.53 -19.39
C LEU E 141 7.55 -25.93 -20.83
N ILE E 142 7.25 -24.92 -21.65
CA ILE E 142 6.93 -25.07 -23.07
C ILE E 142 7.73 -24.06 -23.89
N PRO E 143 9.05 -24.29 -23.99
CA PRO E 143 9.98 -23.42 -24.75
C PRO E 143 9.43 -23.14 -26.15
N PRO E 144 8.93 -21.90 -26.40
CA PRO E 144 8.36 -21.47 -27.70
C PRO E 144 9.31 -21.65 -28.88
N ALA E 145 9.14 -22.62 -29.53
CA ALA E 145 9.87 -22.97 -30.73
C ALA E 145 10.68 -21.78 -31.23
N LYS E 146 11.74 -22.07 -31.98
CA LYS E 146 12.60 -21.03 -32.52
C LYS E 146 12.03 -20.45 -33.81
N ASN E 147 12.16 -19.13 -33.96
CA ASN E 147 11.66 -18.42 -35.14
C ASN E 147 10.15 -18.63 -35.28
N ASN E 148 9.39 -17.64 -34.80
CA ASN E 148 7.93 -17.70 -34.87
C ASN E 148 7.40 -16.93 -36.07
N TRP E 149 6.35 -17.47 -36.69
CA TRP E 149 5.73 -16.83 -37.84
C TRP E 149 4.59 -15.94 -37.34
N GLY E 150 4.81 -14.64 -37.39
CA GLY E 150 3.81 -13.67 -36.94
C GLY E 150 2.37 -13.94 -37.32
N GLN E 151 1.53 -14.14 -36.30
CA GLN E 151 0.11 -14.39 -36.50
C GLN E 151 -0.64 -14.04 -35.21
N THR E 152 0.13 -13.72 -34.17
CA THR E 152 -0.39 -13.35 -32.86
C THR E 152 -1.15 -14.47 -32.13
N GLU E 153 -2.13 -15.06 -32.81
CA GLU E 153 -2.92 -16.13 -32.21
C GLU E 153 -2.10 -17.42 -32.05
N GLN E 154 -1.01 -17.51 -32.81
CA GLN E 154 -0.13 -18.69 -32.76
C GLN E 154 0.63 -18.82 -31.44
N GLN E 155 0.49 -17.83 -30.56
CA GLN E 155 1.16 -17.87 -29.27
C GLN E 155 0.15 -18.34 -28.22
N GLN E 156 -1.12 -18.23 -28.59
CA GLN E 156 -2.22 -18.66 -27.73
C GLN E 156 -2.46 -20.15 -27.97
N GLU E 157 -1.79 -20.69 -28.99
CA GLU E 157 -1.92 -22.10 -29.35
C GLU E 157 -1.07 -23.03 -28.47
N PRO E 158 0.21 -22.67 -28.23
CA PRO E 158 1.02 -23.56 -27.40
C PRO E 158 0.28 -23.78 -26.09
N SER E 159 -0.58 -22.82 -25.76
CA SER E 159 -1.39 -22.86 -24.56
C SER E 159 -1.99 -24.24 -24.40
N ALA E 160 -2.39 -24.89 -26.96
CA ALA E 160 -3.26 -25.52 -25.97
C ALA E 160 -2.39 -26.07 -24.85
N ALA E 161 -1.18 -26.52 -25.23
CA ALA E 161 -0.22 -27.06 -24.27
C ALA E 161 0.08 -25.97 -23.24
N ARG E 162 0.51 -24.82 -23.76
CA ARG E 162 0.83 -23.63 -22.97
C ARG E 162 -0.20 -23.41 -21.87
N GLN E 163 -1.39 -22.99 -22.27
CA GLN E 163 -2.50 -22.73 -21.34
C GLN E 163 -2.68 -23.80 -20.28
N ALA E 164 -2.44 -25.05 -20.64
CA ALA E 164 -2.57 -26.18 -19.71
C ALA E 164 -1.56 -26.08 -18.56
N PHE E 165 -0.33 -25.70 -18.89
CA PHE E 165 0.74 -25.53 -17.91
C PHE E 165 0.41 -24.31 -17.03
N ARG E 166 -0.10 -23.25 -17.68
CA ARG E 166 -0.47 -22.00 -17.02
C ARG E 166 -1.48 -22.29 -15.90
N LYS E 167 -2.47 -23.12 -16.21
CA LYS E 167 -3.52 -23.50 -15.28
C LYS E 167 -3.01 -24.39 -14.16
N LYS E 168 -1.99 -25.20 -14.45
CA LYS E 168 -1.38 -26.08 -13.44
C LYS E 168 -0.34 -25.23 -12.66
N LEU E 169 -0.28 -23.95 -13.01
CA LEU E 169 0.62 -22.97 -12.38
C LEU E 169 -0.25 -22.13 -11.45
N ARG E 170 -1.40 -22.70 -11.09
CA ARG E 170 -2.37 -22.08 -10.19
C ARG E 170 -2.40 -22.82 -8.85
N GLU E 171 -1.41 -23.68 -8.61
CA GLU E 171 -1.30 -24.46 -7.38
C GLU E 171 0.15 -24.56 -6.91
N GLY E 172 0.43 -26.27 -8.31
CA GLY E 172 1.53 -27.21 -8.17
C GLY E 172 2.81 -26.66 -8.78
N GLN E 173 3.87 -26.63 -7.99
CA GLN E 173 5.14 -26.11 -8.46
C GLN E 173 6.32 -26.83 -7.80
N LEU E 174 7.20 -26.06 -7.17
CA LEU E 174 8.37 -26.59 -6.49
C LEU E 174 9.25 -27.45 -7.39
N ASP E 175 9.20 -27.23 -8.70
CA ASP E 175 10.04 -27.97 -9.64
C ASP E 175 11.40 -27.30 -9.71
N ASP E 176 12.45 -28.09 -9.90
CA ASP E 176 13.80 -27.56 -9.99
C ASP E 176 14.17 -27.22 -11.42
N LYS E 177 14.14 -25.93 -11.76
CA LYS E 177 14.50 -25.51 -13.09
C LYS E 177 15.62 -24.49 -13.06
N GLU E 178 15.68 -23.67 -14.10
CA GLU E 178 16.72 -22.64 -14.22
C GLU E 178 16.31 -21.66 -15.31
N ILE E 179 16.29 -20.38 -14.99
CA ILE E 179 15.90 -19.39 -15.99
C ILE E 179 16.84 -18.21 -16.14
N GLU E 180 16.52 -17.36 -17.11
CA GLU E 180 17.29 -16.17 -17.43
C GLU E 180 16.46 -14.93 -17.07
N LYS E 216 24.16 -9.36 -16.15
CA LYS E 216 23.52 -9.59 -14.83
C LYS E 216 22.05 -9.96 -14.98
N GLN E 217 21.80 -11.18 -15.42
CA GLN E 217 20.44 -11.65 -15.62
C GLN E 217 20.10 -12.84 -14.75
N LYS E 218 20.60 -14.02 -15.13
CA LYS E 218 20.35 -15.23 -14.37
C LYS E 218 21.22 -16.42 -14.80
N ALA E 219 20.55 -17.51 -15.19
CA ALA E 219 21.20 -18.76 -15.62
C ALA E 219 21.49 -19.67 -14.43
N ARG E 220 20.80 -19.41 -13.32
CA ARG E 220 20.97 -20.18 -12.09
C ARG E 220 19.94 -21.31 -12.00
N LYS E 221 20.35 -22.40 -11.35
CA LYS E 221 19.47 -23.57 -11.18
C LYS E 221 18.98 -23.70 -9.74
N LEU E 222 17.77 -23.23 -9.49
CA LEU E 222 17.19 -23.30 -8.16
C LEU E 222 15.92 -24.14 -8.16
N LYS E 223 14.86 -23.61 -7.55
CA LYS E 223 13.58 -24.30 -7.50
C LYS E 223 12.49 -23.33 -7.92
N ILE E 224 11.57 -23.79 -8.74
CA ILE E 224 10.49 -22.94 -9.25
C ILE E 224 9.82 -22.12 -8.14
N LYS E 225 9.81 -22.66 -6.93
CA LYS E 225 9.20 -21.96 -5.81
C LYS E 225 9.82 -20.58 -5.68
N ASP E 226 11.10 -20.55 -5.33
CA ASP E 226 11.83 -19.30 -5.16
C ASP E 226 11.86 -18.50 -6.47
N ALA E 227 11.03 -19.89 -8.50
CA ALA E 227 11.60 -18.80 -9.27
C ALA E 227 10.48 -17.81 -9.54
N MET E 228 9.24 -18.30 -9.49
CA MET E 228 8.05 -17.48 -9.72
C MET E 228 8.00 -16.36 -8.68
N LYS E 229 8.84 -16.50 -7.65
CA LYS E 229 8.94 -15.50 -6.59
C LYS E 229 9.99 -14.50 -7.04
N LEU E 230 11.20 -15.00 -7.31
CA LEU E 230 12.31 -14.18 -7.79
C LEU E 230 11.88 -13.32 -8.99
N LEU E 231 11.03 -13.88 -9.86
CA LEU E 231 10.54 -13.19 -11.05
C LEU E 231 9.62 -12.01 -10.76
N ILE E 232 8.84 -12.11 -9.68
CA ILE E 232 7.94 -11.02 -9.31
C ILE E 232 8.79 -9.79 -9.02
N GLU E 233 9.94 -10.03 -8.39
CA GLU E 233 10.91 -8.98 -8.06
C GLU E 233 11.42 -8.39 -9.38
N GLU E 234 12.32 -9.12 -10.01
CA GLU E 234 12.95 -8.78 -11.29
C GLU E 234 12.04 -8.13 -12.33
N GLU E 235 10.81 -8.61 -12.43
CA GLU E 235 9.89 -8.07 -13.41
C GLU E 235 9.25 -6.77 -12.92
N ALA E 236 8.88 -6.73 -11.64
CA ALA E 236 8.28 -5.52 -11.06
C ALA E 236 9.29 -4.37 -11.08
N ALA E 237 10.52 -4.69 -10.68
CA ALA E 237 11.65 -3.73 -10.64
C ALA E 237 12.05 -3.29 -12.06
N LYS E 238 11.79 -4.15 -13.04
CA LYS E 238 12.10 -3.84 -14.44
C LYS E 238 11.04 -2.85 -14.92
N LEU E 239 9.93 -2.84 -14.19
CA LEU E 239 8.82 -1.96 -14.52
C LEU E 239 8.82 -0.72 -13.64
N VAL E 240 9.80 -0.60 -12.74
CA VAL E 240 9.89 0.56 -11.85
C VAL E 240 10.95 1.61 -12.25
N ASN E 241 10.56 2.87 -12.18
CA ASN E 241 11.41 4.00 -12.52
C ASN E 241 11.93 4.62 -11.22
N PRO E 242 13.08 4.15 -10.71
CA PRO E 242 13.67 4.66 -9.45
C PRO E 242 13.80 6.19 -9.33
N GLU E 243 13.98 6.85 -10.46
CA GLU E 243 14.13 8.32 -10.52
C GLU E 243 12.78 9.03 -10.54
N GLU E 244 11.86 8.54 -11.38
CA GLU E 244 10.53 9.13 -11.49
C GLU E 244 9.64 8.55 -10.39
N LEU E 245 10.27 8.14 -9.31
CA LEU E 245 9.59 7.56 -8.15
C LEU E 245 9.99 8.51 -7.02
N LYS E 246 11.30 8.51 -6.73
CA LYS E 246 11.88 9.36 -5.70
C LYS E 246 11.69 10.83 -6.05
N GLN E 247 11.16 11.12 -7.23
CA GLN E 247 10.92 12.50 -7.61
C GLN E 247 9.44 12.78 -7.48
N ASP E 248 8.66 11.72 -7.26
CA ASP E 248 7.20 11.81 -7.11
C ASP E 248 6.82 12.17 -5.68
N ALA E 249 7.55 11.58 -4.73
CA ALA E 249 7.33 11.83 -3.31
C ALA E 249 7.43 13.34 -3.04
N ILE E 250 8.46 13.97 -3.60
CA ILE E 250 8.68 15.39 -3.42
C ILE E 250 7.47 16.18 -3.92
N ASP E 251 6.99 15.82 -5.09
CA ASP E 251 5.86 16.49 -5.70
C ASP E 251 4.62 16.39 -4.80
N ALA E 252 4.51 15.26 -4.11
CA ALA E 252 3.41 15.01 -3.19
C ALA E 252 3.57 15.93 -1.99
N VAL E 253 4.73 15.82 -1.34
CA VAL E 253 5.04 16.64 -0.18
C VAL E 253 4.74 18.13 -0.42
N GLU E 254 5.26 18.66 -1.53
CA GLU E 254 5.02 20.06 -1.81
C GLU E 254 3.58 20.39 -2.16
N GLN E 255 2.90 19.45 -2.80
CA GLN E 255 1.52 19.66 -3.24
C GLN E 255 0.37 19.20 -2.35
N HIS E 256 0.59 18.11 -1.62
CA HIS E 256 -0.43 17.57 -0.76
C HIS E 256 -0.03 17.38 0.69
N GLY E 257 1.24 17.61 0.98
CA GLY E 257 1.78 17.44 2.32
C GLY E 257 0.92 17.97 3.46
N ILE E 258 0.90 17.19 4.55
CA ILE E 258 0.15 17.57 5.72
C ILE E 258 0.98 17.36 6.99
N VAL E 259 1.22 18.47 7.69
CA VAL E 259 1.97 18.37 8.91
C VAL E 259 1.04 18.70 10.07
N PHE E 260 0.95 17.77 11.02
CA PHE E 260 0.13 17.99 12.21
C PHE E 260 1.11 18.29 13.33
N ILE E 261 1.16 19.55 13.76
CA ILE E 261 2.06 19.91 14.85
C ILE E 261 1.33 19.88 16.19
N ASP E 262 1.44 18.77 16.89
CA ASP E 262 0.82 18.57 18.21
C ASP E 262 1.42 19.43 19.33
N GLU E 263 0.59 19.68 20.34
CA GLU E 263 0.93 20.46 21.53
C GLU E 263 1.60 21.79 21.24
N ILE E 264 1.14 22.50 20.23
CA ILE E 264 1.82 23.75 19.95
C ILE E 264 1.60 24.75 21.09
N ASP E 265 0.56 24.54 21.89
CA ASP E 265 0.34 25.45 23.01
C ASP E 265 1.44 25.32 24.03
N LYS E 266 2.09 24.16 24.05
CA LYS E 266 3.17 23.93 25.00
C LYS E 266 4.47 24.64 24.57
N ILE E 267 4.43 25.45 23.51
CA ILE E 267 5.63 26.17 23.14
C ILE E 267 5.32 27.66 23.12
N CYS E 268 4.27 28.03 23.84
CA CYS E 268 3.89 29.44 23.97
C CYS E 268 4.49 29.99 25.23
N LYS E 269 4.80 31.27 25.21
CA LYS E 269 5.37 31.91 26.37
C LYS E 269 4.39 31.76 27.50
N ARG E 270 4.93 31.58 28.70
CA ARG E 270 4.13 31.44 29.92
C ARG E 270 4.79 32.21 31.07
N GLY E 271 4.07 33.18 31.63
CA GLY E 271 4.60 33.94 32.75
C GLY E 271 4.87 32.99 33.91
N GLU E 272 6.02 32.34 33.88
CA GLU E 272 6.42 31.38 34.92
C GLU E 272 7.94 31.35 35.01
N SER E 273 8.58 31.66 33.88
CA SER E 273 10.05 31.70 33.75
C SER E 273 10.42 32.38 32.43
N SER E 274 11.70 32.73 32.24
CA SER E 274 12.13 33.37 31.00
C SER E 274 13.00 32.45 30.17
N GLY E 275 13.85 31.67 30.84
CA GLY E 275 14.71 30.75 30.13
C GLY E 275 13.92 29.78 29.26
N PRO E 276 12.93 29.06 29.83
CA PRO E 276 12.12 28.12 29.05
C PRO E 276 11.16 28.83 28.09
N ASP E 277 11.31 30.15 27.97
CA ASP E 277 10.48 30.97 27.07
C ASP E 277 11.24 31.30 25.78
N VAL E 278 12.54 31.60 25.90
CA VAL E 278 13.35 31.87 24.72
C VAL E 278 13.43 30.50 24.06
N SER E 279 13.33 29.47 24.90
CA SER E 279 13.37 28.09 24.45
C SER E 279 12.04 27.79 23.71
N ARG E 280 10.92 28.05 24.40
CA ARG E 280 9.59 27.85 23.83
C ARG E 280 9.47 28.64 22.53
N GLU E 281 9.48 29.97 22.66
CA GLU E 281 9.38 30.89 21.53
C GLU E 281 10.42 30.58 20.44
N GLY E 282 11.53 29.98 20.84
CA GLY E 282 12.55 29.65 19.87
C GLY E 282 11.99 28.70 18.83
N VAL E 283 11.33 27.64 19.32
CA VAL E 283 10.71 26.62 18.49
C VAL E 283 9.66 27.24 17.56
N GLN E 284 9.09 28.37 17.98
CA GLN E 284 8.09 29.03 17.16
C GLN E 284 8.79 29.75 16.03
N ARG E 285 9.90 30.43 16.33
CA ARG E 285 10.67 31.13 15.30
C ARG E 285 11.28 30.12 14.34
N ASP E 286 11.66 28.98 14.88
CA ASP E 286 12.26 27.91 14.10
C ASP E 286 11.22 27.28 13.16
N LEU E 287 9.96 27.31 13.59
CA LEU E 287 8.83 26.77 12.82
C LEU E 287 8.38 27.82 11.82
N LEU E 288 8.62 29.06 12.21
CA LEU E 288 8.18 30.16 11.40
C LEU E 288 8.44 29.96 9.89
N PRO E 289 9.69 29.74 9.46
CA PRO E 289 9.97 29.55 8.03
C PRO E 289 9.21 28.42 7.31
N LEU E 290 9.01 27.25 7.94
CA LEU E 290 8.28 26.14 7.33
C LEU E 290 6.86 26.55 6.93
N VAL E 291 6.15 27.27 7.81
CA VAL E 291 4.76 27.68 7.49
C VAL E 291 4.63 28.96 6.67
N GLU E 292 5.70 29.74 6.60
CA GLU E 292 5.69 30.98 5.84
C GLU E 292 6.07 30.63 4.40
N GLY E 293 6.82 29.53 4.25
CA GLY E 293 7.26 29.09 2.94
C GLY E 293 8.77 29.10 2.79
N CYS E 294 9.43 27.97 2.81
CA CYS E 294 10.88 27.98 2.67
C CYS E 294 11.41 26.77 1.88
N THR E 295 12.71 26.54 1.89
CA THR E 295 13.20 25.38 1.16
C THR E 295 14.11 24.54 2.01
N VAL E 296 13.73 23.27 2.17
CA VAL E 296 14.52 22.33 2.98
C VAL E 296 15.20 21.30 2.06
N SER E 297 16.37 20.85 2.52
CA SER E 297 17.20 19.86 1.83
C SER E 297 16.85 18.45 2.27
N THR E 298 16.45 17.63 1.30
CA THR E 298 16.10 16.23 1.53
C THR E 298 17.22 15.38 0.98
N LYS E 299 17.33 14.16 1.51
CA LYS E 299 18.30 13.22 1.01
C LYS E 299 17.53 12.45 -0.07
N HIS E 300 16.56 13.13 -0.71
CA HIS E 300 15.73 12.55 -1.78
C HIS E 300 15.47 13.71 -2.70
N GLY E 301 16.01 14.86 -2.33
CA GLY E 301 15.81 16.04 -3.14
C GLY E 301 15.79 17.33 -2.35
N MET E 302 15.06 18.32 -2.87
CA MET E 302 14.99 19.64 -2.25
C MET E 302 13.53 20.03 -2.21
N VAL E 303 12.95 20.00 -1.02
CA VAL E 303 11.54 20.33 -0.87
C VAL E 303 11.18 21.79 -0.52
N LYS E 304 10.05 22.23 -1.05
CA LYS E 304 9.56 23.57 -0.81
C LYS E 304 8.25 23.42 -0.02
N THR E 305 8.23 23.98 1.18
CA THR E 305 7.09 23.90 2.06
C THR E 305 5.90 24.80 1.75
N ASP E 306 6.09 25.85 0.95
CA ASP E 306 5.04 26.80 0.62
C ASP E 306 3.60 26.34 0.54
N HIS E 307 3.37 25.14 0.00
CA HIS E 307 2.00 24.66 -0.11
C HIS E 307 1.59 23.50 0.78
N ILE E 308 2.50 23.08 1.66
CA ILE E 308 2.15 22.04 2.60
C ILE E 308 1.08 22.67 3.52
N LEU E 309 0.16 21.83 3.98
CA LEU E 309 -0.90 22.27 4.87
C LEU E 309 -0.49 21.93 6.31
N PHE E 310 -0.62 22.90 7.21
CA PHE E 310 -0.27 22.63 8.59
C PHE E 310 -1.51 22.62 9.47
N ILE E 311 -1.55 21.70 10.39
CA ILE E 311 -2.66 21.63 11.32
C ILE E 311 -1.99 21.60 12.68
N ALA E 312 -2.20 22.63 13.47
CA ALA E 312 -1.57 22.69 14.79
C ALA E 312 -2.66 22.39 15.78
N SER E 313 -2.30 21.84 16.94
CA SER E 313 -3.34 21.60 17.97
C SER E 313 -2.80 21.88 19.35
N GLY E 314 -3.70 22.23 20.24
CA GLY E 314 -3.34 22.51 21.62
C GLY E 314 -4.58 22.39 22.52
N ALA E 315 -4.35 22.28 23.82
CA ALA E 315 -5.45 22.20 24.78
C ALA E 315 -5.77 23.63 25.12
N PHE E 316 -4.74 24.47 25.20
CA PHE E 316 -4.88 25.90 25.51
C PHE E 316 -5.63 26.17 26.82
N GLN E 317 -5.15 25.55 27.89
CA GLN E 317 -5.74 25.75 29.20
C GLN E 317 -4.84 26.71 29.97
N ILE E 318 -3.55 26.65 29.63
CA ILE E 318 -2.51 27.47 30.22
C ILE E 318 -2.16 28.65 29.31
N ALA E 319 -2.16 28.47 28.00
CA ALA E 319 -1.87 29.60 27.11
C ALA E 319 -3.07 29.83 26.23
N LYS E 320 -3.00 30.85 25.39
CA LYS E 320 -4.08 31.15 24.48
C LYS E 320 -3.47 31.30 23.07
N PRO E 321 -4.25 31.01 22.03
CA PRO E 321 -3.70 31.15 20.69
C PRO E 321 -3.04 32.53 20.44
N SER E 322 -3.44 33.51 21.23
CA SER E 322 -2.92 34.87 21.07
C SER E 322 -1.54 35.06 21.69
N ASP E 323 -1.01 34.01 22.35
CA ASP E 323 0.33 34.02 22.97
C ASP E 323 1.33 33.46 21.99
N LEU E 324 0.81 32.99 20.86
CA LEU E 324 1.60 32.45 19.80
C LEU E 324 2.25 33.72 19.25
N ILE E 325 3.39 33.59 18.59
CA ILE E 325 4.02 34.77 18.05
C ILE E 325 3.18 35.31 16.90
N PRO E 326 3.10 36.64 16.75
CA PRO E 326 2.29 37.25 15.69
C PRO E 326 2.51 36.68 14.30
N GLU E 327 3.76 36.41 13.94
CA GLU E 327 4.03 35.84 12.64
C GLU E 327 3.34 34.46 12.49
N LEU E 328 3.10 33.75 13.59
CA LEU E 328 2.44 32.43 13.54
C LEU E 328 0.93 32.54 13.54
N GLN E 329 0.40 33.44 14.38
CA GLN E 329 -1.05 33.65 14.40
C GLN E 329 -1.47 33.96 12.96
N GLY E 330 -0.64 34.70 12.25
CA GLY E 330 -0.97 35.06 10.88
C GLY E 330 -1.08 33.87 9.96
N ARG E 331 -0.16 32.92 10.13
CA ARG E 331 -0.12 31.73 9.30
C ARG E 331 -1.04 30.59 9.78
N LEU E 332 -1.88 30.87 10.77
CA LEU E 332 -2.83 29.91 11.35
C LEU E 332 -4.24 30.55 11.31
N PRO E 333 -4.67 31.04 10.15
CA PRO E 333 -5.97 31.69 9.91
C PRO E 333 -7.26 31.00 10.41
N ILE E 334 -7.30 29.68 10.33
CA ILE E 334 -8.48 28.93 10.78
C ILE E 334 -8.34 28.49 12.25
N ARG E 335 -9.31 28.87 13.06
CA ARG E 335 -9.29 28.48 14.47
C ARG E 335 -10.58 27.68 14.66
N VAL E 336 -10.46 26.49 15.23
CA VAL E 336 -11.64 25.64 15.46
C VAL E 336 -11.56 24.95 16.81
N GLU E 337 -12.69 24.86 17.49
CA GLU E 337 -12.70 24.17 18.78
C GLU E 337 -13.37 22.83 18.67
N LEU E 338 -12.89 21.88 19.45
CA LEU E 338 -13.47 20.56 19.44
C LEU E 338 -13.92 20.37 20.86
N GLN E 339 -15.10 19.79 21.00
CA GLN E 339 -15.75 19.53 22.28
C GLN E 339 -15.25 18.33 23.00
N ALA E 340 -15.45 18.30 24.31
CA ALA E 340 -15.06 17.14 25.10
C ALA E 340 -16.09 16.10 24.75
N LEU E 341 -15.72 14.84 24.76
CA LEU E 341 -16.68 13.80 24.41
C LEU E 341 -17.58 13.42 25.58
N THR E 342 -18.83 13.15 25.25
CA THR E 342 -19.82 12.73 26.27
C THR E 342 -19.94 11.21 26.25
N THR E 343 -20.72 10.65 27.16
CA THR E 343 -20.87 9.20 27.22
C THR E 343 -21.65 8.70 26.01
N SER E 344 -22.45 9.59 25.44
CA SER E 344 -23.25 9.25 24.28
C SER E 344 -22.25 9.14 23.13
N ASP E 345 -21.31 10.07 23.11
CA ASP E 345 -20.25 10.06 22.10
C ASP E 345 -19.45 8.75 22.25
N PHE E 346 -19.14 8.38 23.48
CA PHE E 346 -18.42 7.13 23.75
C PHE E 346 -19.14 5.88 23.26
N GLU E 347 -20.47 5.84 23.37
CA GLU E 347 -21.22 4.68 22.93
C GLU E 347 -21.15 4.54 21.40
N ARG E 348 -21.28 5.68 20.72
CA ARG E 348 -21.25 5.70 19.27
C ARG E 348 -19.85 5.32 18.76
N ILE E 349 -18.83 5.90 19.39
CA ILE E 349 -17.47 5.63 19.02
C ILE E 349 -17.18 4.15 19.15
N LEU E 350 -17.85 3.51 20.09
CA LEU E 350 -17.69 2.08 20.34
C LEU E 350 -18.22 1.19 19.19
N THR E 351 -19.20 1.70 18.45
CA THR E 351 -19.79 0.89 17.40
C THR E 351 -19.95 1.45 15.99
N GLU E 352 -20.19 2.76 15.86
CA GLU E 352 -20.43 3.35 14.57
C GLU E 352 -19.29 3.53 13.57
N PRO E 353 -18.12 4.00 14.02
CA PRO E 353 -17.04 4.17 13.03
C PRO E 353 -16.83 2.92 12.20
N ASN E 354 -16.25 3.07 11.03
CA ASN E 354 -15.99 1.90 10.20
C ASN E 354 -14.88 1.16 10.89
N ALA E 355 -14.99 -0.16 10.92
CA ALA E 355 -13.97 -0.95 11.61
C ALA E 355 -13.77 -0.29 12.99
N SER E 356 -14.88 -0.13 13.73
CA SER E 356 -14.90 0.43 15.08
C SER E 356 -14.17 -0.58 15.96
N ILE E 357 -13.70 -0.16 17.13
CA ILE E 357 -12.97 -1.09 17.98
C ILE E 357 -13.77 -2.33 18.33
N THR E 358 -15.08 -2.15 18.36
CA THR E 358 -16.05 -3.19 18.66
C THR E 358 -16.14 -4.18 17.50
N VAL E 359 -16.13 -3.65 16.27
CA VAL E 359 -16.20 -4.46 15.07
C VAL E 359 -14.89 -5.19 14.90
N GLN E 360 -13.79 -4.53 15.28
CA GLN E 360 -12.47 -5.13 15.20
C GLN E 360 -12.41 -6.34 16.10
N TYR E 361 -12.97 -6.22 17.30
CA TYR E 361 -12.96 -7.34 18.23
C TYR E 361 -13.72 -8.57 17.72
N LYS E 362 -14.92 -8.32 17.20
CA LYS E 362 -15.80 -9.35 16.64
C LYS E 362 -15.02 -10.08 15.52
N ALA E 363 -14.29 -9.32 14.73
CA ALA E 363 -13.48 -9.85 13.64
C ALA E 363 -12.37 -10.74 14.18
N LEU E 364 -11.60 -10.24 15.13
CA LEU E 364 -10.51 -11.03 15.66
C LEU E 364 -11.02 -12.31 16.30
N MET E 365 -12.13 -12.24 17.02
CA MET E 365 -12.64 -13.46 17.64
C MET E 365 -13.15 -14.48 16.59
N ALA E 366 -13.80 -13.97 15.55
CA ALA E 366 -14.32 -14.79 14.47
C ALA E 366 -13.12 -15.57 14.00
N THR E 367 -12.02 -14.88 13.76
CA THR E 367 -10.78 -15.56 13.35
C THR E 367 -10.60 -16.90 14.12
N GLU E 368 -11.00 -16.91 15.38
CA GLU E 368 -10.83 -18.06 16.26
C GLU E 368 -12.09 -18.96 16.25
N GLY E 369 -13.02 -18.63 15.37
CA GLY E 369 -14.25 -19.38 15.26
C GLY E 369 -15.24 -19.09 16.38
N VAL E 370 -15.15 -17.91 16.98
CA VAL E 370 -16.06 -17.56 18.05
C VAL E 370 -16.90 -16.38 17.62
N ASN E 371 -18.21 -16.48 17.78
CA ASN E 371 -19.05 -15.36 17.43
C ASN E 371 -19.36 -14.52 18.67
N ILE E 372 -18.85 -13.29 18.65
CA ILE E 372 -19.01 -12.31 19.72
C ILE E 372 -20.13 -11.32 19.44
N GLU E 373 -20.96 -11.05 20.44
CA GLU E 373 -22.07 -10.09 20.28
C GLU E 373 -22.18 -9.12 21.45
N PHE E 374 -22.32 -7.84 21.14
CA PHE E 374 -22.46 -6.82 22.19
C PHE E 374 -23.90 -6.34 22.22
N THR E 375 -24.55 -6.45 23.37
CA THR E 375 -25.94 -5.98 23.47
C THR E 375 -25.86 -4.48 23.60
N ASP E 376 -26.97 -3.82 23.34
CA ASP E 376 -26.98 -2.38 23.42
C ASP E 376 -26.59 -1.92 24.81
N SER E 377 -27.03 -2.64 25.83
CA SER E 377 -26.70 -2.23 27.19
C SER E 377 -25.27 -2.56 27.56
N GLY E 378 -24.71 -3.57 26.91
CA GLY E 378 -23.33 -3.90 27.20
C GLY E 378 -22.45 -2.74 26.76
N ILE E 379 -22.76 -2.21 25.59
CA ILE E 379 -22.04 -1.07 25.05
C ILE E 379 -22.26 0.14 25.95
N LYS E 380 -23.51 0.38 26.30
CA LYS E 380 -23.87 1.50 27.16
C LYS E 380 -23.03 1.39 28.44
N ARG E 381 -22.84 0.18 28.94
CA ARG E 381 -22.07 0.00 30.18
C ARG E 381 -20.56 0.07 30.10
N ILE E 382 -19.98 -0.29 28.94
CA ILE E 382 -18.55 -0.18 28.69
C ILE E 382 -18.27 1.35 28.63
N ALA E 383 -19.09 2.05 27.84
CA ALA E 383 -19.00 3.50 27.73
C ALA E 383 -19.06 4.14 29.13
N GLU E 384 -20.04 3.72 29.92
CA GLU E 384 -20.19 4.25 31.26
C GLU E 384 -18.93 4.09 32.08
N ALA E 385 -18.36 2.88 32.07
CA ALA E 385 -17.16 2.60 32.85
C ALA E 385 -16.04 3.54 32.45
N ALA E 386 -15.83 3.68 31.15
CA ALA E 386 -14.78 4.56 30.64
C ALA E 386 -15.04 5.99 31.13
N TRP E 387 -16.25 6.49 30.97
CA TRP E 387 -16.53 7.83 31.45
C TRP E 387 -16.23 7.89 32.94
N GLN E 388 -16.54 6.81 33.64
CA GLN E 388 -16.30 6.73 35.07
C GLN E 388 -14.84 6.87 35.43
N VAL E 389 -13.97 6.02 34.88
CA VAL E 389 -12.55 6.11 35.18
C VAL E 389 -12.00 7.50 34.83
N ASN E 390 -12.38 8.08 33.70
CA ASN E 390 -11.85 9.41 33.35
C ASN E 390 -12.25 10.45 34.35
N GLU E 391 -13.49 10.42 34.82
CA GLU E 391 -13.98 11.41 35.79
C GLU E 391 -13.34 11.16 37.14
N SER E 392 -13.41 9.91 37.56
CA SER E 392 -12.87 9.46 38.81
C SER E 392 -11.35 9.66 38.94
N THR E 393 -10.59 9.47 37.86
CA THR E 393 -9.13 9.64 37.92
C THR E 393 -8.65 10.75 36.94
N GLU E 394 -7.96 10.35 35.89
CA GLU E 394 -7.48 11.31 34.89
C GLU E 394 -8.23 11.17 33.57
N ASN E 395 -8.62 12.29 32.98
CA ASN E 395 -9.32 12.23 31.71
C ASN E 395 -8.42 12.01 30.49
N ILE E 396 -8.63 10.93 29.75
CA ILE E 396 -7.82 10.70 28.58
C ILE E 396 -8.67 10.57 27.34
N GLY E 397 -9.86 11.14 27.39
CA GLY E 397 -10.75 11.11 26.24
C GLY E 397 -11.06 9.72 25.80
N ALA E 398 -11.43 9.55 24.51
CA ALA E 398 -11.79 8.23 23.96
C ALA E 398 -10.72 7.17 24.17
N ARG E 399 -9.50 7.61 24.45
CA ARG E 399 -8.42 6.69 24.69
C ARG E 399 -8.79 5.67 25.81
N ARG E 400 -9.62 6.10 26.78
CA ARG E 400 -10.01 5.22 27.86
C ARG E 400 -10.86 4.02 27.40
N LEU E 401 -11.57 4.12 26.26
CA LEU E 401 -12.40 2.98 25.83
C LEU E 401 -11.50 1.82 25.42
N HIS E 402 -10.36 2.13 24.80
CA HIS E 402 -9.48 1.05 24.37
C HIS E 402 -8.97 0.22 25.56
N THR E 403 -8.57 0.87 26.64
CA THR E 403 -8.09 0.11 27.79
C THR E 403 -9.27 -0.62 28.48
N VAL E 404 -10.44 0.02 28.59
CA VAL E 404 -11.55 -0.68 29.22
C VAL E 404 -11.94 -1.86 28.34
N LEU E 405 -12.20 -1.61 27.07
CA LEU E 405 -12.59 -2.72 26.18
C LEU E 405 -11.52 -3.82 26.22
N GLU E 406 -10.26 -3.46 26.30
CA GLU E 406 -9.24 -4.51 26.35
C GLU E 406 -9.28 -5.30 27.64
N ARG E 407 -9.52 -4.64 28.77
CA ARG E 407 -9.57 -5.34 30.07
C ARG E 407 -10.77 -6.27 30.11
N LEU E 408 -11.89 -5.81 29.57
CA LEU E 408 -13.11 -6.58 29.54
C LEU E 408 -13.03 -7.87 28.74
N MET E 409 -12.29 -7.88 27.64
CA MET E 409 -12.20 -9.07 26.81
C MET E 409 -11.00 -9.95 27.11
N GLU E 410 -10.16 -9.54 28.04
CA GLU E 410 -8.95 -10.32 28.33
C GLU E 410 -9.20 -11.81 28.48
N GLU E 411 -10.33 -12.21 29.06
CA GLU E 411 -10.59 -13.64 29.26
C GLU E 411 -10.99 -14.38 28.01
N ILE E 412 -12.02 -13.88 27.32
CA ILE E 412 -12.45 -14.50 26.08
C ILE E 412 -11.26 -14.50 25.13
N SER E 413 -10.63 -13.35 24.96
CA SER E 413 -9.47 -13.27 24.11
C SER E 413 -8.47 -14.40 24.37
N TYR E 414 -8.24 -14.76 25.62
CA TYR E 414 -7.29 -15.82 25.89
C TYR E 414 -7.90 -17.14 25.53
N ASP E 415 -9.12 -17.36 26.02
CA ASP E 415 -9.92 -18.58 25.82
C ASP E 415 -10.45 -18.81 24.40
N ALA E 416 -10.51 -17.75 23.60
CA ALA E 416 -11.05 -17.83 22.24
C ALA E 416 -10.96 -19.18 21.51
N SER E 417 -9.77 -19.70 21.30
CA SER E 417 -9.56 -20.98 20.62
C SER E 417 -10.37 -22.13 21.21
N ASP E 418 -10.27 -22.27 22.52
CA ASP E 418 -10.97 -23.33 23.22
C ASP E 418 -12.44 -23.00 23.32
N LEU E 419 -12.88 -22.06 22.51
CA LEU E 419 -14.26 -21.66 22.56
C LEU E 419 -14.83 -21.73 21.17
N SER E 420 -14.04 -22.23 20.24
CA SER E 420 -14.47 -22.30 18.85
C SER E 420 -15.87 -22.85 18.75
N GLY E 421 -16.63 -22.31 17.80
CA GLY E 421 -17.99 -22.73 17.59
C GLY E 421 -18.98 -22.17 18.58
N GLN E 422 -18.53 -21.36 19.53
CA GLN E 422 -19.49 -20.81 20.48
C GLN E 422 -19.97 -19.42 20.15
N ASN E 423 -21.16 -19.09 20.61
CA ASN E 423 -21.76 -17.78 20.38
C ASN E 423 -21.76 -17.04 21.71
N ILE E 424 -20.73 -16.25 21.94
CA ILE E 424 -20.66 -15.53 23.20
C ILE E 424 -21.30 -14.17 23.06
N THR E 425 -22.02 -13.79 24.09
CA THR E 425 -22.69 -12.51 24.06
C THR E 425 -22.23 -11.67 25.23
N ILE E 426 -21.67 -10.51 24.91
CA ILE E 426 -21.18 -9.56 25.90
C ILE E 426 -22.39 -8.69 26.25
N ASP E 427 -22.99 -8.95 27.40
CA ASP E 427 -24.16 -8.16 27.77
C ASP E 427 -23.88 -7.35 29.01
N ALA E 428 -24.81 -6.47 29.38
CA ALA E 428 -24.64 -5.65 30.57
C ALA E 428 -24.12 -6.43 31.78
N ASP E 429 -24.67 -7.62 31.97
CA ASP E 429 -24.29 -8.50 33.08
C ASP E 429 -22.83 -8.79 33.04
N TYR E 430 -22.42 -9.35 31.91
CA TYR E 430 -21.05 -9.71 31.65
C TYR E 430 -20.11 -8.53 31.86
N VAL E 431 -20.50 -7.39 31.30
CA VAL E 431 -19.70 -6.20 31.44
C VAL E 431 -19.52 -5.83 32.92
N SER E 432 -20.62 -5.64 33.64
CA SER E 432 -20.58 -5.27 35.07
C SER E 432 -19.75 -6.23 35.91
N LYS E 433 -19.84 -7.52 35.57
CA LYS E 433 -19.10 -8.55 36.29
C LYS E 433 -17.59 -8.42 36.14
N HIS E 434 -17.16 -8.07 34.94
CA HIS E 434 -15.75 -7.92 34.63
C HIS E 434 -15.12 -6.54 34.93
N LEU E 435 -15.89 -5.47 34.93
CA LEU E 435 -15.31 -4.14 35.17
C LEU E 435 -15.67 -3.39 36.47
N ASP E 436 -16.87 -3.63 37.00
CA ASP E 436 -17.32 -2.91 38.21
C ASP E 436 -16.32 -2.79 39.36
N ALA E 437 -15.65 -3.90 39.69
CA ALA E 437 -14.67 -3.92 40.76
C ALA E 437 -13.51 -2.98 40.43
N LEU E 438 -12.88 -3.19 39.29
CA LEU E 438 -11.76 -2.35 38.87
C LEU E 438 -12.17 -0.87 38.86
N VAL E 439 -13.19 -0.53 38.08
CA VAL E 439 -13.62 0.88 38.01
C VAL E 439 -13.88 1.45 39.40
N ALA E 440 -14.52 0.64 40.25
CA ALA E 440 -14.85 1.05 41.62
C ALA E 440 -13.60 1.39 42.41
N ASP E 441 -12.58 0.53 42.33
CA ASP E 441 -11.32 0.76 43.04
C ASP E 441 -10.44 1.77 42.29
N GLU E 442 -10.34 2.99 42.79
CA GLU E 442 -9.54 4.00 42.13
C GLU E 442 -8.06 3.70 41.98
N ASP E 443 -7.34 3.33 43.04
CA ASP E 443 -5.90 3.07 42.86
C ASP E 443 -5.63 1.99 41.80
N LEU E 444 -6.46 0.95 41.79
CA LEU E 444 -6.35 -0.14 40.81
C LEU E 444 -6.52 0.42 39.39
N SER E 445 -7.42 1.39 39.25
CA SER E 445 -7.69 2.04 37.99
C SER E 445 -6.50 2.74 37.38
N ARG E 446 -5.66 3.33 38.23
CA ARG E 446 -4.50 4.09 37.76
C ARG E 446 -3.44 3.17 37.18
N PHE E 447 -3.55 1.88 37.49
CA PHE E 447 -2.63 0.86 37.03
C PHE E 447 -3.23 -0.03 35.93
N ILE E 448 -4.42 -0.54 36.24
CA ILE E 448 -5.15 -1.49 35.41
C ILE E 448 -6.06 -0.98 34.29
N LEU E 449 -6.29 0.32 34.24
CA LEU E 449 -7.11 0.89 33.18
C LEU E 449 -6.50 2.22 32.82
N HIS F 7 3.16 -15.34 12.95
CA HIS F 7 3.79 -16.52 12.37
C HIS F 7 3.36 -17.86 12.99
N SER F 8 3.73 -18.11 14.26
CA SER F 8 3.35 -19.38 14.91
C SER F 8 1.83 -19.49 14.97
N GLU F 9 1.34 -20.72 14.94
CA GLU F 9 -0.09 -20.99 14.98
C GLU F 9 -0.47 -21.59 16.35
N MET F 10 0.38 -21.29 17.33
CA MET F 10 0.23 -21.75 18.71
C MET F 10 -0.88 -20.98 19.40
N THR F 11 -1.81 -21.72 19.97
CA THR F 11 -2.90 -21.10 20.68
C THR F 11 -2.25 -20.43 21.90
N PRO F 12 -2.99 -19.54 22.57
CA PRO F 12 -2.49 -18.84 23.76
C PRO F 12 -1.99 -19.84 24.81
N ARG F 13 -2.81 -20.86 25.08
CA ARG F 13 -2.42 -21.87 26.08
C ARG F 13 -1.15 -22.59 25.68
N GLU F 14 -0.98 -22.86 24.39
CA GLU F 14 0.23 -23.52 23.90
C GLU F 14 1.43 -22.59 24.10
N ILE F 15 1.20 -21.29 23.95
CA ILE F 15 2.28 -20.35 24.14
C ILE F 15 2.56 -20.27 25.64
N VAL F 16 1.52 -20.21 26.48
CA VAL F 16 1.81 -20.10 27.90
C VAL F 16 2.59 -21.31 28.34
N SER F 17 2.14 -22.48 27.89
CA SER F 17 2.78 -23.71 28.26
C SER F 17 4.26 -23.66 27.94
N GLU F 18 4.54 -23.43 26.67
CA GLU F 18 5.87 -23.33 26.14
C GLU F 18 6.67 -22.33 26.96
N LEU F 19 5.99 -21.35 27.53
CA LEU F 19 6.63 -20.29 28.32
C LEU F 19 6.92 -20.79 29.72
N ASP F 20 6.06 -21.68 30.19
CA ASP F 20 6.21 -22.26 31.49
C ASP F 20 7.49 -23.07 31.56
N LYS F 21 8.08 -23.32 30.39
CA LYS F 21 9.32 -24.11 30.31
C LYS F 21 10.56 -23.31 30.68
N HIS F 22 10.41 -22.00 30.81
CA HIS F 22 11.55 -21.16 31.13
C HIS F 22 11.32 -20.23 32.28
N ILE F 23 10.05 -19.93 32.55
CA ILE F 23 9.68 -19.00 33.62
C ILE F 23 8.81 -19.70 34.65
N ILE F 24 9.17 -19.55 35.92
CA ILE F 24 8.41 -20.15 37.00
C ILE F 24 7.38 -19.14 37.47
N GLY F 25 6.11 -19.46 37.33
CA GLY F 25 5.11 -18.54 37.84
C GLY F 25 4.72 -17.44 36.92
N GLN F 26 4.27 -16.31 37.47
CA GLN F 26 3.82 -15.17 36.66
C GLN F 26 2.88 -15.59 35.49
N ASP F 27 1.83 -16.35 35.82
CA ASP F 27 0.89 -16.79 34.79
C ASP F 27 0.16 -15.64 34.09
N ASN F 28 -0.29 -14.66 34.85
CA ASN F 28 -0.99 -13.54 34.25
C ASN F 28 -0.18 -12.89 33.15
N ALA F 29 1.09 -12.62 33.45
CA ALA F 29 1.94 -11.96 32.49
C ALA F 29 2.13 -12.87 31.29
N LYS F 30 2.16 -14.17 31.53
CA LYS F 30 2.32 -15.13 30.45
C LYS F 30 1.12 -15.11 29.55
N ARG F 31 -0.08 -15.10 30.13
CA ARG F 31 -1.29 -15.09 29.31
C ARG F 31 -1.40 -13.78 28.55
N SER F 32 -0.96 -12.71 29.19
CA SER F 32 -0.99 -11.37 28.62
C SER F 32 -0.19 -11.27 27.32
N VAL F 33 1.06 -11.70 27.42
CA VAL F 33 2.01 -11.69 26.33
C VAL F 33 1.60 -12.73 25.26
N ALA F 34 1.00 -13.84 25.69
CA ALA F 34 0.56 -14.90 24.79
C ALA F 34 -0.56 -14.37 23.92
N ILE F 35 -1.59 -13.78 24.51
CA ILE F 35 -2.70 -13.21 23.74
C ILE F 35 -2.13 -12.23 22.72
N ALA F 36 -1.07 -11.52 23.07
CA ALA F 36 -0.50 -10.55 22.13
C ALA F 36 0.10 -11.23 20.90
N LEU F 37 0.85 -12.29 21.12
CA LEU F 37 1.47 -13.01 20.04
C LEU F 37 0.37 -13.62 19.20
N ARG F 38 -0.63 -14.18 19.84
CA ARG F 38 -1.71 -14.81 19.11
C ARG F 38 -2.49 -13.86 18.23
N ASN F 39 -2.48 -12.58 18.59
CA ASN F 39 -3.20 -11.57 17.82
C ASN F 39 -2.47 -11.29 16.53
N ARG F 40 -1.19 -11.66 16.45
CA ARG F 40 -0.41 -11.47 15.22
C ARG F 40 -1.07 -12.29 14.15
N TRP F 41 -1.24 -13.57 14.50
CA TRP F 41 -1.85 -14.59 13.68
C TRP F 41 -3.28 -14.19 13.34
N ARG F 42 -4.04 -13.78 14.35
CA ARG F 42 -5.42 -13.38 14.16
C ARG F 42 -5.55 -12.24 13.17
N ARG F 43 -4.57 -11.35 13.11
CA ARG F 43 -4.68 -10.24 12.18
C ARG F 43 -4.59 -10.68 10.74
N MET F 44 -3.59 -11.46 10.43
CA MET F 44 -3.41 -11.94 9.08
C MET F 44 -4.65 -12.66 8.56
N GLN F 45 -5.49 -13.17 9.44
CA GLN F 45 -6.68 -13.88 9.03
C GLN F 45 -7.83 -12.92 8.75
N LEU F 46 -7.53 -11.64 8.64
CA LEU F 46 -8.61 -10.68 8.40
C LEU F 46 -8.57 -10.15 6.98
N ASN F 47 -9.43 -9.17 6.67
CA ASN F 47 -9.46 -8.56 5.34
C ASN F 47 -8.48 -7.36 5.25
N GLU F 48 -8.47 -6.69 4.10
CA GLU F 48 -7.59 -5.54 3.85
C GLU F 48 -7.77 -4.40 4.84
N GLU F 49 -8.97 -3.84 4.90
CA GLU F 49 -9.29 -2.74 5.79
C GLU F 49 -8.92 -3.05 7.22
N LEU F 50 -9.55 -4.07 7.78
CA LEU F 50 -9.27 -4.47 9.16
C LEU F 50 -7.81 -4.77 9.49
N ARG F 51 -6.98 -5.11 8.50
CA ARG F 51 -5.58 -5.40 8.78
C ARG F 51 -4.77 -4.15 9.08
N HIS F 52 -5.16 -3.03 8.50
CA HIS F 52 -4.48 -1.77 8.74
C HIS F 52 -4.98 -1.24 10.07
N GLU F 53 -6.29 -1.29 10.27
CA GLU F 53 -6.91 -0.78 11.49
C GLU F 53 -6.55 -1.50 12.81
N VAL F 54 -6.19 -2.78 12.74
CA VAL F 54 -5.83 -3.53 13.94
C VAL F 54 -4.33 -3.40 14.25
N THR F 55 -4.04 -2.74 15.37
CA THR F 55 -2.67 -2.51 15.83
C THR F 55 -2.35 -3.37 17.03
N PRO F 56 -1.05 -3.54 17.33
CA PRO F 56 -0.71 -4.38 18.48
C PRO F 56 -1.28 -3.87 19.80
N LYS F 57 -1.63 -4.82 20.66
CA LYS F 57 -2.16 -4.49 21.97
C LYS F 57 -0.93 -4.49 22.85
N ASN F 58 -0.24 -3.36 22.89
CA ASN F 58 0.97 -3.23 23.67
C ASN F 58 0.72 -3.39 25.16
N ILE F 59 1.65 -4.07 25.80
CA ILE F 59 1.57 -4.44 27.20
C ILE F 59 2.49 -3.65 28.11
N LEU F 60 1.97 -3.30 29.28
CA LEU F 60 2.76 -2.60 30.29
C LEU F 60 2.92 -3.60 31.46
N MET F 61 4.12 -4.14 31.66
CA MET F 61 4.31 -5.07 32.76
C MET F 61 4.64 -4.31 34.04
N ILE F 62 3.94 -4.63 35.12
CA ILE F 62 4.16 -3.98 36.40
C ILE F 62 4.65 -4.96 37.48
N GLY F 63 5.83 -4.68 38.04
CA GLY F 63 6.39 -5.56 39.07
C GLY F 63 7.83 -5.21 39.45
N PRO F 64 8.31 -5.74 40.58
CA PRO F 64 9.66 -5.52 41.11
C PRO F 64 10.78 -6.20 40.28
N THR F 65 12.07 -5.84 40.51
CA THR F 65 13.22 -6.43 39.78
C THR F 65 13.36 -7.93 39.84
N GLY F 66 14.04 -8.44 38.83
CA GLY F 66 14.32 -9.84 38.72
C GLY F 66 13.23 -10.83 39.05
N VAL F 67 11.98 -10.56 38.70
CA VAL F 67 10.93 -11.53 38.98
C VAL F 67 10.39 -12.12 37.70
N GLY F 68 11.07 -11.85 36.58
CA GLY F 68 10.68 -12.41 35.30
C GLY F 68 10.11 -11.53 34.20
N LYS F 69 10.07 -10.22 34.36
CA LYS F 69 9.53 -9.38 33.31
C LYS F 69 10.31 -9.61 32.00
N THR F 70 11.53 -9.12 31.93
CA THR F 70 12.34 -9.32 30.73
C THR F 70 12.32 -10.76 30.22
N GLU F 71 12.58 -11.76 31.08
CA GLU F 71 12.62 -13.15 30.61
C GLU F 71 11.42 -13.58 29.79
N ILE F 72 10.24 -13.22 30.28
CA ILE F 72 9.03 -13.56 29.56
C ILE F 72 9.10 -12.94 28.19
N ALA F 73 9.53 -11.67 28.13
CA ALA F 73 9.61 -10.96 26.85
C ALA F 73 10.65 -11.57 25.91
N ARG F 74 11.73 -12.05 26.51
CA ARG F 74 12.82 -12.65 25.78
C ARG F 74 12.40 -13.98 25.18
N ARG F 75 11.74 -14.80 26.00
CA ARG F 75 11.28 -16.11 25.56
C ARG F 75 10.08 -16.02 24.67
N LEU F 76 9.26 -14.99 24.81
CA LEU F 76 8.12 -14.83 23.94
C LEU F 76 8.72 -14.60 22.54
N ALA F 77 9.66 -13.67 22.45
CA ALA F 77 10.31 -13.34 21.20
C ALA F 77 10.96 -14.55 20.57
N LYS F 78 11.81 -15.22 21.33
CA LYS F 78 12.52 -16.41 20.86
C LYS F 78 11.54 -17.43 20.36
N LEU F 79 10.45 -17.56 21.08
CA LEU F 79 9.44 -18.53 20.71
C LEU F 79 8.72 -18.23 19.40
N ALA F 80 8.49 -16.95 19.09
CA ALA F 80 7.79 -16.57 17.86
C ALA F 80 8.82 -16.22 16.79
N ASN F 81 10.08 -16.52 17.10
CA ASN F 81 11.18 -16.22 16.18
C ASN F 81 10.93 -14.80 15.70
N ALA F 82 11.04 -13.86 16.62
CA ALA F 82 10.83 -12.47 16.29
C ALA F 82 12.07 -11.66 16.67
N PRO F 83 12.35 -10.60 15.90
CA PRO F 83 13.52 -9.78 16.21
C PRO F 83 13.17 -9.08 17.52
N PHE F 84 14.12 -9.04 18.45
CA PHE F 84 13.86 -8.47 19.74
C PHE F 84 14.96 -7.53 20.26
N ILE F 85 14.55 -6.42 20.88
CA ILE F 85 15.53 -5.52 21.49
C ILE F 85 15.04 -5.07 22.89
N LYS F 86 15.98 -4.77 23.77
CA LYS F 86 15.62 -4.30 25.11
C LYS F 86 16.31 -2.98 25.34
N VAL F 87 15.51 -1.91 25.42
CA VAL F 87 16.05 -0.57 25.62
C VAL F 87 15.70 -0.06 27.00
N GLU F 88 16.66 0.56 27.68
CA GLU F 88 16.39 1.13 28.98
C GLU F 88 15.86 2.53 28.67
N ALA F 89 14.65 2.83 29.11
CA ALA F 89 14.04 4.14 28.86
C ALA F 89 14.90 5.38 29.16
N THR F 90 15.54 5.41 30.34
CA THR F 90 16.32 6.59 30.75
C THR F 90 17.49 6.92 29.85
N LYS F 91 17.89 5.98 29.02
CA LYS F 91 19.00 6.17 28.08
C LYS F 91 18.82 7.45 27.30
N PHE F 92 17.56 7.79 27.03
CA PHE F 92 17.24 8.96 26.26
C PHE F 92 16.96 10.18 27.11
N THR F 93 17.02 10.06 28.43
CA THR F 93 16.76 11.22 29.29
C THR F 93 17.72 12.34 28.97
N GLU F 94 19.00 11.99 28.89
CA GLU F 94 20.08 12.92 28.62
C GLU F 94 20.14 13.46 27.17
N VAL F 95 19.06 13.28 26.39
CA VAL F 95 19.00 13.80 25.00
C VAL F 95 18.62 15.29 25.02
N GLY F 96 18.53 15.85 26.23
CA GLY F 96 18.22 17.26 26.41
C GLY F 96 19.52 18.05 26.29
N TYR F 97 20.63 17.34 26.52
CA TYR F 97 21.99 17.89 26.42
C TYR F 97 22.72 17.18 25.25
N VAL F 98 22.26 15.96 24.93
CA VAL F 98 22.75 15.07 23.86
C VAL F 98 22.55 13.62 24.26
N GLY F 99 21.68 12.93 23.55
CA GLY F 99 21.44 11.53 23.84
C GLY F 99 21.28 10.77 22.56
N LYS F 100 21.02 9.48 22.67
CA LYS F 100 20.80 8.65 21.49
C LYS F 100 19.39 9.08 21.09
N GLU F 101 19.07 9.07 19.79
CA GLU F 101 17.72 9.46 19.39
C GLU F 101 16.86 8.20 19.55
N VAL F 102 15.63 8.39 19.99
CA VAL F 102 14.76 7.24 20.19
C VAL F 102 14.63 6.35 18.96
N ASP F 103 14.92 6.90 17.79
CA ASP F 103 14.84 6.17 16.51
C ASP F 103 15.84 5.01 16.47
N SER F 104 16.92 5.18 17.23
CA SER F 104 17.95 4.17 17.34
C SER F 104 17.37 2.82 17.71
N ILE F 105 16.23 2.81 18.44
CA ILE F 105 15.56 1.57 18.86
C ILE F 105 15.15 0.73 17.67
N ILE F 106 14.59 1.40 16.66
CA ILE F 106 14.16 0.69 15.45
C ILE F 106 15.35 0.31 14.58
N ARG F 107 16.39 1.15 14.60
CA ARG F 107 17.61 0.85 13.86
C ARG F 107 18.17 -0.43 14.48
N ASP F 108 18.58 -0.32 15.75
CA ASP F 108 19.10 -1.43 16.53
C ASP F 108 18.23 -2.66 16.37
N LEU F 109 16.92 -2.50 16.48
CA LEU F 109 16.06 -3.64 16.34
C LEU F 109 16.47 -4.29 15.04
N THR F 110 16.62 -3.47 13.99
CA THR F 110 16.96 -3.93 12.65
C THR F 110 18.37 -4.57 12.52
N ASP F 111 19.39 -3.91 13.07
CA ASP F 111 20.76 -4.42 13.07
C ASP F 111 20.84 -5.84 13.65
N ALA F 112 19.78 -6.23 14.36
CA ALA F 112 19.73 -7.55 14.93
C ALA F 112 18.71 -8.36 14.14
N ALA F 113 17.77 -7.70 13.48
CA ALA F 113 16.79 -8.42 12.68
C ALA F 113 17.53 -8.76 11.39
N VAL F 114 18.73 -8.19 11.31
CA VAL F 114 19.63 -8.39 10.17
C VAL F 114 20.48 -9.59 10.58
N LYS F 115 21.34 -9.38 11.57
CA LYS F 115 22.24 -10.40 12.10
C LYS F 115 21.46 -11.68 12.38
N MET F 116 20.14 -11.60 12.27
CA MET F 116 19.27 -12.74 12.53
C MET F 116 18.99 -13.49 11.24
N VAL F 117 18.33 -12.85 10.27
CA VAL F 117 18.02 -13.46 8.98
C VAL F 117 19.31 -13.90 8.25
N ARG F 118 20.41 -13.25 8.61
CA ARG F 118 21.73 -13.53 8.04
C ARG F 118 22.30 -14.82 8.64
N VAL F 119 22.52 -14.81 9.96
CA VAL F 119 23.05 -15.99 10.65
C VAL F 119 22.14 -17.20 10.44
N GLN F 120 20.88 -16.96 10.10
CA GLN F 120 19.91 -18.03 9.83
C GLN F 120 19.81 -18.27 8.32
N ALA F 121 20.88 -17.86 7.64
CA ALA F 121 21.03 -18.02 6.19
C ALA F 121 22.26 -18.91 5.99
N ILE F 122 23.09 -18.94 7.04
CA ILE F 122 24.30 -19.75 7.10
C ILE F 122 23.90 -21.18 7.51
N GLU F 123 22.67 -21.34 7.99
CA GLU F 123 22.17 -22.64 8.41
C GLU F 123 21.23 -23.22 7.37
N LYS F 124 21.00 -22.45 6.31
CA LYS F 124 20.17 -22.90 5.22
C LYS F 124 21.16 -23.05 4.07
N ASN F 125 22.42 -22.77 4.42
CA ASN F 125 23.57 -22.84 3.51
C ASN F 125 24.83 -23.37 4.24
N ARG F 126 24.61 -24.15 5.29
CA ARG F 126 25.73 -24.74 6.06
C ARG F 126 25.98 -26.13 5.49
N TYR F 127 24.92 -26.72 4.94
CA TYR F 127 24.99 -28.02 4.31
C TYR F 127 25.38 -27.82 2.84
N ARG F 128 24.83 -26.75 2.25
CA ARG F 128 25.12 -26.40 0.87
C ARG F 128 26.62 -26.07 0.74
N ALA F 129 27.20 -25.57 1.83
CA ALA F 129 28.62 -25.20 1.87
C ALA F 129 29.49 -26.45 1.97
N GLU F 130 28.88 -27.56 2.39
CA GLU F 130 29.57 -28.84 2.52
C GLU F 130 28.68 -29.94 1.95
N GLU F 131 28.51 -29.90 0.62
CA GLU F 131 27.70 -30.86 -0.11
C GLU F 131 27.82 -30.47 -1.59
N LEU F 132 27.17 -29.35 -1.94
CA LEU F 132 27.22 -28.81 -3.29
C LEU F 132 28.36 -27.79 -3.30
N ALA F 133 29.31 -28.00 -2.38
CA ALA F 133 30.47 -27.13 -2.23
C ALA F 133 31.71 -27.91 -1.76
N GLU F 134 31.54 -29.21 -1.49
CA GLU F 134 32.66 -30.04 -1.08
C GLU F 134 33.10 -30.89 -2.27
N GLU F 135 32.30 -30.82 -3.33
CA GLU F 135 32.55 -31.56 -4.57
C GLU F 135 33.91 -31.22 -5.16
N ARG F 136 33.76 -30.12 -5.46
CA ARG F 136 34.87 -29.31 -5.94
C ARG F 136 36.20 -29.96 -5.60
N ILE F 137 36.30 -30.52 -4.40
CA ILE F 137 37.52 -31.18 -3.93
C ILE F 137 37.64 -32.61 -4.47
N LEU F 138 36.52 -33.17 -4.95
CA LEU F 138 36.54 -34.51 -5.51
C LEU F 138 37.00 -34.44 -6.97
N ASP F 139 36.66 -33.34 -7.64
CA ASP F 139 37.02 -33.12 -9.04
C ASP F 139 38.52 -32.84 -9.25
N VAL F 140 39.26 -32.72 -8.15
CA VAL F 140 40.70 -32.50 -8.21
C VAL F 140 41.33 -33.81 -7.71
N LEU F 141 40.47 -34.73 -7.28
CA LEU F 141 40.90 -36.04 -6.81
C LEU F 141 40.64 -37.05 -7.93
N ILE F 142 39.44 -36.95 -8.51
CA ILE F 142 39.00 -37.80 -9.62
C ILE F 142 38.39 -36.92 -10.71
N PRO F 143 39.22 -36.14 -11.42
CA PRO F 143 38.80 -35.24 -12.50
C PRO F 143 37.89 -35.98 -13.50
N PRO F 144 36.56 -35.69 -13.47
CA PRO F 144 35.56 -36.32 -14.36
C PRO F 144 35.87 -36.17 -15.85
N ALA F 145 36.38 -37.11 -16.35
CA ALA F 145 36.71 -37.23 -17.76
C ALA F 145 36.04 -36.12 -18.56
N LYS F 146 36.62 -35.81 -19.72
CA LYS F 146 36.08 -34.77 -20.59
C LYS F 146 34.95 -35.31 -21.47
N ASN F 147 33.92 -34.47 -21.65
CA ASN F 147 32.76 -34.85 -22.45
C ASN F 147 32.10 -36.10 -21.89
N ASN F 148 31.04 -35.89 -21.12
CA ASN F 148 30.30 -36.99 -20.50
C ASN F 148 29.06 -37.35 -21.32
N TRP F 149 28.78 -38.65 -21.39
CA TRP F 149 27.61 -39.14 -22.13
C TRP F 149 26.45 -39.25 -21.15
N GLY F 150 25.49 -38.33 -21.29
CA GLY F 150 24.33 -38.30 -20.42
C GLY F 150 23.66 -39.63 -20.10
N GLN F 151 23.68 -39.99 -18.81
CA GLN F 151 23.07 -41.23 -18.33
C GLN F 151 22.77 -41.09 -16.84
N THR F 152 23.20 -39.97 -16.27
CA THR F 152 23.00 -39.64 -14.86
C THR F 152 23.71 -40.58 -13.87
N GLU F 153 23.48 -41.89 -14.02
CA GLU F 153 24.08 -42.88 -13.15
C GLU F 153 25.59 -43.00 -13.40
N GLN F 154 26.04 -42.53 -14.57
CA GLN F 154 27.45 -42.60 -14.94
C GLN F 154 28.33 -41.64 -14.13
N GLN F 155 27.70 -40.84 -13.27
CA GLN F 155 28.44 -39.91 -12.42
C GLN F 155 28.58 -40.52 -11.03
N GLN F 156 27.74 -41.52 -10.78
CA GLN F 156 27.74 -42.24 -9.52
C GLN F 156 28.74 -43.40 -9.63
N GLU F 157 29.24 -43.60 -10.85
CA GLU F 157 30.21 -44.66 -11.13
C GLU F 157 31.64 -44.29 -10.74
N PRO F 158 32.10 -43.07 -11.11
CA PRO F 158 33.47 -42.71 -10.74
C PRO F 158 33.63 -42.89 -9.25
N SER F 159 32.49 -42.82 -8.56
CA SER F 159 32.44 -42.99 -7.11
C SER F 159 33.28 -44.19 -6.71
N ALA F 160 32.87 -45.79 -8.80
CA ALA F 160 33.20 -46.43 -7.54
C ALA F 160 34.42 -45.72 -6.95
N ALA F 161 35.30 -45.26 -7.83
CA ALA F 161 36.51 -44.54 -7.44
C ALA F 161 36.08 -43.32 -6.65
N ARG F 162 35.24 -42.51 -7.30
CA ARG F 162 34.66 -41.28 -6.73
C ARG F 162 34.25 -41.48 -5.29
N GLN F 163 33.18 -42.24 -5.08
CA GLN F 163 32.65 -42.54 -3.75
C GLN F 163 33.71 -42.91 -2.73
N ALA F 164 34.75 -43.62 -3.17
CA ALA F 164 35.84 -44.05 -2.30
C ALA F 164 36.61 -42.84 -1.74
N PHE F 165 36.86 -41.85 -2.59
CA PHE F 165 37.55 -40.62 -2.21
C PHE F 165 36.65 -39.83 -1.27
N ARG F 166 35.35 -39.79 -1.59
CA ARG F 166 34.34 -39.07 -0.83
C ARG F 166 34.34 -39.56 0.63
N LYS F 167 34.42 -40.88 0.79
CA LYS F 167 34.43 -41.53 2.10
C LYS F 167 35.72 -41.28 2.86
N LYS F 168 36.82 -41.13 2.13
CA LYS F 168 38.13 -40.85 2.72
C LYS F 168 38.22 -39.33 2.95
N LEU F 169 37.12 -38.64 2.62
CA LEU F 169 36.99 -37.19 2.78
C LEU F 169 36.12 -36.97 4.02
N ARG F 170 36.07 -37.99 4.86
CA ARG F 170 35.31 -37.99 6.11
C ARG F 170 36.26 -37.98 7.31
N GLU F 171 37.54 -37.69 7.05
CA GLU F 171 38.56 -37.62 8.10
C GLU F 171 39.54 -36.48 7.84
N GLY F 172 40.68 -37.80 6.46
CA GLY F 172 42.04 -37.52 6.06
C GLY F 172 42.11 -36.49 4.95
N GLN F 173 42.86 -35.42 5.16
CA GLN F 173 42.98 -34.38 4.16
C GLN F 173 44.36 -33.72 4.20
N LEU F 174 44.37 -32.41 4.37
CA LEU F 174 45.61 -31.64 4.42
C LEU F 174 46.52 -31.84 3.20
N ASP F 175 45.93 -32.22 2.07
CA ASP F 175 46.71 -32.41 0.86
C ASP F 175 46.86 -31.05 0.17
N ASP F 176 48.01 -30.84 -0.49
CA ASP F 176 48.26 -29.58 -1.18
C ASP F 176 47.78 -29.64 -2.62
N LYS F 177 46.63 -29.01 -2.88
CA LYS F 177 46.10 -29.00 -4.24
C LYS F 177 45.89 -27.57 -4.72
N GLU F 178 44.97 -27.42 -5.66
CA GLU F 178 44.66 -26.11 -6.24
C GLU F 178 43.35 -26.22 -7.01
N ILE F 179 42.39 -25.35 -6.70
CA ILE F 179 41.11 -25.41 -7.39
C ILE F 179 40.62 -24.09 -7.96
N GLU F 180 39.49 -24.17 -8.66
CA GLU F 180 38.85 -23.02 -9.28
C GLU F 180 37.53 -22.75 -8.58
N ILE F 181 37.41 -23.05 -7.38
N LYS F 216 37.34 -13.58 -11.24
CA LYS F 216 37.56 -13.70 -9.76
C LYS F 216 37.04 -15.03 -9.23
N GLN F 217 37.77 -16.10 -9.52
CA GLN F 217 37.37 -17.43 -9.08
C GLN F 217 38.41 -18.06 -8.15
N LYS F 218 39.50 -18.53 -8.74
CA LYS F 218 40.56 -19.16 -7.96
C LYS F 218 41.85 -19.40 -8.75
N ALA F 219 42.27 -20.68 -8.80
CA ALA F 219 43.49 -21.11 -9.50
C ALA F 219 44.71 -21.00 -8.58
N ARG F 220 44.45 -20.93 -7.27
CA ARG F 220 45.50 -20.83 -6.27
C ARG F 220 45.90 -22.20 -5.72
N LYS F 221 47.17 -22.33 -5.34
CA LYS F 221 47.69 -23.58 -4.81
C LYS F 221 47.94 -23.49 -3.30
N LEU F 222 47.00 -23.99 -2.52
CA LEU F 222 47.12 -23.96 -1.06
C LEU F 222 47.13 -25.37 -0.49
N LYS F 223 46.32 -25.59 0.53
CA LYS F 223 46.22 -26.90 1.17
C LYS F 223 44.75 -27.25 1.30
N ILE F 224 44.40 -28.49 0.98
CA ILE F 224 43.02 -28.95 1.04
C ILE F 224 42.32 -28.54 2.34
N LYS F 225 43.08 -28.43 3.42
CA LYS F 225 42.50 -28.04 4.69
C LYS F 225 41.75 -26.72 4.54
N ASP F 226 42.51 -25.66 4.26
CA ASP F 226 41.93 -24.34 4.08
C ASP F 226 40.94 -24.32 2.92
N ALA F 227 41.06 -26.48 1.49
CA ALA F 227 40.27 -25.70 0.55
C ALA F 227 38.80 -26.01 0.83
N MET F 228 38.57 -27.18 1.44
CA MET F 228 37.21 -27.62 1.79
C MET F 228 36.57 -26.62 2.75
N LYS F 229 37.41 -25.73 3.28
CA LYS F 229 36.96 -24.67 4.18
C LYS F 229 36.58 -23.48 3.30
N LEU F 230 37.54 -23.02 2.51
CA LEU F 230 37.34 -21.91 1.58
C LEU F 230 36.07 -22.13 0.72
N LEU F 231 36.48 -23.69 0.95
CA LEU F 231 35.36 -23.91 0.02
C LEU F 231 34.02 -23.90 0.77
N ILE F 232 34.09 -23.98 2.10
CA ILE F 232 32.89 -23.98 2.95
C ILE F 232 32.01 -22.75 2.66
N GLU F 233 32.42 -21.60 3.19
CA GLU F 233 31.69 -20.33 2.99
C GLU F 233 31.73 -19.88 1.53
N GLU F 234 32.74 -20.34 0.80
CA GLU F 234 32.91 -20.01 -0.61
C GLU F 234 31.62 -20.32 -1.35
N GLU F 235 31.43 -21.61 -1.65
CA GLU F 235 30.22 -22.05 -2.33
C GLU F 235 29.16 -22.22 -1.22
N ALA F 236 28.42 -21.14 -0.97
CA ALA F 236 27.38 -21.10 0.06
C ALA F 236 26.87 -19.66 0.06
N ALA F 237 27.77 -18.76 -0.29
CA ALA F 237 27.49 -17.34 -0.38
C ALA F 237 26.92 -17.05 -1.78
N LYS F 238 26.87 -18.10 -2.61
CA LYS F 238 26.32 -17.97 -3.96
C LYS F 238 24.80 -17.94 -3.87
N LEU F 239 24.26 -18.70 -2.92
CA LEU F 239 22.81 -18.76 -2.74
C LEU F 239 22.25 -17.56 -1.97
N VAL F 240 23.11 -16.88 -1.20
CA VAL F 240 22.67 -15.72 -0.41
C VAL F 240 22.78 -14.39 -1.16
N ASN F 241 21.62 -13.93 -1.65
CA ASN F 241 21.53 -12.67 -2.38
C ASN F 241 21.52 -11.52 -1.39
N PRO F 242 21.78 -10.29 -1.87
CA PRO F 242 21.78 -9.16 -0.94
C PRO F 242 20.45 -8.42 -0.80
N GLU F 243 19.79 -8.16 -1.93
CA GLU F 243 18.52 -7.42 -1.96
C GLU F 243 17.28 -8.17 -1.49
N GLU F 244 17.50 -9.37 -0.98
CA GLU F 244 16.40 -10.18 -0.45
C GLU F 244 16.71 -10.25 1.03
N LEU F 245 17.90 -10.79 1.33
CA LEU F 245 18.37 -10.94 2.69
C LEU F 245 18.39 -9.63 3.49
N LYS F 246 18.43 -8.48 2.81
CA LYS F 246 18.44 -7.20 3.52
C LYS F 246 17.05 -6.56 3.50
N GLN F 247 16.12 -7.14 2.75
CA GLN F 247 14.78 -6.59 2.70
C GLN F 247 13.91 -7.48 3.56
N ASP F 248 14.44 -8.66 3.89
CA ASP F 248 13.75 -9.65 4.71
C ASP F 248 13.72 -9.20 6.16
N ALA F 249 14.87 -8.70 6.63
CA ALA F 249 14.97 -8.19 7.98
C ALA F 249 13.77 -7.26 8.15
N ILE F 250 13.79 -6.15 7.43
CA ILE F 250 12.72 -5.16 7.47
C ILE F 250 11.35 -5.81 7.65
N ASP F 251 11.05 -6.79 6.80
CA ASP F 251 9.78 -7.51 6.83
C ASP F 251 9.49 -8.11 8.19
N ALA F 252 10.54 -8.62 8.85
CA ALA F 252 10.44 -9.24 10.18
C ALA F 252 10.08 -8.19 11.23
N VAL F 253 10.82 -7.10 11.19
CA VAL F 253 10.66 -5.97 12.07
C VAL F 253 9.24 -5.40 12.07
N GLU F 254 8.75 -5.10 10.88
CA GLU F 254 7.42 -4.52 10.74
C GLU F 254 6.32 -5.45 11.14
N GLN F 255 6.56 -6.74 10.97
CA GLN F 255 5.57 -7.77 11.26
C GLN F 255 5.69 -8.52 12.58
N HIS F 256 6.93 -8.78 13.00
CA HIS F 256 7.19 -9.52 14.22
C HIS F 256 8.05 -8.83 15.28
N GLY F 257 8.47 -7.60 15.00
CA GLY F 257 9.31 -6.90 15.95
C GLY F 257 8.74 -6.74 17.35
N ILE F 258 9.61 -6.92 18.35
CA ILE F 258 9.19 -6.76 19.72
C ILE F 258 10.18 -5.88 20.45
N VAL F 259 9.68 -4.76 20.97
CA VAL F 259 10.51 -3.82 21.71
C VAL F 259 10.16 -3.90 23.18
N PHE F 260 11.16 -4.14 24.02
CA PHE F 260 10.89 -4.18 25.45
C PHE F 260 11.49 -2.90 26.02
N ILE F 261 10.65 -1.99 26.48
CA ILE F 261 11.13 -0.74 27.04
C ILE F 261 11.20 -0.72 28.57
N ASP F 262 12.32 -1.18 29.13
CA ASP F 262 12.55 -1.21 30.58
C ASP F 262 12.43 0.13 31.29
N GLU F 263 12.19 0.05 32.60
CA GLU F 263 12.05 1.20 33.49
C GLU F 263 11.24 2.36 32.92
N ILE F 264 10.13 2.08 32.27
CA ILE F 264 9.40 3.22 31.73
C ILE F 264 8.81 4.05 32.85
N ASP F 265 8.73 3.48 34.05
CA ASP F 265 8.19 4.23 35.16
C ASP F 265 9.15 5.31 35.53
N LYS F 266 10.43 5.12 35.23
CA LYS F 266 11.44 6.14 35.53
C LYS F 266 11.41 7.37 34.60
N ILE F 267 10.53 7.40 33.58
CA ILE F 267 10.46 8.59 32.72
C ILE F 267 9.08 9.23 32.86
N CYS F 268 8.43 8.97 34.00
CA CYS F 268 7.13 9.55 34.33
C CYS F 268 7.37 10.75 35.19
N LYS F 269 6.50 11.74 35.05
CA LYS F 269 6.58 12.97 35.80
C LYS F 269 6.45 12.68 37.27
N ARG F 270 7.30 13.32 38.08
CA ARG F 270 7.29 13.15 39.53
C ARG F 270 7.32 14.49 40.26
N GLY F 271 6.35 14.70 41.15
CA GLY F 271 6.29 15.94 41.92
C GLY F 271 7.49 16.03 42.84
N GLU F 272 8.61 16.48 42.28
CA GLU F 272 9.88 16.64 43.00
C GLU F 272 10.71 17.74 42.31
N SER F 273 10.43 17.95 41.02
CA SER F 273 11.10 18.97 40.19
C SER F 273 10.39 19.08 38.81
N SER F 274 10.69 20.16 38.07
CA SER F 274 10.07 20.36 36.76
C SER F 274 11.03 20.10 35.60
N GLY F 275 12.29 20.48 35.80
CA GLY F 275 13.29 20.29 34.77
C GLY F 275 13.45 18.83 34.38
N PRO F 276 13.74 17.93 35.34
CA PRO F 276 13.89 16.51 34.99
C PRO F 276 12.58 15.89 34.49
N ASP F 277 11.49 16.66 34.58
CA ASP F 277 10.16 16.26 34.14
C ASP F 277 9.90 16.56 32.66
N VAL F 278 10.44 17.68 32.17
CA VAL F 278 10.30 18.06 30.77
C VAL F 278 11.20 17.10 30.03
N SER F 279 12.23 16.64 30.73
CA SER F 279 13.21 15.69 30.21
C SER F 279 12.58 14.28 30.23
N ARG F 280 11.98 13.91 31.36
CA ARG F 280 11.32 12.62 31.50
C ARG F 280 10.20 12.57 30.46
N GLU F 281 9.20 13.44 30.61
CA GLU F 281 8.06 13.52 29.70
C GLU F 281 8.49 13.75 28.25
N GLY F 282 9.72 14.22 28.08
CA GLY F 282 10.23 14.43 26.75
C GLY F 282 10.46 13.07 26.12
N VAL F 283 11.09 12.17 26.87
CA VAL F 283 11.36 10.84 26.38
C VAL F 283 10.06 10.12 26.02
N GLN F 284 8.97 10.46 26.72
CA GLN F 284 7.68 9.85 26.44
C GLN F 284 7.14 10.40 25.12
N ARG F 285 7.25 11.70 24.91
CA ARG F 285 6.79 12.30 23.65
C ARG F 285 7.65 11.79 22.49
N ASP F 286 8.91 11.54 22.79
CA ASP F 286 9.87 11.05 21.80
C ASP F 286 9.62 9.62 21.42
N LEU F 287 9.08 8.87 22.37
CA LEU F 287 8.75 7.48 22.16
C LEU F 287 7.42 7.41 21.47
N LEU F 288 6.59 8.41 21.74
CA LEU F 288 5.25 8.44 21.18
C LEU F 288 5.10 8.03 19.68
N PRO F 289 5.86 8.63 18.76
CA PRO F 289 5.70 8.24 17.33
C PRO F 289 5.93 6.74 17.04
N LEU F 290 6.90 6.11 17.71
CA LEU F 290 7.20 4.70 17.50
C LEU F 290 6.00 3.80 17.81
N VAL F 291 5.30 4.05 18.94
CA VAL F 291 4.16 3.20 19.30
C VAL F 291 2.83 3.61 18.67
N GLU F 292 2.74 4.87 18.26
CA GLU F 292 1.53 5.38 17.62
C GLU F 292 1.57 4.97 16.13
N GLY F 293 2.80 4.76 15.63
CA GLY F 293 3.02 4.39 14.25
C GLY F 293 3.72 5.46 13.42
N CYS F 294 4.97 5.22 13.01
CA CYS F 294 5.70 6.19 12.20
C CYS F 294 6.72 5.48 11.27
N THR F 295 7.50 6.26 10.52
CA THR F 295 8.49 5.66 9.64
C THR F 295 9.89 6.07 10.06
N VAL F 296 10.75 5.08 10.27
CA VAL F 296 12.15 5.34 10.66
C VAL F 296 13.12 4.92 9.55
N SER F 297 14.27 5.58 9.53
CA SER F 297 15.32 5.33 8.55
C SER F 297 16.40 4.37 9.06
N THR F 298 16.55 3.27 8.35
CA THR F 298 17.57 2.29 8.67
C THR F 298 18.60 2.36 7.58
N LYS F 299 19.79 1.85 7.90
CA LYS F 299 20.86 1.78 6.93
C LYS F 299 20.65 0.43 6.21
N HIS F 300 19.42 -0.06 6.20
CA HIS F 300 19.09 -1.34 5.58
C HIS F 300 17.74 -1.12 4.92
N GLY F 301 17.24 0.10 5.08
CA GLY F 301 15.94 0.42 4.52
C GLY F 301 15.10 1.41 5.32
N MET F 302 13.80 1.35 5.13
CA MET F 302 12.86 2.25 5.76
C MET F 302 11.78 1.43 6.50
N VAL F 303 11.93 1.31 7.83
CA VAL F 303 10.97 0.55 8.64
C VAL F 303 9.74 1.31 9.13
N LYS F 304 8.63 0.59 9.20
CA LYS F 304 7.37 1.16 9.66
C LYS F 304 7.04 0.44 10.98
N THR F 305 6.97 1.21 12.06
CA THR F 305 6.74 0.67 13.39
C THR F 305 5.30 0.28 13.67
N ASP F 306 4.36 0.82 12.91
CA ASP F 306 2.95 0.51 13.08
C ASP F 306 2.52 -0.81 13.72
N HIS F 307 3.19 -1.90 13.37
CA HIS F 307 2.84 -3.21 13.92
C HIS F 307 3.89 -3.84 14.81
N ILE F 308 4.80 -3.05 15.31
CA ILE F 308 5.79 -3.61 16.20
C ILE F 308 5.06 -3.76 17.55
N LEU F 309 5.43 -4.77 18.32
CA LEU F 309 4.80 -4.97 19.61
C LEU F 309 5.70 -4.35 20.66
N PHE F 310 5.09 -3.65 21.59
CA PHE F 310 5.85 -3.02 22.63
C PHE F 310 5.49 -3.55 23.99
N ILE F 311 6.50 -3.87 24.75
CA ILE F 311 6.26 -4.34 26.08
C ILE F 311 7.01 -3.38 26.98
N ALA F 312 6.30 -2.47 27.64
CA ALA F 312 6.98 -1.53 28.55
C ALA F 312 7.00 -2.22 29.93
N SER F 313 7.97 -1.91 30.79
CA SER F 313 7.95 -2.54 32.12
C SER F 313 8.32 -1.53 33.19
N GLY F 314 7.87 -1.73 34.41
CA GLY F 314 8.15 -0.80 35.51
C GLY F 314 7.87 -1.37 36.91
N ALA F 315 8.40 -0.71 37.94
CA ALA F 315 8.20 -1.13 39.33
C ALA F 315 7.01 -0.33 39.85
N PHE F 316 6.90 0.90 39.37
CA PHE F 316 5.79 1.79 39.74
C PHE F 316 5.57 1.95 41.23
N GLN F 317 6.65 2.24 41.94
CA GLN F 317 6.57 2.43 43.37
C GLN F 317 6.49 3.94 43.66
N ILE F 318 7.20 4.74 42.86
CA ILE F 318 7.22 6.21 42.95
C ILE F 318 6.22 6.91 42.00
N ALA F 319 5.80 6.24 40.93
CA ALA F 319 4.84 6.79 39.97
C ALA F 319 3.86 5.68 39.65
N LYS F 320 2.75 6.04 39.04
CA LYS F 320 1.76 5.04 38.70
C LYS F 320 1.56 5.12 37.18
N PRO F 321 1.06 4.03 36.57
CA PRO F 321 0.87 4.07 35.13
C PRO F 321 0.06 5.29 34.64
N SER F 322 -0.82 5.83 35.48
CA SER F 322 -1.63 6.97 35.05
C SER F 322 -0.86 8.30 35.04
N ASP F 323 0.42 8.28 35.42
CA ASP F 323 1.25 9.48 35.39
C ASP F 323 1.94 9.56 34.04
N LEU F 324 1.76 8.48 33.26
CA LEU F 324 2.31 8.34 31.91
C LEU F 324 1.41 9.30 31.11
N ILE F 325 1.91 9.90 30.01
CA ILE F 325 1.09 10.82 29.22
C ILE F 325 -0.10 10.10 28.58
N PRO F 326 -1.24 10.81 28.41
CA PRO F 326 -2.46 10.24 27.82
C PRO F 326 -2.18 9.39 26.59
N GLU F 327 -1.57 10.00 25.59
CA GLU F 327 -1.25 9.31 24.34
C GLU F 327 -0.57 7.94 24.54
N LEU F 328 0.12 7.76 25.67
CA LEU F 328 0.85 6.52 25.93
C LEU F 328 -0.01 5.50 26.65
N GLN F 329 -0.80 5.97 27.60
CA GLN F 329 -1.67 5.08 28.32
C GLN F 329 -2.54 4.43 27.25
N GLY F 330 -2.92 5.22 26.26
CA GLY F 330 -3.75 4.69 25.20
C GLY F 330 -3.04 3.58 24.44
N ARG F 331 -1.81 3.87 24.02
CA ARG F 331 -1.04 2.92 23.25
C ARG F 331 -0.49 1.74 24.05
N LEU F 332 -0.79 1.71 25.35
CA LEU F 332 -0.38 0.62 26.25
C LEU F 332 -1.62 -0.02 26.90
N PRO F 333 -2.58 -0.54 26.11
CA PRO F 333 -3.82 -1.18 26.58
C PRO F 333 -3.75 -2.29 27.62
N ILE F 334 -2.87 -3.26 27.41
CA ILE F 334 -2.76 -4.36 28.37
C ILE F 334 -1.91 -3.99 29.60
N ARG F 335 -2.48 -4.12 30.78
CA ARG F 335 -1.71 -3.86 31.99
C ARG F 335 -1.68 -5.21 32.70
N VAL F 336 -0.52 -5.61 33.19
CA VAL F 336 -0.44 -6.89 33.92
C VAL F 336 0.56 -6.77 35.07
N GLU F 337 0.26 -7.41 36.19
CA GLU F 337 1.21 -7.36 37.30
C GLU F 337 1.94 -8.66 37.46
N LEU F 338 3.13 -8.58 38.05
CA LEU F 338 3.91 -9.77 38.31
C LEU F 338 4.17 -9.71 39.79
N GLN F 339 4.09 -10.88 40.43
CA GLN F 339 4.29 -10.98 41.86
C GLN F 339 5.75 -11.06 42.24
N ALA F 340 6.06 -10.70 43.49
CA ALA F 340 7.44 -10.82 43.93
C ALA F 340 7.63 -12.33 44.11
N LEU F 341 8.83 -12.81 43.91
CA LEU F 341 9.05 -14.23 44.05
C LEU F 341 9.16 -14.67 45.52
N THR F 342 8.86 -15.94 45.77
CA THR F 342 8.95 -16.49 47.13
C THR F 342 10.08 -17.48 47.17
N THR F 343 10.38 -17.98 48.35
CA THR F 343 11.47 -18.95 48.49
C THR F 343 11.09 -20.21 47.72
N SER F 344 9.80 -20.49 47.70
CA SER F 344 9.31 -21.66 47.02
C SER F 344 9.54 -21.47 45.54
N ASP F 345 9.34 -20.23 45.08
CA ASP F 345 9.56 -19.90 43.68
C ASP F 345 11.07 -20.07 43.41
N PHE F 346 11.88 -19.58 44.36
CA PHE F 346 13.33 -19.72 44.25
C PHE F 346 13.79 -21.18 44.14
N GLU F 347 13.09 -22.09 44.81
CA GLU F 347 13.52 -23.46 44.71
C GLU F 347 13.21 -24.00 43.33
N ARG F 348 12.07 -23.62 42.78
CA ARG F 348 11.68 -24.11 41.48
C ARG F 348 12.55 -23.51 40.38
N ILE F 349 12.84 -22.22 40.49
CA ILE F 349 13.66 -21.59 39.50
C ILE F 349 15.03 -22.27 39.45
N LEU F 350 15.53 -22.69 40.60
CA LEU F 350 16.83 -23.38 40.71
C LEU F 350 16.93 -24.69 39.90
N THR F 351 15.79 -25.35 39.68
CA THR F 351 15.79 -26.65 39.02
C THR F 351 14.81 -26.98 37.89
N GLU F 352 13.62 -26.40 37.92
CA GLU F 352 12.63 -26.74 36.91
C GLU F 352 12.81 -26.22 35.50
N PRO F 353 13.20 -24.95 35.35
CA PRO F 353 13.37 -24.48 33.98
C PRO F 353 14.30 -25.39 33.22
N ASN F 354 14.17 -25.35 31.90
CA ASN F 354 15.04 -26.12 31.04
C ASN F 354 16.35 -25.39 31.12
N ALA F 355 17.45 -26.13 31.15
CA ALA F 355 18.74 -25.47 31.25
C ALA F 355 18.65 -24.52 32.44
N SER F 356 18.19 -25.04 33.57
CA SER F 356 18.07 -24.27 34.81
C SER F 356 19.50 -23.99 35.22
N ILE F 357 19.73 -23.01 36.09
CA ILE F 357 21.12 -22.70 36.47
C ILE F 357 21.81 -23.90 37.08
N THR F 358 21.00 -24.71 37.72
CA THR F 358 21.46 -25.91 38.40
C THR F 358 21.81 -27.00 37.38
N VAL F 359 21.03 -27.08 36.32
CA VAL F 359 21.28 -28.05 35.27
C VAL F 359 22.56 -27.66 34.53
N GLN F 360 22.68 -26.36 34.21
CA GLN F 360 23.86 -25.84 33.53
C GLN F 360 25.10 -26.19 34.35
N TYR F 361 25.02 -25.95 35.65
CA TYR F 361 26.16 -26.25 36.50
C TYR F 361 26.61 -27.68 36.40
N LYS F 362 25.63 -28.59 36.47
CA LYS F 362 25.90 -30.04 36.39
C LYS F 362 26.61 -30.32 35.05
N ALA F 363 26.11 -29.71 33.97
CA ALA F 363 26.67 -29.87 32.64
C ALA F 363 28.16 -29.48 32.61
N LEU F 364 28.46 -28.25 33.03
CA LEU F 364 29.84 -27.79 33.03
C LEU F 364 30.78 -28.65 33.89
N MET F 365 30.30 -29.17 35.01
CA MET F 365 31.16 -30.00 35.84
C MET F 365 31.38 -31.36 35.16
N ALA F 366 30.40 -31.76 34.37
CA ALA F 366 30.47 -33.00 33.60
C ALA F 366 31.64 -32.79 32.64
N THR F 367 31.65 -31.64 31.99
CA THR F 367 32.73 -31.31 31.09
C THR F 367 34.10 -31.72 31.69
N GLU F 368 34.26 -31.48 32.98
CA GLU F 368 35.50 -31.75 33.68
C GLU F 368 35.53 -33.20 34.20
N GLY F 369 34.47 -33.95 33.86
CA GLY F 369 34.38 -35.34 34.28
C GLY F 369 33.97 -35.55 35.71
N VAL F 370 33.27 -34.56 36.28
CA VAL F 370 32.83 -34.67 37.66
C VAL F 370 31.32 -34.77 37.67
N ASN F 371 30.80 -35.67 38.48
CA ASN F 371 29.36 -35.84 38.58
C ASN F 371 28.79 -35.08 39.78
N ILE F 372 28.19 -33.93 39.47
CA ILE F 372 27.57 -33.06 40.46
C ILE F 372 26.16 -33.56 40.75
N GLU F 373 25.69 -33.39 41.99
CA GLU F 373 24.35 -33.84 42.35
C GLU F 373 23.84 -32.96 43.51
N PHE F 374 22.63 -32.39 43.36
CA PHE F 374 22.04 -31.52 44.40
C PHE F 374 20.91 -32.26 45.08
N THR F 375 20.94 -32.31 46.41
CA THR F 375 19.85 -32.99 47.14
C THR F 375 18.67 -32.02 47.29
N ASP F 376 17.49 -32.52 47.61
CA ASP F 376 16.38 -31.62 47.73
C ASP F 376 16.66 -30.58 48.81
N SER F 377 17.38 -30.97 49.85
CA SER F 377 17.60 -29.99 50.87
C SER F 377 18.70 -29.04 50.53
N GLY F 378 19.55 -29.44 49.59
CA GLY F 378 20.61 -28.55 49.18
C GLY F 378 19.95 -27.38 48.46
N ILE F 379 19.12 -27.72 47.49
CA ILE F 379 18.39 -26.74 46.72
C ILE F 379 17.60 -25.84 47.68
N LYS F 380 16.81 -26.44 48.57
CA LYS F 380 16.00 -25.74 49.56
C LYS F 380 16.87 -24.72 50.33
N ARG F 381 18.11 -25.07 50.63
CA ARG F 381 19.00 -24.17 51.38
C ARG F 381 19.62 -23.03 50.57
N ILE F 382 20.00 -23.35 49.33
CA ILE F 382 20.53 -22.34 48.41
C ILE F 382 19.44 -21.25 48.25
N ALA F 383 18.22 -21.75 48.01
CA ALA F 383 17.02 -20.93 47.86
C ALA F 383 16.82 -20.06 49.11
N GLU F 384 16.96 -20.70 50.25
CA GLU F 384 16.82 -20.01 51.50
C GLU F 384 17.86 -18.92 51.61
N ALA F 385 19.12 -19.24 51.28
CA ALA F 385 20.22 -18.27 51.39
C ALA F 385 19.95 -17.02 50.57
N ALA F 386 19.54 -17.20 49.32
CA ALA F 386 19.24 -16.08 48.43
C ALA F 386 18.13 -15.23 49.04
N TRP F 387 17.12 -15.88 49.58
CA TRP F 387 16.04 -15.15 50.22
C TRP F 387 16.55 -14.33 51.41
N GLN F 388 17.49 -14.92 52.14
CA GLN F 388 18.07 -14.27 53.29
C GLN F 388 18.83 -13.02 52.89
N VAL F 389 19.75 -13.15 51.92
CA VAL F 389 20.50 -11.96 51.50
C VAL F 389 19.62 -10.86 50.93
N ASN F 390 18.60 -11.21 50.15
CA ASN F 390 17.72 -10.19 49.57
C ASN F 390 16.92 -9.46 50.65
N GLU F 391 16.57 -10.16 51.72
CA GLU F 391 15.80 -9.55 52.82
C GLU F 391 16.73 -8.75 53.73
N SER F 392 17.81 -9.38 54.14
CA SER F 392 18.74 -8.72 55.01
C SER F 392 19.46 -7.52 54.36
N THR F 393 19.62 -7.50 53.03
CA THR F 393 20.28 -6.34 52.39
C THR F 393 19.37 -5.70 51.32
N GLU F 394 19.74 -5.80 50.04
CA GLU F 394 18.91 -5.23 48.96
C GLU F 394 18.23 -6.35 48.18
N ASN F 395 16.94 -6.24 47.89
CA ASN F 395 16.27 -7.29 47.11
C ASN F 395 16.53 -7.18 45.60
N ILE F 396 17.07 -8.25 45.00
CA ILE F 396 17.33 -8.22 43.59
C ILE F 396 16.76 -9.42 42.87
N GLY F 397 15.65 -9.93 43.40
CA GLY F 397 14.96 -11.04 42.77
C GLY F 397 15.80 -12.27 42.59
N ALA F 398 15.41 -13.09 41.59
CA ALA F 398 16.07 -14.34 41.27
C ALA F 398 17.55 -14.11 40.98
N ARG F 399 17.85 -12.90 40.57
CA ARG F 399 19.22 -12.53 40.31
C ARG F 399 20.14 -13.02 41.46
N ARG F 400 19.68 -12.87 42.72
CA ARG F 400 20.48 -13.28 43.86
C ARG F 400 20.82 -14.76 43.86
N LEU F 401 20.04 -15.59 43.15
CA LEU F 401 20.33 -17.02 43.15
C LEU F 401 21.62 -17.24 42.40
N HIS F 402 21.84 -16.51 41.31
CA HIS F 402 23.06 -16.71 40.52
C HIS F 402 24.32 -16.42 41.30
N THR F 403 24.34 -15.31 42.03
CA THR F 403 25.52 -14.97 42.80
C THR F 403 25.69 -16.03 43.89
N VAL F 404 24.60 -16.41 44.56
CA VAL F 404 24.71 -17.42 45.62
C VAL F 404 25.23 -18.74 45.08
N LEU F 405 24.48 -19.31 44.15
CA LEU F 405 24.86 -20.57 43.55
C LEU F 405 26.32 -20.48 43.08
N GLU F 406 26.68 -19.34 42.50
CA GLU F 406 28.02 -19.21 42.01
C GLU F 406 29.10 -19.18 43.10
N ARG F 407 28.82 -18.55 44.23
CA ARG F 407 29.83 -18.51 45.29
C ARG F 407 29.92 -19.89 45.93
N LEU F 408 28.79 -20.57 46.03
CA LEU F 408 28.76 -21.90 46.63
C LEU F 408 29.66 -22.91 45.94
N MET F 409 29.65 -22.86 44.62
CA MET F 409 30.41 -23.81 43.82
C MET F 409 31.80 -23.37 43.47
N GLU F 410 32.21 -22.19 43.91
CA GLU F 410 33.54 -21.70 43.55
C GLU F 410 34.68 -22.70 43.78
N GLU F 411 34.59 -23.54 44.81
CA GLU F 411 35.68 -24.48 45.06
C GLU F 411 35.71 -25.71 44.15
N ILE F 412 34.54 -26.27 43.89
CA ILE F 412 34.44 -27.42 43.00
C ILE F 412 34.82 -26.93 41.61
N SER F 413 34.27 -25.78 41.24
CA SER F 413 34.54 -25.20 39.93
C SER F 413 36.03 -25.10 39.64
N TYR F 414 36.82 -24.74 40.65
CA TYR F 414 38.25 -24.61 40.47
C TYR F 414 38.93 -25.98 40.47
N ASP F 415 38.56 -26.84 41.40
CA ASP F 415 39.13 -28.19 41.55
C ASP F 415 38.56 -29.22 40.57
N ALA F 416 37.45 -28.87 39.93
CA ALA F 416 36.78 -29.77 38.99
C ALA F 416 37.69 -30.69 38.17
N SER F 417 38.82 -30.20 37.66
CA SER F 417 39.70 -31.04 36.87
C SER F 417 40.41 -32.09 37.73
N ASP F 418 40.79 -31.70 38.94
CA ASP F 418 41.50 -32.55 39.88
C ASP F 418 40.53 -33.47 40.60
N LEU F 419 39.32 -33.57 40.09
CA LEU F 419 38.32 -34.39 40.75
C LEU F 419 37.69 -35.31 39.76
N SER F 420 38.19 -35.26 38.52
CA SER F 420 37.66 -36.09 37.45
C SER F 420 37.41 -37.49 37.98
N GLY F 421 36.26 -38.05 37.63
CA GLY F 421 35.91 -39.38 38.07
C GLY F 421 35.19 -39.43 39.41
N GLN F 422 34.95 -38.28 40.03
CA GLN F 422 34.27 -38.30 41.31
C GLN F 422 32.78 -37.96 41.23
N ASN F 423 32.05 -38.34 42.28
CA ASN F 423 30.64 -38.06 42.38
C ASN F 423 30.46 -37.12 43.55
N ILE F 424 30.35 -35.83 43.28
CA ILE F 424 30.17 -34.90 44.39
C ILE F 424 28.70 -34.57 44.60
N THR F 425 28.31 -34.58 45.85
CA THR F 425 26.94 -34.29 46.20
C THR F 425 26.85 -32.97 46.96
N ILE F 426 26.12 -32.03 46.38
CA ILE F 426 25.91 -30.73 46.97
C ILE F 426 24.71 -30.94 47.85
N ASP F 427 24.93 -31.23 49.11
CA ASP F 427 23.79 -31.44 49.98
C ASP F 427 23.62 -30.33 51.00
N ALA F 428 22.57 -30.39 51.81
CA ALA F 428 22.34 -29.34 52.78
C ALA F 428 23.58 -29.02 53.61
N ASP F 429 24.32 -30.06 54.00
CA ASP F 429 25.53 -29.89 54.83
C ASP F 429 26.53 -29.02 54.14
N TYR F 430 26.89 -29.46 52.94
CA TYR F 430 27.83 -28.77 52.07
C TYR F 430 27.41 -27.31 51.94
N VAL F 431 26.16 -27.09 51.55
CA VAL F 431 25.65 -25.74 51.40
C VAL F 431 25.91 -24.89 52.62
N SER F 432 25.36 -25.26 53.77
CA SER F 432 25.54 -24.46 55.01
C SER F 432 26.98 -24.08 55.31
N LYS F 433 27.89 -25.03 55.12
CA LYS F 433 29.32 -24.81 55.40
C LYS F 433 29.90 -23.71 54.55
N HIS F 434 29.55 -23.71 53.26
CA HIS F 434 30.04 -22.70 52.32
C HIS F 434 29.33 -21.33 52.41
N LEU F 435 28.02 -21.31 52.61
CA LEU F 435 27.33 -20.03 52.64
C LEU F 435 26.97 -19.38 53.98
N ASP F 436 26.72 -20.16 55.03
CA ASP F 436 26.30 -19.58 56.33
C ASP F 436 27.06 -18.37 56.85
N ALA F 437 28.39 -18.45 56.93
CA ALA F 437 29.16 -17.32 57.38
C ALA F 437 28.90 -16.12 56.47
N LEU F 438 29.08 -16.29 55.15
CA LEU F 438 28.85 -15.19 54.19
C LEU F 438 27.47 -14.53 54.35
N VAL F 439 26.41 -15.33 54.37
CA VAL F 439 25.06 -14.77 54.52
C VAL F 439 24.88 -14.08 55.86
N ALA F 440 25.40 -14.70 56.91
CA ALA F 440 25.29 -14.20 58.29
C ALA F 440 25.86 -12.81 58.43
N ASP F 441 27.06 -12.62 57.90
CA ASP F 441 27.77 -11.34 57.94
C ASP F 441 27.12 -10.38 56.92
N GLU F 442 26.40 -9.38 57.40
CA GLU F 442 25.75 -8.48 56.47
C GLU F 442 26.65 -7.63 55.58
N ASP F 443 27.72 -7.05 56.10
CA ASP F 443 28.59 -6.22 55.25
C ASP F 443 29.27 -7.03 54.15
N LEU F 444 29.66 -8.26 54.49
CA LEU F 444 30.30 -9.16 53.55
C LEU F 444 29.35 -9.50 52.41
N SER F 445 28.06 -9.54 52.75
CA SER F 445 27.02 -9.87 51.81
C SER F 445 26.85 -8.79 50.77
N ARG F 446 27.21 -7.57 51.12
CA ARG F 446 27.03 -6.47 50.18
C ARG F 446 28.17 -6.43 49.17
N PHE F 447 29.24 -7.15 49.46
CA PHE F 447 30.38 -7.23 48.58
C PHE F 447 30.43 -8.56 47.82
N ILE F 448 30.47 -9.62 48.61
CA ILE F 448 30.61 -10.99 48.14
C ILE F 448 29.39 -11.73 47.61
N LEU F 449 28.20 -11.16 47.78
CA LEU F 449 27.00 -11.81 47.25
C LEU F 449 26.07 -10.75 46.68
#